data_7XE2
#
_entry.id   7XE2
#
_cell.length_a   143.582
_cell.length_b   170.082
_cell.length_c   201.107
_cell.angle_alpha   90.00
_cell.angle_beta   90.00
_cell.angle_gamma   90.00
#
_symmetry.space_group_name_H-M   'I 2 2 2'
#
loop_
_entity.id
_entity.type
_entity.pdbx_description
1 polymer 'Lysine-specific histone demethylase 1B'
2 non-polymer 'ZINC ION'
3 non-polymer 'FLAVIN-ADENINE DINUCLEOTIDE'
4 non-polymer 3-(4-bromophenyl)propanal
5 non-polymer 'CITRATE ANION'
6 non-polymer 'TRIETHYLENE GLYCOL'
7 non-polymer GLYCEROL
8 water water
#
_entity_poly.entity_id   1
_entity_poly.type   'polypeptide(L)'
_entity_poly.pdbx_seq_one_letter_code
;AKKKATETTDEDEDGGSEKKYRKCEKAGCTATCPVCFASASERCAKNGYTSRWYHLSCGEHFCNECFDHYYRSHKDGYDK
YTTWKKIWTSNGKTEPSPKAFMADQQLPYWVQCTKPECRKWRQLTKEIQLTPQIAKTYRCGMKPNTAIKPETSDHCSLPE
DLRVLEVSNHWWYSMLILPPLLKDSVAAPLLSAYYPDCVGMSPSCTSTNRAAATGNASPGKLEHSKAALSVHVPGMNRYF
QPFYQPNECGKALCVRPDVMELDELYEFPEYSRDPTMYLALRNLILALWYTNCKEALTPQKCIPHIIVRGLVRIRCVQEV
ERILYFMTRKGLINTGVLSVGADQYLLPKDYHNKSVIIIGAGPAGLAAARQLHNFGIKVTVLEAKDRIGGRVWDDKSFKG
VTVGRGAQIVNGCINNPVALMCEQLGISMHKFGERCDLIQEGGRITDPTIDKRMDFHFNALLDVVSEWRKDKTQLQDVPL
GEKIEEIYKAFIKESGIQFSELEGQVLQFHLSNLEYACGSNLHQVSARSWDHNEFFAQFAGDHTLLTPGYSVIIEKLAEG
LDIQLKSPVQCIDYSGDEVQVTTTDGTGYSAQKVLVTVPLALLQKGAIQFNPPLSEKKMKAINSLGAGIIEKIALQFPYR
FWDSKVQGADFFGHVPPSASKRGLFAVFYDMDPQKKHSVLMSVIAGEAVASVRTLDDKQVLQQCMATLRELFKEQEVPDP
TKYFVTRWSTDPWIQMAYSFVKTGGSGEAYDIIAEDIQGTVFFAGEATNRHFPQTVTGAYLSGVREASKIAAF
;
_entity_poly.pdbx_strand_id   A,B
#
loop_
_chem_comp.id
_chem_comp.type
_chem_comp.name
_chem_comp.formula
DIJ non-polymer 3-(4-bromophenyl)propanal 'C9 H9 Br O'
FAD non-polymer 'FLAVIN-ADENINE DINUCLEOTIDE' 'C27 H33 N9 O15 P2'
FLC non-polymer 'CITRATE ANION' 'C6 H5 O7 -3'
GOL non-polymer GLYCEROL 'C3 H8 O3'
PGE non-polymer 'TRIETHYLENE GLYCOL' 'C6 H14 O4'
ZN non-polymer 'ZINC ION' 'Zn 2'
#
# COMPACT_ATOMS: atom_id res chain seq x y z
N GLU A 18 -5.00 -28.08 -44.63
CA GLU A 18 -5.31 -27.23 -43.49
C GLU A 18 -4.86 -25.78 -43.73
N LYS A 19 -5.35 -24.88 -42.90
CA LYS A 19 -5.04 -23.45 -42.98
C LYS A 19 -3.96 -23.09 -41.96
N LYS A 20 -2.98 -22.28 -42.39
CA LYS A 20 -1.85 -21.89 -41.58
C LYS A 20 -1.94 -20.40 -41.25
N TYR A 21 -1.31 -20.03 -40.13
CA TYR A 21 -1.36 -18.67 -39.60
C TYR A 21 0.03 -18.15 -39.31
N ARG A 22 0.23 -16.87 -39.62
CA ARG A 22 1.46 -16.18 -39.29
C ARG A 22 1.44 -15.68 -37.84
N LYS A 23 0.28 -15.24 -37.38
CA LYS A 23 0.14 -14.54 -36.11
C LYS A 23 -0.13 -15.49 -34.95
N CYS A 24 0.08 -14.98 -33.75
CA CYS A 24 -0.22 -15.73 -32.54
C CYS A 24 -1.72 -16.00 -32.43
N GLU A 25 -2.05 -17.15 -31.84
CA GLU A 25 -3.41 -17.49 -31.48
C GLU A 25 -4.10 -16.46 -30.58
N LYS A 26 -3.35 -15.65 -29.83
CA LYS A 26 -3.94 -14.81 -28.78
C LYS A 26 -4.19 -13.41 -29.30
N ALA A 27 -5.45 -13.00 -29.30
CA ALA A 27 -5.83 -11.62 -29.60
C ALA A 27 -5.04 -10.65 -28.72
N GLY A 28 -4.39 -9.69 -29.37
CA GLY A 28 -3.70 -8.65 -28.62
C GLY A 28 -2.26 -8.95 -28.27
N CYS A 29 -1.76 -10.14 -28.62
CA CYS A 29 -0.36 -10.45 -28.34
C CYS A 29 0.57 -9.49 -29.07
N THR A 30 1.64 -9.07 -28.41
CA THR A 30 2.49 -8.05 -29.02
C THR A 30 3.53 -8.60 -29.98
N ALA A 31 3.73 -9.92 -30.04
CA ALA A 31 4.74 -10.47 -30.95
C ALA A 31 4.23 -10.37 -32.38
N THR A 32 4.83 -9.46 -33.17
CA THR A 32 4.41 -9.37 -34.56
C THR A 32 4.85 -10.59 -35.36
N CYS A 33 5.99 -11.18 -34.99
CA CYS A 33 6.51 -12.37 -35.68
C CYS A 33 6.83 -13.45 -34.65
N PRO A 34 5.86 -14.31 -34.32
CA PRO A 34 6.15 -15.42 -33.41
C PRO A 34 7.15 -16.36 -34.04
N VAL A 35 8.11 -16.81 -33.24
CA VAL A 35 9.07 -17.82 -33.66
C VAL A 35 8.96 -18.98 -32.68
N CYS A 36 9.27 -20.19 -33.14
CA CYS A 36 9.18 -21.34 -32.24
C CYS A 36 10.46 -21.47 -31.42
N PHE A 37 10.34 -21.48 -30.10
CA PHE A 37 11.49 -21.75 -29.25
C PHE A 37 11.80 -23.24 -29.13
N ALA A 38 10.86 -24.12 -29.44
CA ALA A 38 11.07 -25.53 -29.12
C ALA A 38 11.97 -26.19 -30.15
N SER A 39 11.67 -25.97 -31.44
CA SER A 39 12.29 -26.65 -32.57
C SER A 39 12.58 -28.11 -32.24
N ALA A 40 11.51 -28.78 -31.78
CA ALA A 40 11.58 -30.20 -31.41
C ALA A 40 11.22 -31.10 -32.58
N SER A 41 10.23 -30.71 -33.37
CA SER A 41 9.83 -31.49 -34.53
C SER A 41 10.76 -31.21 -35.71
N GLU A 42 10.92 -32.23 -36.56
CA GLU A 42 11.61 -32.03 -37.83
C GLU A 42 10.84 -31.07 -38.74
N ARG A 43 9.53 -30.93 -38.53
CA ARG A 43 8.71 -30.02 -39.31
C ARG A 43 8.38 -28.74 -38.56
N CYS A 44 9.20 -28.37 -37.57
CA CYS A 44 8.99 -27.13 -36.81
C CYS A 44 8.82 -25.96 -37.75
N ALA A 45 7.77 -25.17 -37.53
CA ALA A 45 7.52 -24.04 -38.43
C ALA A 45 8.54 -22.92 -38.29
N LYS A 46 9.43 -22.98 -37.29
CA LYS A 46 10.54 -22.04 -37.16
C LYS A 46 10.05 -20.62 -36.94
N ASN A 47 9.99 -19.81 -38.01
CA ASN A 47 9.47 -18.45 -37.91
C ASN A 47 8.36 -18.17 -38.91
N GLY A 48 7.80 -19.19 -39.53
CA GLY A 48 6.82 -18.96 -40.57
C GLY A 48 5.39 -19.26 -40.16
N TYR A 49 4.71 -20.03 -40.99
CA TYR A 49 3.30 -20.35 -40.87
C TYR A 49 3.12 -21.70 -40.20
N THR A 50 2.05 -21.81 -39.41
CA THR A 50 1.66 -23.05 -38.77
C THR A 50 0.16 -23.02 -38.54
N SER A 51 -0.43 -24.20 -38.31
CA SER A 51 -1.87 -24.25 -38.10
C SER A 51 -2.28 -23.50 -36.83
N ARG A 52 -1.43 -23.45 -35.81
CA ARG A 52 -1.67 -22.62 -34.63
C ARG A 52 -0.34 -22.29 -33.95
N TRP A 53 -0.16 -21.00 -33.65
CA TRP A 53 0.97 -20.53 -32.85
C TRP A 53 0.53 -20.51 -31.37
N TYR A 54 1.08 -21.40 -30.56
CA TYR A 54 0.67 -21.50 -29.18
C TYR A 54 1.40 -20.47 -28.34
N HIS A 55 0.63 -19.70 -27.55
CA HIS A 55 1.15 -18.58 -26.77
C HIS A 55 1.44 -19.00 -25.33
N LEU A 56 2.70 -18.88 -24.90
CA LEU A 56 3.07 -18.92 -23.50
C LEU A 56 3.20 -17.53 -22.89
N SER A 57 3.85 -16.60 -23.61
CA SER A 57 3.99 -15.21 -23.22
C SER A 57 4.09 -14.38 -24.49
N CYS A 58 4.08 -13.07 -24.33
CA CYS A 58 4.25 -12.19 -25.50
C CYS A 58 5.57 -12.43 -26.22
N GLY A 59 6.56 -13.05 -25.56
CA GLY A 59 7.83 -13.28 -26.21
C GLY A 59 8.10 -14.73 -26.57
N GLU A 60 7.18 -15.64 -26.26
CA GLU A 60 7.47 -17.08 -26.34
C GLU A 60 6.30 -17.83 -26.93
N HIS A 61 6.55 -18.54 -28.04
CA HIS A 61 5.52 -19.26 -28.77
C HIS A 61 6.12 -20.57 -29.26
N PHE A 62 5.26 -21.54 -29.53
CA PHE A 62 5.70 -22.76 -30.19
C PHE A 62 4.64 -23.20 -31.20
N CYS A 63 5.11 -23.83 -32.28
CA CYS A 63 4.28 -24.15 -33.43
C CYS A 63 3.47 -25.42 -33.18
N ASN A 64 2.46 -25.64 -34.03
CA ASN A 64 1.61 -26.81 -33.84
C ASN A 64 2.39 -28.10 -34.10
N GLU A 65 3.40 -28.05 -34.96
CA GLU A 65 4.16 -29.26 -35.23
C GLU A 65 4.93 -29.69 -33.98
N CYS A 66 5.47 -28.73 -33.23
CA CYS A 66 6.15 -29.11 -31.99
C CYS A 66 5.17 -29.45 -30.89
N PHE A 67 4.00 -28.82 -30.86
CA PHE A 67 2.91 -29.27 -29.99
C PHE A 67 2.64 -30.76 -30.19
N ASP A 68 2.38 -31.16 -31.44
CA ASP A 68 2.08 -32.55 -31.72
C ASP A 68 3.26 -33.46 -31.44
N HIS A 69 4.49 -32.97 -31.67
CA HIS A 69 5.70 -33.76 -31.39
C HIS A 69 5.63 -34.43 -30.03
N TYR A 70 5.12 -33.72 -29.02
CA TYR A 70 4.98 -34.24 -27.66
C TYR A 70 3.60 -34.80 -27.37
N TYR A 71 2.55 -34.21 -27.95
CA TYR A 71 1.18 -34.55 -27.57
C TYR A 71 0.69 -35.83 -28.24
N ARG A 72 0.92 -35.99 -29.54
CA ARG A 72 0.30 -37.09 -30.29
C ARG A 72 1.02 -38.41 -30.03
N SER A 73 0.24 -39.48 -29.88
CA SER A 73 0.78 -40.75 -29.42
C SER A 73 1.76 -41.39 -30.39
N HIS A 74 1.77 -40.97 -31.66
CA HIS A 74 2.66 -41.56 -32.64
C HIS A 74 3.90 -40.72 -32.92
N LYS A 75 4.15 -39.69 -32.12
CA LYS A 75 5.28 -38.80 -32.35
C LYS A 75 6.41 -39.09 -31.35
N ASP A 76 7.60 -38.61 -31.70
CA ASP A 76 8.80 -39.03 -30.98
C ASP A 76 8.87 -38.46 -29.56
N GLY A 77 8.31 -37.27 -29.34
CA GLY A 77 8.37 -36.70 -28.01
C GLY A 77 7.36 -37.24 -27.02
N TYR A 78 6.53 -38.19 -27.46
CA TYR A 78 5.39 -38.62 -26.67
C TYR A 78 5.81 -39.32 -25.38
N ASP A 79 6.87 -40.15 -25.44
CA ASP A 79 7.27 -40.85 -24.22
C ASP A 79 7.78 -39.87 -23.17
N LYS A 80 8.52 -38.84 -23.59
CA LYS A 80 9.00 -37.85 -22.64
C LYS A 80 7.84 -37.05 -22.05
N TYR A 81 6.85 -36.70 -22.88
CA TYR A 81 5.71 -35.92 -22.39
C TYR A 81 4.85 -36.75 -21.45
N THR A 82 4.66 -38.03 -21.77
CA THR A 82 3.80 -38.89 -20.98
C THR A 82 4.44 -39.22 -19.63
N THR A 83 5.76 -39.38 -19.62
CA THR A 83 6.48 -39.63 -18.37
C THR A 83 6.43 -38.40 -17.47
N TRP A 84 6.68 -37.22 -18.04
CA TRP A 84 6.50 -35.98 -17.29
C TRP A 84 5.08 -35.90 -16.72
N LYS A 85 4.10 -36.20 -17.56
CA LYS A 85 2.69 -36.08 -17.19
C LYS A 85 2.36 -36.87 -15.93
N LYS A 86 2.85 -38.11 -15.84
CA LYS A 86 2.55 -38.94 -14.67
C LYS A 86 3.16 -38.35 -13.40
N ILE A 87 4.36 -37.78 -13.49
CA ILE A 87 4.99 -37.18 -12.32
C ILE A 87 4.29 -35.89 -11.92
N TRP A 88 3.90 -35.08 -12.91
CA TRP A 88 3.20 -33.83 -12.66
C TRP A 88 1.90 -34.05 -11.89
N THR A 89 1.10 -35.02 -12.31
CA THR A 89 -0.23 -35.18 -11.76
C THR A 89 -0.23 -35.89 -10.40
N SER A 90 0.80 -36.69 -10.13
CA SER A 90 0.85 -37.31 -8.79
C SER A 90 1.42 -36.36 -7.75
N ASN A 91 2.26 -35.39 -8.15
CA ASN A 91 2.92 -34.51 -7.21
C ASN A 91 2.23 -33.16 -7.04
N GLY A 92 1.44 -32.70 -8.00
CA GLY A 92 0.87 -31.36 -7.97
C GLY A 92 -0.63 -31.36 -8.20
N LYS A 93 -1.21 -30.17 -8.09
CA LYS A 93 -2.61 -29.94 -8.37
C LYS A 93 -2.82 -29.11 -9.64
N THR A 94 -1.78 -28.91 -10.44
CA THR A 94 -1.85 -28.14 -11.68
C THR A 94 -2.06 -29.08 -12.86
N GLU A 95 -2.96 -28.70 -13.76
CA GLU A 95 -3.27 -29.57 -14.88
C GLU A 95 -2.04 -29.81 -15.76
N PRO A 96 -1.87 -31.01 -16.29
CA PRO A 96 -0.88 -31.20 -17.35
C PRO A 96 -1.40 -30.65 -18.67
N SER A 97 -0.47 -30.15 -19.47
CA SER A 97 -0.77 -29.70 -20.81
C SER A 97 0.53 -29.59 -21.56
N PRO A 98 0.50 -29.60 -22.90
CA PRO A 98 1.70 -29.25 -23.66
C PRO A 98 2.30 -27.91 -23.25
N LYS A 99 1.46 -26.88 -23.00
CA LYS A 99 1.99 -25.58 -22.57
C LYS A 99 2.72 -25.68 -21.24
N ALA A 100 2.10 -26.32 -20.25
CA ALA A 100 2.77 -26.49 -18.96
C ALA A 100 4.09 -27.27 -19.11
N PHE A 101 4.06 -28.34 -19.90
CA PHE A 101 5.28 -29.08 -20.22
C PHE A 101 6.36 -28.18 -20.82
N MET A 102 6.00 -27.41 -21.86
CA MET A 102 6.99 -26.53 -22.48
C MET A 102 7.61 -25.58 -21.45
N ALA A 103 6.78 -24.99 -20.59
CA ALA A 103 7.26 -23.99 -19.64
C ALA A 103 8.14 -24.62 -18.56
N ASP A 104 7.87 -25.89 -18.21
CA ASP A 104 8.62 -26.58 -17.17
C ASP A 104 9.84 -27.31 -17.71
N GLN A 105 9.84 -27.71 -18.99
CA GLN A 105 10.88 -28.63 -19.48
C GLN A 105 11.66 -28.16 -20.70
N GLN A 106 11.12 -27.25 -21.52
CA GLN A 106 11.73 -27.02 -22.82
C GLN A 106 12.09 -25.56 -23.08
N LEU A 107 11.34 -24.63 -22.51
CA LEU A 107 11.59 -23.21 -22.69
C LEU A 107 13.02 -22.86 -22.27
N PRO A 108 13.76 -22.12 -23.07
CA PRO A 108 15.15 -21.79 -22.72
C PRO A 108 15.25 -20.90 -21.48
N TYR A 109 16.42 -20.97 -20.84
CA TYR A 109 16.70 -20.15 -19.66
C TYR A 109 17.29 -18.81 -20.07
N TRP A 110 17.09 -17.81 -19.20
CA TRP A 110 17.65 -16.48 -19.33
C TRP A 110 18.45 -16.14 -18.09
N VAL A 111 19.58 -15.46 -18.28
CA VAL A 111 20.52 -15.22 -17.18
C VAL A 111 21.16 -13.85 -17.37
N GLN A 112 21.52 -13.23 -16.26
CA GLN A 112 22.15 -11.91 -16.27
C GLN A 112 23.66 -12.02 -16.26
N CYS A 113 24.30 -11.20 -17.09
CA CYS A 113 25.74 -10.99 -16.97
C CYS A 113 26.08 -10.56 -15.55
N THR A 114 27.13 -11.16 -15.00
CA THR A 114 27.56 -10.86 -13.64
C THR A 114 28.65 -9.80 -13.60
N LYS A 115 29.00 -9.22 -14.73
CA LYS A 115 29.86 -8.05 -14.73
C LYS A 115 29.06 -6.89 -14.15
N PRO A 116 29.48 -6.28 -13.04
CA PRO A 116 28.58 -5.35 -12.33
C PRO A 116 28.16 -4.13 -13.14
N GLU A 117 29.00 -3.64 -14.05
CA GLU A 117 28.60 -2.52 -14.89
C GLU A 117 27.74 -2.95 -16.08
N CYS A 118 27.44 -4.23 -16.22
CA CYS A 118 26.70 -4.72 -17.38
C CYS A 118 25.32 -5.24 -16.99
N ARG A 119 25.25 -6.43 -16.39
CA ARG A 119 24.02 -6.99 -15.85
C ARG A 119 22.98 -7.24 -16.94
N LYS A 120 23.37 -7.30 -18.21
CA LYS A 120 22.39 -7.51 -19.27
C LYS A 120 21.85 -8.94 -19.25
N TRP A 121 20.57 -9.08 -19.59
CA TRP A 121 19.93 -10.39 -19.73
C TRP A 121 20.28 -11.05 -21.06
N ARG A 122 20.60 -12.34 -21.01
CA ARG A 122 20.96 -13.12 -22.19
C ARG A 122 20.23 -14.46 -22.21
N GLN A 123 19.79 -14.88 -23.38
CA GLN A 123 19.17 -16.19 -23.53
C GLN A 123 20.23 -17.25 -23.71
N LEU A 124 20.19 -18.32 -22.91
CA LEU A 124 21.09 -19.45 -23.11
C LEU A 124 20.51 -20.40 -24.15
N THR A 125 21.40 -21.14 -24.82
CA THR A 125 20.95 -22.12 -25.80
C THR A 125 20.14 -23.22 -25.12
N LYS A 126 19.29 -23.90 -25.91
CA LYS A 126 18.14 -24.58 -25.33
C LYS A 126 18.50 -25.83 -24.55
N GLU A 127 19.72 -26.36 -24.66
CA GLU A 127 20.13 -27.55 -23.92
C GLU A 127 20.92 -27.20 -22.67
N ILE A 128 21.21 -25.93 -22.44
CA ILE A 128 21.94 -25.50 -21.25
C ILE A 128 20.97 -25.43 -20.08
N GLN A 129 21.25 -26.21 -19.04
CA GLN A 129 20.47 -26.18 -17.80
C GLN A 129 21.06 -25.10 -16.90
N LEU A 130 20.26 -24.09 -16.59
CA LEU A 130 20.71 -23.04 -15.67
C LEU A 130 20.90 -23.62 -14.27
N THR A 131 22.05 -23.34 -13.67
CA THR A 131 22.37 -23.69 -12.30
C THR A 131 22.70 -22.44 -11.51
N PRO A 132 22.69 -22.51 -10.16
CA PRO A 132 23.20 -21.39 -9.36
C PRO A 132 24.62 -20.99 -9.76
N GLN A 133 25.50 -21.97 -10.02
CA GLN A 133 26.87 -21.66 -10.38
C GLN A 133 26.95 -20.82 -11.67
N ILE A 134 26.12 -21.13 -12.66
CA ILE A 134 26.13 -20.32 -13.88
C ILE A 134 25.60 -18.92 -13.59
N ALA A 135 24.51 -18.83 -12.83
CA ALA A 135 23.97 -17.53 -12.47
C ALA A 135 24.97 -16.68 -11.70
N LYS A 136 25.90 -17.31 -10.97
CA LYS A 136 26.91 -16.57 -10.22
C LYS A 136 28.11 -16.16 -11.07
N THR A 137 28.36 -16.83 -12.19
CA THR A 137 29.57 -16.60 -12.98
C THR A 137 29.32 -16.18 -14.43
N TYR A 138 28.08 -15.97 -14.85
CA TYR A 138 27.82 -15.78 -16.27
C TYR A 138 28.33 -14.41 -16.74
N ARG A 139 28.89 -14.40 -17.94
CA ARG A 139 29.33 -13.17 -18.59
C ARG A 139 28.95 -13.24 -20.06
N CYS A 140 28.45 -12.12 -20.59
CA CYS A 140 28.07 -12.01 -22.00
C CYS A 140 29.12 -12.62 -22.90
N GLY A 141 28.66 -13.49 -23.81
CA GLY A 141 29.54 -14.06 -24.82
C GLY A 141 30.38 -15.24 -24.37
N MET A 142 30.34 -15.61 -23.09
CA MET A 142 31.13 -16.75 -22.59
C MET A 142 30.25 -18.00 -22.58
N LYS A 143 30.87 -19.13 -22.91
CA LYS A 143 30.20 -20.42 -22.82
C LYS A 143 29.77 -20.64 -21.36
N PRO A 144 28.52 -21.03 -21.12
CA PRO A 144 28.07 -21.21 -19.73
C PRO A 144 28.81 -22.33 -19.01
N ASN A 145 29.15 -22.07 -17.72
CA ASN A 145 29.93 -22.94 -16.83
C ASN A 145 31.42 -22.95 -17.17
N THR A 146 31.93 -21.84 -17.70
CA THR A 146 33.30 -21.79 -18.24
C THR A 146 34.34 -21.34 -17.21
N GLU A 151 37.51 -14.15 -21.23
CA GLU A 151 37.90 -13.50 -22.48
C GLU A 151 38.00 -11.99 -22.30
N THR A 152 37.36 -11.22 -23.19
CA THR A 152 37.30 -9.77 -23.05
C THR A 152 35.93 -9.34 -22.52
N SER A 153 35.44 -8.19 -23.01
CA SER A 153 34.09 -7.75 -22.66
C SER A 153 33.42 -7.07 -23.85
N ASP A 154 33.84 -7.42 -25.07
CA ASP A 154 33.24 -6.81 -26.26
C ASP A 154 31.79 -7.22 -26.44
N HIS A 155 31.42 -8.44 -26.01
CA HIS A 155 30.06 -8.92 -26.14
C HIS A 155 29.09 -8.25 -25.18
N CYS A 156 29.59 -7.62 -24.11
CA CYS A 156 28.68 -6.94 -23.18
C CYS A 156 27.98 -5.76 -23.85
N SER A 157 28.64 -5.12 -24.80
CA SER A 157 28.06 -3.92 -25.41
C SER A 157 26.85 -4.24 -26.29
N LEU A 158 26.66 -5.50 -26.67
CA LEU A 158 25.59 -5.82 -27.59
C LEU A 158 24.25 -5.57 -26.90
N PRO A 159 23.26 -5.06 -27.64
CA PRO A 159 21.94 -4.83 -27.04
C PRO A 159 21.28 -6.12 -26.55
N GLU A 160 20.45 -6.00 -25.53
CA GLU A 160 19.59 -7.09 -25.11
C GLU A 160 18.52 -7.37 -26.15
N ASP A 161 18.16 -8.65 -26.24
CA ASP A 161 16.96 -9.06 -26.98
C ASP A 161 15.80 -8.15 -26.61
N LEU A 162 15.08 -7.68 -27.63
CA LEU A 162 14.00 -6.70 -27.41
C LEU A 162 12.92 -7.23 -26.46
N ARG A 163 12.75 -8.55 -26.41
CA ARG A 163 11.74 -9.11 -25.52
C ARG A 163 12.04 -8.88 -24.05
N VAL A 164 13.28 -8.58 -23.70
CA VAL A 164 13.65 -8.40 -22.27
C VAL A 164 12.95 -7.18 -21.69
N LEU A 165 13.01 -6.05 -22.39
CA LEU A 165 12.39 -4.83 -21.88
C LEU A 165 10.89 -5.00 -21.72
N GLU A 166 10.26 -5.81 -22.57
CA GLU A 166 8.81 -6.03 -22.46
C GLU A 166 8.44 -6.54 -21.07
N VAL A 167 9.29 -7.39 -20.49
CA VAL A 167 8.96 -8.08 -19.24
C VAL A 167 8.73 -7.10 -18.09
N SER A 168 9.30 -5.92 -18.17
CA SER A 168 9.17 -5.04 -16.99
C SER A 168 7.79 -4.38 -16.90
N ASN A 169 6.96 -4.50 -17.93
CA ASN A 169 5.61 -3.92 -17.90
C ASN A 169 4.63 -4.86 -17.24
N HIS A 170 3.63 -4.27 -16.58
CA HIS A 170 2.60 -5.11 -15.97
C HIS A 170 1.81 -5.86 -17.02
N TRP A 171 1.57 -5.24 -18.17
CA TRP A 171 0.79 -5.93 -19.18
C TRP A 171 1.47 -7.21 -19.65
N TRP A 172 2.80 -7.32 -19.49
CA TRP A 172 3.46 -8.57 -19.87
C TRP A 172 3.00 -9.69 -18.97
N TYR A 173 2.91 -9.42 -17.67
CA TYR A 173 2.43 -10.42 -16.71
C TYR A 173 0.98 -10.79 -17.01
N SER A 174 0.13 -9.79 -17.30
CA SER A 174 -1.24 -10.06 -17.73
C SER A 174 -1.30 -11.08 -18.86
N MET A 175 -0.36 -11.03 -19.80
CA MET A 175 -0.40 -11.88 -20.98
C MET A 175 0.32 -13.20 -20.80
N LEU A 176 0.89 -13.44 -19.63
CA LEU A 176 1.60 -14.69 -19.34
C LEU A 176 0.57 -15.73 -18.95
N ILE A 177 0.49 -16.84 -19.70
CA ILE A 177 -0.68 -17.67 -19.53
C ILE A 177 -0.60 -18.56 -18.27
N LEU A 178 0.60 -18.94 -17.83
CA LEU A 178 0.75 -19.80 -16.66
C LEU A 178 1.69 -19.17 -15.66
N PRO A 179 1.42 -19.32 -14.35
CA PRO A 179 2.36 -18.78 -13.37
C PRO A 179 3.68 -19.53 -13.43
N PRO A 180 4.79 -18.86 -13.16
CA PRO A 180 6.08 -19.57 -13.08
C PRO A 180 6.07 -20.54 -11.91
N LEU A 181 6.88 -21.59 -12.03
CA LEU A 181 7.07 -22.55 -10.95
C LEU A 181 8.57 -22.74 -10.74
N LEU A 182 9.05 -22.43 -9.54
CA LEU A 182 10.47 -22.43 -9.24
C LEU A 182 11.00 -23.85 -9.08
N LYS A 183 12.26 -24.04 -9.47
CA LYS A 183 12.95 -25.32 -9.32
C LYS A 183 13.96 -25.27 -8.18
N ASP A 184 14.11 -26.38 -7.47
CA ASP A 184 15.10 -26.52 -6.40
C ASP A 184 15.09 -25.34 -5.42
N SER A 185 13.91 -24.83 -5.10
CA SER A 185 13.84 -23.75 -4.13
C SER A 185 14.42 -24.17 -2.79
N VAL A 186 15.26 -23.31 -2.20
CA VAL A 186 15.79 -23.54 -0.86
C VAL A 186 14.67 -23.67 0.18
N ALA A 187 13.47 -23.16 -0.11
CA ALA A 187 12.34 -23.34 0.80
C ALA A 187 11.71 -24.74 0.71
N ALA A 188 11.99 -25.50 -0.35
CA ALA A 188 11.29 -26.77 -0.56
C ALA A 188 11.42 -27.76 0.60
N PRO A 189 12.58 -27.98 1.23
CA PRO A 189 12.63 -28.97 2.33
C PRO A 189 11.72 -28.63 3.50
N LEU A 190 11.38 -27.35 3.68
CA LEU A 190 10.48 -26.93 4.74
C LEU A 190 9.00 -27.04 4.37
N LEU A 191 8.68 -27.35 3.10
CA LEU A 191 7.31 -27.22 2.61
C LEU A 191 6.79 -28.55 2.04
N SER A 192 7.33 -29.68 2.51
CA SER A 192 6.95 -30.97 1.93
C SER A 192 5.51 -31.37 2.25
N ALA A 193 4.87 -30.74 3.23
CA ALA A 193 3.46 -31.04 3.48
C ALA A 193 2.52 -30.37 2.47
N TYR A 194 3.02 -29.50 1.61
CA TYR A 194 2.19 -28.78 0.65
C TYR A 194 2.38 -29.34 -0.75
N TYR A 195 1.34 -29.30 -1.55
CA TYR A 195 1.53 -29.49 -2.97
C TYR A 195 2.48 -28.42 -3.47
N PRO A 196 3.56 -28.79 -4.18
CA PRO A 196 4.58 -27.79 -4.52
C PRO A 196 4.04 -26.63 -5.34
N ASP A 197 3.14 -26.89 -6.31
CA ASP A 197 2.64 -25.80 -7.14
C ASP A 197 1.78 -24.83 -6.34
N CYS A 198 1.17 -25.29 -5.23
CA CYS A 198 0.41 -24.40 -4.38
C CYS A 198 1.29 -23.38 -3.66
N VAL A 199 2.59 -23.65 -3.54
CA VAL A 199 3.53 -22.67 -3.02
C VAL A 199 4.50 -22.21 -4.11
N GLY A 200 4.11 -22.34 -5.38
CA GLY A 200 4.89 -21.78 -6.47
C GLY A 200 6.14 -22.55 -6.87
N MET A 201 6.21 -23.84 -6.56
CA MET A 201 7.35 -24.70 -6.87
C MET A 201 6.92 -25.76 -7.87
N SER A 202 7.86 -26.21 -8.69
CA SER A 202 7.52 -27.14 -9.77
C SER A 202 7.24 -28.53 -9.25
N PRO A 203 6.10 -29.13 -9.60
CA PRO A 203 5.83 -30.53 -9.19
C PRO A 203 6.78 -31.55 -9.80
N SER A 204 7.51 -31.21 -10.86
CA SER A 204 8.41 -32.18 -11.45
C SER A 204 9.79 -32.17 -10.81
N CYS A 205 10.05 -31.23 -9.91
CA CYS A 205 11.38 -31.11 -9.35
CA CYS A 205 11.37 -31.11 -9.31
C CYS A 205 11.63 -32.26 -8.37
N THR A 206 12.72 -32.99 -8.61
CA THR A 206 13.00 -34.17 -7.79
C THR A 206 13.59 -33.82 -6.43
N SER A 207 14.25 -32.67 -6.29
CA SER A 207 14.69 -32.24 -4.97
C SER A 207 13.59 -31.53 -4.20
N THR A 208 12.70 -30.80 -4.89
CA THR A 208 11.50 -30.26 -4.25
C THR A 208 10.62 -31.38 -3.67
N ASN A 209 10.42 -32.46 -4.44
CA ASN A 209 9.55 -33.56 -4.07
C ASN A 209 10.31 -34.71 -3.43
N ARG A 210 11.40 -34.42 -2.72
CA ARG A 210 12.23 -35.45 -2.11
C ARG A 210 11.81 -35.75 -0.67
N HIS A 232 12.88 -29.91 9.38
CA HIS A 232 14.18 -29.44 9.86
C HIS A 232 15.25 -29.55 8.79
N VAL A 233 15.52 -28.42 8.12
CA VAL A 233 16.68 -28.29 7.23
C VAL A 233 17.93 -28.49 8.08
N PRO A 234 18.78 -29.47 7.77
CA PRO A 234 19.95 -29.73 8.62
C PRO A 234 20.83 -28.49 8.73
N GLY A 235 21.30 -28.22 9.95
CA GLY A 235 22.07 -27.03 10.21
C GLY A 235 21.29 -25.75 10.41
N MET A 236 19.96 -25.74 10.18
CA MET A 236 19.17 -24.56 10.53
C MET A 236 18.79 -24.59 12.00
N ASN A 237 18.92 -23.43 12.66
CA ASN A 237 18.56 -23.32 14.06
C ASN A 237 17.15 -23.86 14.28
N ARG A 238 17.01 -24.74 15.28
CA ARG A 238 15.72 -25.37 15.55
C ARG A 238 14.68 -24.40 16.12
N TYR A 239 15.08 -23.21 16.55
CA TYR A 239 14.12 -22.17 16.85
C TYR A 239 13.57 -21.46 15.61
N PHE A 240 14.08 -21.74 14.40
CA PHE A 240 13.57 -21.05 13.20
C PHE A 240 12.52 -21.94 12.55
N GLN A 241 11.24 -21.61 12.70
CA GLN A 241 10.15 -22.36 12.09
C GLN A 241 9.27 -21.36 11.34
N PRO A 242 9.79 -20.79 10.26
CA PRO A 242 9.11 -19.65 9.63
C PRO A 242 7.73 -19.96 9.05
N PHE A 243 7.43 -21.22 8.71
CA PHE A 243 6.22 -21.56 7.98
C PHE A 243 5.25 -22.34 8.84
N TYR A 244 3.99 -21.93 8.80
CA TYR A 244 2.91 -22.77 9.32
C TYR A 244 2.84 -24.06 8.52
N GLN A 245 2.62 -25.17 9.22
CA GLN A 245 2.18 -26.39 8.57
C GLN A 245 0.70 -26.25 8.18
N PRO A 246 0.21 -27.07 7.26
CA PRO A 246 -1.14 -26.83 6.75
C PRO A 246 -2.18 -27.00 7.86
N ASN A 247 -3.15 -26.07 7.88
CA ASN A 247 -4.20 -25.98 8.91
C ASN A 247 -3.64 -25.67 10.30
N GLU A 248 -2.41 -25.20 10.40
CA GLU A 248 -1.84 -24.90 11.70
C GLU A 248 -2.08 -23.43 12.04
N CYS A 249 -2.26 -23.16 13.33
CA CYS A 249 -2.33 -21.78 13.79
C CYS A 249 -1.74 -21.71 15.18
N GLY A 250 -1.84 -20.53 15.80
CA GLY A 250 -1.44 -20.38 17.19
C GLY A 250 0.04 -20.37 17.42
N LYS A 251 0.84 -19.94 16.44
CA LYS A 251 2.29 -19.93 16.60
C LYS A 251 2.81 -18.58 16.15
N ALA A 252 3.28 -17.77 17.11
CA ALA A 252 3.70 -16.40 16.79
C ALA A 252 4.76 -16.36 15.71
N LEU A 253 4.57 -15.44 14.77
CA LEU A 253 5.47 -15.07 13.69
C LEU A 253 5.66 -16.17 12.63
N CYS A 254 4.88 -17.25 12.65
CA CYS A 254 4.84 -18.12 11.48
C CYS A 254 4.04 -17.43 10.39
N VAL A 255 4.35 -17.76 9.14
CA VAL A 255 3.57 -17.26 8.01
C VAL A 255 3.04 -18.46 7.22
N ARG A 256 1.85 -18.31 6.68
CA ARG A 256 1.29 -19.34 5.79
C ARG A 256 2.04 -19.33 4.47
N PRO A 257 2.71 -20.42 4.08
CA PRO A 257 3.45 -20.41 2.81
C PRO A 257 2.54 -20.40 1.59
N ASP A 258 1.23 -20.61 1.76
CA ASP A 258 0.30 -20.77 0.65
C ASP A 258 -0.72 -19.65 0.55
N VAL A 259 -0.66 -18.64 1.42
CA VAL A 259 -1.63 -17.55 1.47
C VAL A 259 -0.89 -16.25 1.76
N MET A 260 -1.18 -15.21 0.96
CA MET A 260 -0.58 -13.90 1.21
C MET A 260 -1.28 -13.22 2.38
N GLU A 261 -0.51 -12.43 3.13
CA GLU A 261 -1.11 -11.61 4.18
C GLU A 261 -1.63 -10.30 3.60
N LEU A 262 -2.50 -9.65 4.38
CA LEU A 262 -3.14 -8.42 3.89
C LEU A 262 -2.12 -7.34 3.56
N ASP A 263 -1.09 -7.14 4.41
CA ASP A 263 -0.16 -6.08 4.05
C ASP A 263 0.64 -6.43 2.80
N GLU A 264 0.85 -7.73 2.53
CA GLU A 264 1.47 -8.13 1.27
C GLU A 264 0.56 -7.79 0.09
N LEU A 265 -0.74 -8.06 0.24
CA LEU A 265 -1.69 -7.76 -0.82
C LEU A 265 -1.83 -6.26 -1.06
N TYR A 266 -1.80 -5.43 0.00
CA TYR A 266 -1.86 -3.97 -0.23
C TYR A 266 -0.66 -3.51 -1.02
N GLU A 267 0.51 -4.08 -0.75
CA GLU A 267 1.72 -3.69 -1.42
C GLU A 267 1.83 -4.30 -2.83
N PHE A 268 1.31 -5.51 -3.02
CA PHE A 268 1.44 -6.22 -4.29
C PHE A 268 0.06 -6.71 -4.74
N PRO A 269 -0.88 -5.80 -5.01
CA PRO A 269 -2.24 -6.24 -5.37
C PRO A 269 -2.30 -7.00 -6.68
N GLU A 270 -1.25 -6.94 -7.51
CA GLU A 270 -1.30 -7.70 -8.76
CA GLU A 270 -1.24 -7.69 -8.76
C GLU A 270 -1.28 -9.21 -8.51
N TYR A 271 -1.02 -9.66 -7.30
CA TYR A 271 -1.01 -11.08 -6.99
C TYR A 271 -2.25 -11.53 -6.23
N SER A 272 -3.28 -10.68 -6.18
CA SER A 272 -4.50 -11.05 -5.47
C SER A 272 -5.20 -12.24 -6.12
N ARG A 273 -5.30 -12.25 -7.45
CA ARG A 273 -5.98 -13.36 -8.10
C ARG A 273 -5.18 -14.65 -7.96
N ASP A 274 -3.88 -14.61 -8.24
CA ASP A 274 -3.04 -15.81 -8.21
C ASP A 274 -1.74 -15.47 -7.50
N PRO A 275 -1.59 -15.87 -6.23
CA PRO A 275 -0.41 -15.50 -5.45
C PRO A 275 0.80 -16.40 -5.63
N THR A 276 0.67 -17.47 -6.42
CA THR A 276 1.71 -18.48 -6.68
C THR A 276 3.10 -17.88 -6.75
N MET A 277 3.28 -16.95 -7.68
CA MET A 277 4.60 -16.43 -8.00
C MET A 277 5.15 -15.57 -6.86
N TYR A 278 4.29 -14.76 -6.23
CA TYR A 278 4.74 -13.99 -5.08
C TYR A 278 5.16 -14.92 -3.93
N LEU A 279 4.33 -15.93 -3.66
CA LEU A 279 4.58 -16.80 -2.51
C LEU A 279 5.91 -17.51 -2.64
N ALA A 280 6.25 -17.97 -3.85
CA ALA A 280 7.51 -18.69 -4.04
C ALA A 280 8.71 -17.81 -3.73
N LEU A 281 8.66 -16.55 -4.13
CA LEU A 281 9.75 -15.61 -3.89
C LEU A 281 9.84 -15.23 -2.42
N ARG A 282 8.71 -14.92 -1.79
CA ARG A 282 8.73 -14.62 -0.36
C ARG A 282 9.20 -15.82 0.46
N ASN A 283 8.70 -17.02 0.16
CA ASN A 283 9.14 -18.19 0.89
C ASN A 283 10.64 -18.44 0.70
N LEU A 284 11.11 -18.25 -0.53
CA LEU A 284 12.54 -18.43 -0.81
C LEU A 284 13.38 -17.43 -0.01
N ILE A 285 12.94 -16.16 0.03
CA ILE A 285 13.65 -15.14 0.80
C ILE A 285 13.73 -15.53 2.28
N LEU A 286 12.61 -15.97 2.85
CA LEU A 286 12.62 -16.39 4.26
C LEU A 286 13.58 -17.56 4.48
N ALA A 287 13.50 -18.59 3.63
CA ALA A 287 14.40 -19.73 3.76
C ALA A 287 15.86 -19.28 3.72
N LEU A 288 16.21 -18.37 2.81
CA LEU A 288 17.59 -17.91 2.69
C LEU A 288 18.01 -17.10 3.91
N TRP A 289 17.15 -16.22 4.40
CA TRP A 289 17.47 -15.42 5.57
C TRP A 289 17.73 -16.31 6.79
N TYR A 290 16.83 -17.26 7.05
CA TYR A 290 17.02 -18.11 8.23
C TYR A 290 18.11 -19.15 8.02
N THR A 291 18.49 -19.40 6.76
CA THR A 291 19.67 -20.22 6.49
C THR A 291 20.96 -19.48 6.82
N ASN A 292 21.00 -18.16 6.63
CA ASN A 292 22.20 -17.44 7.05
C ASN A 292 21.80 -16.06 7.55
N CYS A 293 21.48 -15.98 8.83
CA CYS A 293 20.99 -14.74 9.42
C CYS A 293 22.12 -13.83 9.88
N LYS A 294 23.37 -14.17 9.59
CA LYS A 294 24.50 -13.36 10.02
C LYS A 294 24.98 -12.37 8.96
N GLU A 295 24.35 -12.35 7.78
CA GLU A 295 24.73 -11.39 6.76
C GLU A 295 23.48 -10.86 6.08
N ALA A 296 23.60 -9.65 5.52
CA ALA A 296 22.49 -9.04 4.80
C ALA A 296 22.16 -9.88 3.57
N LEU A 297 20.87 -10.19 3.42
CA LEU A 297 20.37 -10.90 2.24
C LEU A 297 20.06 -9.86 1.16
N THR A 298 20.75 -9.93 0.04
CA THR A 298 20.66 -8.96 -1.04
C THR A 298 20.03 -9.60 -2.28
N PRO A 299 19.57 -8.80 -3.25
CA PRO A 299 19.10 -9.39 -4.52
C PRO A 299 20.11 -10.33 -5.16
N GLN A 300 21.38 -9.93 -5.17
CA GLN A 300 22.40 -10.73 -5.83
C GLN A 300 22.58 -12.09 -5.17
N LYS A 301 22.36 -12.19 -3.85
CA LYS A 301 22.41 -13.49 -3.20
C LYS A 301 21.18 -14.33 -3.55
N CYS A 302 20.02 -13.68 -3.72
CA CYS A 302 18.81 -14.44 -4.06
C CYS A 302 18.83 -14.95 -5.50
N ILE A 303 19.42 -14.20 -6.43
CA ILE A 303 19.19 -14.47 -7.87
C ILE A 303 19.65 -15.86 -8.29
N PRO A 304 20.83 -16.34 -7.91
CA PRO A 304 21.19 -17.71 -8.31
C PRO A 304 20.26 -18.78 -7.78
N HIS A 305 19.46 -18.51 -6.73
CA HIS A 305 18.52 -19.48 -6.20
C HIS A 305 17.16 -19.42 -6.87
N ILE A 306 16.99 -18.53 -7.83
CA ILE A 306 15.75 -18.44 -8.59
C ILE A 306 16.02 -19.17 -9.89
N ILE A 307 15.51 -20.40 -9.99
CA ILE A 307 15.72 -21.26 -11.16
C ILE A 307 14.37 -21.54 -11.79
N VAL A 308 14.11 -20.95 -12.95
CA VAL A 308 12.88 -21.19 -13.70
C VAL A 308 13.17 -20.82 -15.15
N ARG A 309 12.55 -21.56 -16.08
CA ARG A 309 12.78 -21.38 -17.50
C ARG A 309 12.01 -20.16 -18.00
N GLY A 310 12.50 -19.58 -19.11
CA GLY A 310 11.77 -18.57 -19.83
C GLY A 310 12.02 -17.13 -19.38
N LEU A 311 11.42 -16.22 -20.16
CA LEU A 311 11.48 -14.80 -19.84
C LEU A 311 10.90 -14.50 -18.47
N VAL A 312 10.01 -15.36 -17.95
CA VAL A 312 9.39 -15.03 -16.67
C VAL A 312 10.43 -14.99 -15.54
N ARG A 313 11.59 -15.63 -15.73
CA ARG A 313 12.64 -15.52 -14.72
C ARG A 313 13.05 -14.06 -14.53
N ILE A 314 13.06 -13.28 -15.61
CA ILE A 314 13.33 -11.84 -15.52
C ILE A 314 12.34 -11.17 -14.61
N ARG A 315 11.05 -11.50 -14.75
CA ARG A 315 10.07 -10.90 -13.87
C ARG A 315 10.29 -11.36 -12.43
N CYS A 316 10.63 -12.64 -12.25
CA CYS A 316 10.91 -13.18 -10.93
C CYS A 316 12.08 -12.44 -10.27
N VAL A 317 13.14 -12.20 -11.03
CA VAL A 317 14.31 -11.49 -10.49
C VAL A 317 13.98 -10.03 -10.19
N GLN A 318 13.25 -9.35 -11.08
CA GLN A 318 12.84 -7.99 -10.77
C GLN A 318 11.98 -7.97 -9.52
N GLU A 319 11.04 -8.92 -9.41
CA GLU A 319 10.11 -8.93 -8.28
C GLU A 319 10.80 -9.29 -6.97
N VAL A 320 11.78 -10.19 -7.00
CA VAL A 320 12.38 -10.61 -5.74
C VAL A 320 13.04 -9.42 -5.07
N GLU A 321 13.54 -8.47 -5.86
CA GLU A 321 14.17 -7.30 -5.27
C GLU A 321 13.14 -6.40 -4.58
N ARG A 322 11.98 -6.20 -5.20
CA ARG A 322 10.94 -5.39 -4.54
C ARG A 322 10.46 -6.06 -3.25
N ILE A 323 10.26 -7.38 -3.29
CA ILE A 323 9.77 -8.11 -2.12
C ILE A 323 10.81 -8.05 -1.00
N LEU A 324 12.08 -8.17 -1.36
CA LEU A 324 13.17 -8.05 -0.40
C LEU A 324 13.12 -6.72 0.35
N TYR A 325 12.97 -5.60 -0.37
CA TYR A 325 12.94 -4.29 0.31
C TYR A 325 11.71 -4.16 1.20
N PHE A 326 10.56 -4.64 0.73
CA PHE A 326 9.36 -4.65 1.55
C PHE A 326 9.56 -5.45 2.85
N MET A 327 10.10 -6.67 2.73
CA MET A 327 10.30 -7.50 3.93
C MET A 327 11.42 -6.97 4.83
N THR A 328 12.42 -6.31 4.25
CA THR A 328 13.44 -5.65 5.04
C THR A 328 12.84 -4.49 5.83
N ARG A 329 12.07 -3.62 5.16
CA ARG A 329 11.48 -2.49 5.85
C ARG A 329 10.60 -2.97 7.01
N LYS A 330 9.84 -4.04 6.80
CA LYS A 330 8.98 -4.60 7.85
C LYS A 330 9.78 -5.29 8.95
N GLY A 331 11.08 -5.47 8.76
CA GLY A 331 11.85 -6.17 9.76
C GLY A 331 11.64 -7.67 9.81
N LEU A 332 11.25 -8.27 8.69
CA LEU A 332 11.08 -9.72 8.63
C LEU A 332 12.36 -10.45 8.26
N ILE A 333 13.29 -9.75 7.61
CA ILE A 333 14.61 -10.27 7.27
C ILE A 333 15.59 -9.15 7.52
N ASN A 334 16.89 -9.45 7.43
CA ASN A 334 17.91 -8.42 7.48
C ASN A 334 17.79 -7.57 8.76
N THR A 335 17.71 -8.24 9.90
CA THR A 335 17.28 -7.57 11.12
C THR A 335 18.08 -8.15 12.28
N GLY A 336 17.60 -7.93 13.51
CA GLY A 336 18.38 -8.39 14.65
C GLY A 336 19.58 -7.48 14.88
N VAL A 337 20.74 -8.10 15.16
CA VAL A 337 21.94 -7.31 15.42
C VAL A 337 22.84 -7.22 14.19
N LEU A 338 22.32 -7.60 13.03
CA LEU A 338 23.01 -7.31 11.77
C LEU A 338 23.41 -5.85 11.73
N SER A 339 24.63 -5.62 11.28
CA SER A 339 25.17 -4.29 11.08
C SER A 339 25.66 -4.14 9.65
N VAL A 340 25.60 -2.90 9.15
CA VAL A 340 26.10 -2.54 7.82
C VAL A 340 27.11 -1.40 7.97
N GLY A 341 27.90 -1.20 6.91
CA GLY A 341 28.68 0.01 6.74
C GLY A 341 28.01 0.99 5.80
N ALA A 342 28.66 2.15 5.64
CA ALA A 342 28.18 3.15 4.71
C ALA A 342 28.10 2.57 3.30
N ASP A 343 27.07 2.99 2.56
CA ASP A 343 26.78 2.54 1.20
C ASP A 343 26.54 1.05 1.10
N GLN A 344 26.39 0.36 2.24
CA GLN A 344 25.80 -0.97 2.27
C GLN A 344 24.45 -0.95 2.99
N TYR A 345 23.76 0.19 2.91
CA TYR A 345 22.47 0.34 3.57
C TYR A 345 21.46 -0.64 3.00
N LEU A 346 20.51 -1.03 3.84
CA LEU A 346 19.60 -2.11 3.50
C LEU A 346 18.44 -1.67 2.64
N LEU A 347 18.17 -0.38 2.56
CA LEU A 347 17.11 0.08 1.69
C LEU A 347 17.70 1.06 0.68
N PRO A 348 17.14 1.15 -0.52
CA PRO A 348 17.68 2.06 -1.53
C PRO A 348 17.50 3.52 -1.10
N LYS A 349 18.34 4.38 -1.68
CA LYS A 349 18.49 5.76 -1.22
C LYS A 349 17.20 6.56 -1.20
N ASP A 350 16.11 6.03 -1.76
CA ASP A 350 14.80 6.67 -1.65
C ASP A 350 14.36 6.79 -0.20
N TYR A 351 14.34 5.67 0.52
CA TYR A 351 13.88 5.63 1.90
C TYR A 351 14.74 6.44 2.86
N HIS A 352 15.90 6.94 2.42
CA HIS A 352 16.92 7.51 3.32
C HIS A 352 16.65 8.95 3.72
N ASN A 353 15.64 9.61 3.16
CA ASN A 353 15.56 11.08 3.17
C ASN A 353 14.87 11.64 4.41
N LYS A 354 15.27 11.18 5.61
CA LYS A 354 14.61 11.55 6.85
C LYS A 354 15.63 11.66 7.99
N SER A 355 15.21 12.31 9.07
CA SER A 355 15.95 12.30 10.32
C SER A 355 15.00 11.99 11.48
N VAL A 356 15.52 11.29 12.49
CA VAL A 356 14.70 10.77 13.59
C VAL A 356 15.43 10.97 14.90
N ILE A 357 14.71 11.45 15.92
CA ILE A 357 15.18 11.43 17.30
C ILE A 357 14.42 10.33 18.05
N ILE A 358 15.16 9.44 18.71
CA ILE A 358 14.57 8.36 19.49
C ILE A 358 14.80 8.68 20.97
N ILE A 359 13.73 8.58 21.75
CA ILE A 359 13.80 8.88 23.18
C ILE A 359 13.76 7.57 23.95
N GLY A 360 14.87 7.26 24.62
CA GLY A 360 14.99 6.06 25.41
C GLY A 360 15.84 5.03 24.68
N ALA A 361 16.82 4.44 25.38
CA ALA A 361 17.73 3.48 24.79
C ALA A 361 17.57 2.12 25.45
N GLY A 362 16.32 1.70 25.68
CA GLY A 362 16.02 0.34 26.06
C GLY A 362 15.85 -0.52 24.80
N PRO A 363 15.36 -1.76 24.98
CA PRO A 363 15.15 -2.65 23.82
C PRO A 363 14.35 -2.05 22.68
N ALA A 364 13.26 -1.32 22.97
CA ALA A 364 12.43 -0.75 21.90
C ALA A 364 13.17 0.38 21.18
N GLY A 365 13.75 1.30 21.93
CA GLY A 365 14.46 2.41 21.31
C GLY A 365 15.66 1.95 20.49
N LEU A 366 16.42 0.99 21.03
CA LEU A 366 17.60 0.51 20.31
C LEU A 366 17.21 -0.33 19.10
N ALA A 367 16.12 -1.09 19.17
CA ALA A 367 15.67 -1.82 18.00
C ALA A 367 15.33 -0.86 16.87
N ALA A 368 14.56 0.19 17.18
CA ALA A 368 14.24 1.17 16.13
C ALA A 368 15.48 1.85 15.60
N ALA A 369 16.42 2.19 16.48
CA ALA A 369 17.62 2.90 16.03
C ALA A 369 18.48 2.02 15.14
N ARG A 370 18.62 0.73 15.50
CA ARG A 370 19.39 -0.19 14.68
C ARG A 370 18.74 -0.38 13.31
N GLN A 371 17.43 -0.63 13.29
CA GLN A 371 16.70 -0.72 12.04
C GLN A 371 16.93 0.52 11.19
N LEU A 372 16.63 1.69 11.75
CA LEU A 372 16.64 2.92 10.96
C LEU A 372 18.05 3.23 10.48
N HIS A 373 19.04 3.04 11.35
CA HIS A 373 20.41 3.27 10.94
C HIS A 373 20.81 2.33 9.80
N ASN A 374 20.45 1.04 9.92
CA ASN A 374 20.71 0.08 8.85
C ASN A 374 20.00 0.46 7.56
N PHE A 375 18.81 1.06 7.65
CA PHE A 375 18.09 1.47 6.44
C PHE A 375 18.77 2.64 5.75
N GLY A 376 19.70 3.33 6.41
CA GLY A 376 20.27 4.55 5.87
C GLY A 376 19.65 5.85 6.36
N ILE A 377 18.87 5.82 7.44
CA ILE A 377 18.21 7.02 7.96
C ILE A 377 19.00 7.58 9.15
N LYS A 378 19.09 8.91 9.21
CA LYS A 378 19.80 9.57 10.32
C LYS A 378 19.03 9.43 11.62
N VAL A 379 19.71 8.96 12.68
CA VAL A 379 19.11 8.64 13.95
C VAL A 379 19.98 9.18 15.06
N THR A 380 19.35 9.80 16.05
CA THR A 380 19.96 10.22 17.30
C THR A 380 19.12 9.63 18.42
N VAL A 381 19.76 9.00 19.40
CA VAL A 381 19.07 8.43 20.56
C VAL A 381 19.37 9.31 21.77
N LEU A 382 18.32 9.70 22.50
CA LEU A 382 18.46 10.46 23.73
C LEU A 382 18.01 9.58 24.89
N GLU A 383 18.90 9.33 25.83
CA GLU A 383 18.63 8.45 26.96
C GLU A 383 18.84 9.20 28.26
N ALA A 384 17.84 9.13 29.15
CA ALA A 384 17.89 9.88 30.41
C ALA A 384 19.02 9.39 31.31
N LYS A 385 19.28 8.08 31.35
CA LYS A 385 20.17 7.54 32.37
C LYS A 385 21.62 7.60 31.90
N ASP A 386 22.54 7.24 32.81
CA ASP A 386 23.95 7.20 32.45
C ASP A 386 24.35 5.88 31.78
N ARG A 387 23.40 5.02 31.43
CA ARG A 387 23.68 3.79 30.70
C ARG A 387 22.51 3.51 29.76
N ILE A 388 22.76 2.63 28.79
CA ILE A 388 21.72 2.11 27.89
C ILE A 388 21.10 0.87 28.51
N GLY A 389 20.00 0.37 27.93
CA GLY A 389 19.43 -0.90 28.32
C GLY A 389 18.07 -0.80 28.99
N GLY A 390 17.80 0.29 29.72
CA GLY A 390 16.48 0.42 30.33
C GLY A 390 16.22 -0.65 31.38
N ARG A 391 15.16 -1.42 31.25
CA ARG A 391 14.90 -2.54 32.16
C ARG A 391 15.75 -3.78 31.82
N VAL A 392 16.67 -3.69 30.87
CA VAL A 392 17.77 -4.62 30.72
C VAL A 392 18.98 -3.99 31.39
N TRP A 393 19.47 -4.63 32.44
CA TRP A 393 20.60 -4.13 33.21
C TRP A 393 21.26 -5.34 33.87
N ASP A 394 22.43 -5.74 33.36
CA ASP A 394 23.07 -6.96 33.85
C ASP A 394 24.25 -6.62 34.75
N ASP A 395 24.39 -7.40 35.82
CA ASP A 395 25.53 -7.32 36.72
C ASP A 395 26.56 -8.35 36.28
N LYS A 396 27.77 -7.89 36.00
CA LYS A 396 28.83 -8.77 35.52
C LYS A 396 29.88 -9.05 36.58
N SER A 397 29.59 -8.70 37.84
CA SER A 397 30.59 -8.78 38.89
C SER A 397 30.50 -10.04 39.73
N PHE A 398 29.50 -10.89 39.53
CA PHE A 398 29.49 -12.18 40.21
C PHE A 398 30.43 -13.11 39.46
N LYS A 399 31.24 -13.86 40.20
CA LYS A 399 32.23 -14.76 39.60
C LYS A 399 31.55 -15.81 38.73
N GLY A 400 31.93 -15.84 37.45
CA GLY A 400 31.56 -16.95 36.59
C GLY A 400 30.17 -16.91 35.98
N VAL A 401 29.32 -15.96 36.33
CA VAL A 401 27.95 -15.89 35.80
C VAL A 401 27.62 -14.43 35.50
N THR A 402 26.52 -14.24 34.78
CA THR A 402 25.95 -12.93 34.52
C THR A 402 24.56 -12.91 35.13
N VAL A 403 24.26 -11.90 35.94
CA VAL A 403 23.00 -11.87 36.68
C VAL A 403 22.23 -10.62 36.28
N GLY A 404 21.08 -10.81 35.66
CA GLY A 404 20.25 -9.67 35.30
C GLY A 404 19.62 -9.04 36.54
N ARG A 405 19.78 -7.72 36.69
CA ARG A 405 18.92 -6.97 37.61
C ARG A 405 17.52 -6.80 37.05
N GLY A 406 17.40 -6.78 35.73
CA GLY A 406 16.08 -6.68 35.12
C GLY A 406 15.78 -7.99 34.40
N ALA A 407 15.41 -7.90 33.13
CA ALA A 407 14.99 -9.11 32.40
C ALA A 407 16.14 -10.10 32.23
N GLN A 408 15.80 -11.39 32.27
CA GLN A 408 16.76 -12.42 31.88
C GLN A 408 16.12 -13.69 31.32
N ILE A 409 14.79 -13.81 31.25
CA ILE A 409 14.14 -15.00 30.73
C ILE A 409 13.58 -14.73 29.33
N VAL A 410 13.58 -15.76 28.47
CA VAL A 410 12.89 -15.73 27.18
C VAL A 410 11.74 -16.72 27.20
N ASN A 411 10.51 -16.24 27.07
CA ASN A 411 9.35 -17.14 27.11
C ASN A 411 8.91 -17.50 25.70
N GLY A 412 9.40 -18.63 25.20
CA GLY A 412 8.97 -19.13 23.90
C GLY A 412 9.96 -18.73 22.84
N CYS A 413 10.91 -19.61 22.53
CA CYS A 413 12.03 -19.24 21.66
C CYS A 413 11.72 -19.41 20.18
N ILE A 414 10.69 -20.18 19.81
CA ILE A 414 10.49 -20.47 18.39
C ILE A 414 10.05 -19.19 17.69
N ASN A 415 10.78 -18.78 16.65
CA ASN A 415 10.56 -17.58 15.86
C ASN A 415 10.74 -16.30 16.67
N ASN A 416 11.25 -16.41 17.88
CA ASN A 416 11.45 -15.25 18.73
C ASN A 416 12.66 -14.48 18.23
N PRO A 417 12.56 -13.16 18.07
CA PRO A 417 13.74 -12.42 17.60
C PRO A 417 14.91 -12.49 18.57
N VAL A 418 14.65 -12.71 19.86
CA VAL A 418 15.77 -12.89 20.80
C VAL A 418 16.56 -14.13 20.46
N ALA A 419 15.88 -15.20 20.03
CA ALA A 419 16.61 -16.39 19.60
C ALA A 419 17.37 -16.15 18.31
N LEU A 420 16.79 -15.37 17.39
CA LEU A 420 17.53 -14.98 16.20
C LEU A 420 18.82 -14.25 16.57
N MET A 421 18.70 -13.27 17.45
CA MET A 421 19.88 -12.50 17.83
C MET A 421 20.90 -13.34 18.57
N CYS A 422 20.45 -14.31 19.38
CA CYS A 422 21.42 -15.25 19.99
C CYS A 422 22.16 -16.05 18.92
N GLU A 423 21.44 -16.50 17.88
CA GLU A 423 22.11 -17.20 16.78
C GLU A 423 23.12 -16.28 16.11
N GLN A 424 22.73 -15.02 15.88
CA GLN A 424 23.63 -14.08 15.23
C GLN A 424 24.88 -13.84 16.06
N LEU A 425 24.74 -13.80 17.38
CA LEU A 425 25.88 -13.53 18.26
C LEU A 425 26.60 -14.80 18.69
N GLY A 426 26.10 -15.97 18.30
CA GLY A 426 26.78 -17.18 18.70
C GLY A 426 26.69 -17.46 20.18
N ILE A 427 25.61 -17.08 20.83
CA ILE A 427 25.49 -17.32 22.26
C ILE A 427 24.35 -18.29 22.52
N SER A 428 24.39 -18.91 23.69
CA SER A 428 23.53 -20.02 24.06
C SER A 428 22.57 -19.64 25.16
N MET A 429 21.41 -20.26 25.14
CA MET A 429 20.41 -20.09 26.19
C MET A 429 20.23 -21.41 26.91
N HIS A 430 19.66 -21.36 28.11
CA HIS A 430 19.43 -22.57 28.89
C HIS A 430 17.94 -22.85 28.99
N LYS A 431 17.50 -23.97 28.42
CA LYS A 431 16.10 -24.37 28.53
C LYS A 431 15.79 -24.81 29.97
N PHE A 432 14.73 -24.25 30.56
CA PHE A 432 14.37 -24.61 31.93
C PHE A 432 13.78 -26.02 32.02
N GLY A 433 14.21 -26.78 33.04
CA GLY A 433 13.51 -27.98 33.42
C GLY A 433 12.17 -27.70 34.06
N GLU A 434 11.31 -28.72 34.08
CA GLU A 434 9.98 -28.55 34.66
C GLU A 434 9.97 -28.62 36.18
N ARG A 435 10.97 -29.22 36.80
CA ARG A 435 10.87 -29.55 38.22
C ARG A 435 11.01 -28.29 39.08
N CYS A 436 10.08 -28.10 40.01
CA CYS A 436 10.16 -26.99 40.95
C CYS A 436 9.48 -27.41 42.25
N ASP A 437 10.24 -28.07 43.14
CA ASP A 437 9.70 -28.42 44.45
C ASP A 437 9.27 -27.17 45.22
N LEU A 438 8.15 -27.27 45.92
CA LEU A 438 7.65 -26.20 46.77
C LEU A 438 8.14 -26.50 48.18
N ILE A 439 9.15 -25.79 48.61
CA ILE A 439 9.76 -26.03 49.92
C ILE A 439 9.07 -25.12 50.92
N GLN A 440 8.69 -25.69 52.06
CA GLN A 440 8.02 -24.98 53.15
C GLN A 440 9.05 -24.42 54.11
N GLU A 441 8.67 -23.34 54.79
CA GLU A 441 9.45 -22.92 55.93
C GLU A 441 9.35 -24.00 57.01
N GLY A 442 10.48 -24.32 57.62
CA GLY A 442 10.62 -25.52 58.41
C GLY A 442 11.35 -26.63 57.68
N GLY A 443 11.37 -26.58 56.35
CA GLY A 443 12.24 -27.43 55.57
C GLY A 443 11.55 -28.57 54.85
N ARG A 444 10.30 -28.89 55.20
CA ARG A 444 9.59 -29.97 54.51
C ARG A 444 9.41 -29.64 53.03
N ILE A 445 9.48 -30.67 52.19
CA ILE A 445 9.19 -30.53 50.78
C ILE A 445 7.75 -30.94 50.53
N THR A 446 7.01 -30.07 49.85
CA THR A 446 5.61 -30.32 49.54
C THR A 446 5.49 -31.49 48.55
N ASP A 447 4.70 -32.49 48.90
CA ASP A 447 4.46 -33.56 47.96
C ASP A 447 3.96 -33.00 46.63
N PRO A 448 4.49 -33.45 45.50
CA PRO A 448 4.07 -32.87 44.21
C PRO A 448 2.59 -33.07 43.90
N THR A 449 1.94 -34.09 44.46
CA THR A 449 0.52 -34.23 44.22
C THR A 449 -0.28 -33.08 44.86
N ILE A 450 0.24 -32.47 45.93
CA ILE A 450 -0.41 -31.31 46.52
C ILE A 450 -0.25 -30.10 45.60
N ASP A 451 0.98 -29.87 45.15
CA ASP A 451 1.27 -28.83 44.17
C ASP A 451 0.29 -28.89 43.00
N LYS A 452 0.21 -30.05 42.34
CA LYS A 452 -0.66 -30.22 41.19
C LYS A 452 -2.13 -30.06 41.55
N ARG A 453 -2.57 -30.65 42.66
CA ARG A 453 -3.98 -30.54 43.03
C ARG A 453 -4.38 -29.07 43.23
N MET A 454 -3.56 -28.31 43.97
CA MET A 454 -3.96 -26.93 44.25
C MET A 454 -3.83 -26.06 43.01
N ASP A 455 -2.92 -26.42 42.09
CA ASP A 455 -2.86 -25.76 40.80
C ASP A 455 -4.12 -26.05 40.00
N PHE A 456 -4.57 -27.31 40.02
CA PHE A 456 -5.84 -27.67 39.41
C PHE A 456 -6.98 -26.81 39.94
N HIS A 457 -7.09 -26.68 41.27
CA HIS A 457 -8.16 -25.88 41.84
C HIS A 457 -8.02 -24.41 41.45
N PHE A 458 -6.80 -23.89 41.47
CA PHE A 458 -6.60 -22.49 41.12
C PHE A 458 -7.02 -22.21 39.69
N ASN A 459 -6.62 -23.09 38.75
CA ASN A 459 -6.99 -22.89 37.35
C ASN A 459 -8.50 -23.02 37.16
N ALA A 460 -9.15 -23.87 37.97
CA ALA A 460 -10.60 -23.97 37.90
C ALA A 460 -11.26 -22.65 38.26
N LEU A 461 -10.69 -21.92 39.23
CA LEU A 461 -11.21 -20.60 39.55
C LEU A 461 -11.10 -19.67 38.35
N LEU A 462 -9.96 -19.69 37.67
CA LEU A 462 -9.78 -18.82 36.50
C LEU A 462 -10.75 -19.20 35.38
N ASP A 463 -11.07 -20.50 35.24
CA ASP A 463 -12.08 -20.90 34.27
C ASP A 463 -13.43 -20.28 34.58
N VAL A 464 -13.81 -20.24 35.85
CA VAL A 464 -15.08 -19.60 36.21
C VAL A 464 -15.04 -18.12 35.85
N VAL A 465 -13.91 -17.44 36.12
CA VAL A 465 -13.77 -16.05 35.69
C VAL A 465 -13.94 -15.93 34.18
N SER A 466 -13.36 -16.88 33.44
CA SER A 466 -13.46 -16.85 31.98
C SER A 466 -14.91 -16.98 31.52
N GLU A 467 -15.69 -17.80 32.22
CA GLU A 467 -17.12 -17.90 31.92
C GLU A 467 -17.85 -16.62 32.34
N TRP A 468 -17.56 -16.13 33.54
CA TRP A 468 -18.30 -15.00 34.09
C TRP A 468 -18.19 -13.78 33.18
N ARG A 469 -17.03 -13.58 32.56
CA ARG A 469 -16.77 -12.33 31.85
C ARG A 469 -17.32 -12.31 30.42
N LYS A 470 -17.80 -13.45 29.91
CA LYS A 470 -18.17 -13.56 28.49
C LYS A 470 -19.15 -12.48 28.05
N ASP A 471 -19.99 -12.00 28.96
CA ASP A 471 -21.06 -11.07 28.61
C ASP A 471 -20.94 -9.75 29.39
N LYS A 472 -19.73 -9.40 29.80
CA LYS A 472 -19.51 -8.20 30.59
C LYS A 472 -18.81 -7.13 29.74
N THR A 473 -19.26 -5.89 29.87
CA THR A 473 -18.63 -4.75 29.25
C THR A 473 -17.51 -4.21 30.12
N GLN A 474 -16.72 -3.28 29.56
CA GLN A 474 -15.67 -2.64 30.35
C GLN A 474 -16.23 -1.99 31.61
N LEU A 475 -17.42 -1.41 31.51
CA LEU A 475 -17.99 -0.72 32.66
C LEU A 475 -18.48 -1.70 33.71
N GLN A 476 -18.65 -2.97 33.35
CA GLN A 476 -19.01 -4.02 34.29
C GLN A 476 -17.80 -4.79 34.79
N ASP A 477 -16.59 -4.27 34.59
CA ASP A 477 -15.40 -5.00 34.98
C ASP A 477 -15.27 -5.05 36.50
N VAL A 478 -14.60 -6.09 36.96
CA VAL A 478 -14.36 -6.35 38.38
C VAL A 478 -12.89 -6.74 38.54
N PRO A 479 -12.28 -6.38 39.67
CA PRO A 479 -10.89 -6.82 39.89
C PRO A 479 -10.80 -8.34 39.88
N LEU A 480 -9.82 -8.85 39.16
CA LEU A 480 -9.60 -10.30 39.10
C LEU A 480 -9.49 -10.90 40.51
N GLY A 481 -8.71 -10.26 41.38
CA GLY A 481 -8.51 -10.80 42.72
C GLY A 481 -9.80 -10.87 43.52
N GLU A 482 -10.67 -9.88 43.32
CA GLU A 482 -11.97 -9.88 44.00
C GLU A 482 -12.87 -10.97 43.45
N LYS A 483 -12.89 -11.16 42.13
CA LYS A 483 -13.69 -12.23 41.54
C LYS A 483 -13.18 -13.60 41.98
N ILE A 484 -11.86 -13.80 41.96
CA ILE A 484 -11.30 -15.08 42.40
C ILE A 484 -11.72 -15.39 43.84
N GLU A 485 -11.56 -14.41 44.74
CA GLU A 485 -11.85 -14.66 46.15
C GLU A 485 -13.31 -14.98 46.35
N GLU A 486 -14.19 -14.26 45.66
CA GLU A 486 -15.62 -14.55 45.70
C GLU A 486 -15.90 -15.97 45.23
N ILE A 487 -15.35 -16.36 44.08
CA ILE A 487 -15.61 -17.70 43.54
C ILE A 487 -15.09 -18.78 44.47
N TYR A 488 -13.96 -18.51 45.12
CA TYR A 488 -13.35 -19.50 46.01
C TYR A 488 -14.23 -19.72 47.23
N LYS A 489 -14.66 -18.65 47.88
CA LYS A 489 -15.53 -18.77 49.04
C LYS A 489 -16.83 -19.48 48.68
N ALA A 490 -17.39 -19.18 47.51
CA ALA A 490 -18.59 -19.89 47.09
C ALA A 490 -18.31 -21.37 46.87
N PHE A 491 -17.11 -21.70 46.36
CA PHE A 491 -16.76 -23.09 46.12
C PHE A 491 -16.59 -23.85 47.43
N ILE A 492 -16.00 -23.24 48.44
CA ILE A 492 -15.86 -23.89 49.75
C ILE A 492 -17.23 -24.12 50.38
N LYS A 493 -18.10 -23.11 50.32
CA LYS A 493 -19.43 -23.27 50.89
C LYS A 493 -20.21 -24.35 50.16
N GLU A 494 -20.24 -24.29 48.82
CA GLU A 494 -21.01 -25.26 48.06
C GLU A 494 -20.46 -26.69 48.24
N SER A 495 -19.14 -26.86 48.12
CA SER A 495 -18.59 -28.20 48.14
C SER A 495 -18.40 -28.75 49.54
N GLY A 496 -18.22 -27.89 50.54
CA GLY A 496 -17.91 -28.33 51.89
C GLY A 496 -16.50 -28.85 52.07
N ILE A 497 -15.64 -28.73 51.05
CA ILE A 497 -14.32 -29.35 51.09
C ILE A 497 -13.48 -28.68 52.18
N GLN A 498 -12.63 -29.49 52.83
CA GLN A 498 -11.77 -29.06 53.93
C GLN A 498 -10.32 -29.25 53.50
N PHE A 499 -9.61 -28.15 53.29
CA PHE A 499 -8.21 -28.18 52.91
C PHE A 499 -7.32 -28.12 54.15
N SER A 500 -6.18 -28.80 54.08
CA SER A 500 -5.19 -28.63 55.11
C SER A 500 -4.64 -27.20 55.09
N GLU A 501 -3.96 -26.83 56.16
CA GLU A 501 -3.24 -25.55 56.15
C GLU A 501 -2.24 -25.50 55.00
N LEU A 502 -1.52 -26.61 54.77
CA LEU A 502 -0.51 -26.64 53.71
C LEU A 502 -1.13 -26.47 52.34
N GLU A 503 -2.26 -27.16 52.09
CA GLU A 503 -2.94 -26.97 50.81
C GLU A 503 -3.35 -25.51 50.61
N GLY A 504 -3.80 -24.85 51.68
CA GLY A 504 -4.19 -23.45 51.55
C GLY A 504 -3.00 -22.55 51.27
N GLN A 505 -1.86 -22.84 51.88
CA GLN A 505 -0.65 -22.08 51.59
C GLN A 505 -0.12 -22.34 50.17
N VAL A 506 -0.24 -23.59 49.70
CA VAL A 506 0.17 -23.91 48.33
C VAL A 506 -0.74 -23.23 47.31
N LEU A 507 -2.03 -23.10 47.63
CA LEU A 507 -2.90 -22.31 46.77
C LEU A 507 -2.45 -20.86 46.75
N GLN A 508 -2.05 -20.31 47.91
CA GLN A 508 -1.50 -18.97 47.95
C GLN A 508 -0.26 -18.86 47.07
N PHE A 509 0.58 -19.91 47.06
CA PHE A 509 1.73 -19.90 46.16
C PHE A 509 1.29 -19.76 44.71
N HIS A 510 0.29 -20.54 44.28
CA HIS A 510 -0.13 -20.46 42.88
C HIS A 510 -0.75 -19.10 42.56
N LEU A 511 -1.49 -18.53 43.52
CA LEU A 511 -1.96 -17.15 43.36
C LEU A 511 -0.79 -16.20 43.17
N SER A 512 0.27 -16.35 43.96
CA SER A 512 1.40 -15.43 43.87
C SER A 512 2.09 -15.52 42.51
N ASN A 513 2.11 -16.70 41.88
CA ASN A 513 2.69 -16.82 40.54
C ASN A 513 1.96 -15.95 39.53
N LEU A 514 0.64 -15.85 39.66
CA LEU A 514 -0.09 -14.99 38.74
C LEU A 514 0.13 -13.51 39.04
N GLU A 515 0.26 -13.16 40.33
CA GLU A 515 0.64 -11.79 40.68
C GLU A 515 2.02 -11.44 40.16
N TYR A 516 2.92 -12.44 40.13
CA TYR A 516 4.25 -12.27 39.57
C TYR A 516 4.17 -12.00 38.07
N ALA A 517 3.35 -12.76 37.35
CA ALA A 517 3.23 -12.59 35.91
C ALA A 517 2.57 -11.26 35.55
N CYS A 518 1.58 -10.83 36.35
CA CYS A 518 0.92 -9.55 36.11
C CYS A 518 1.72 -8.35 36.62
N GLY A 519 2.66 -8.55 37.54
CA GLY A 519 3.32 -7.41 38.16
C GLY A 519 2.47 -6.67 39.17
N SER A 520 1.41 -7.28 39.69
CA SER A 520 0.53 -6.57 40.60
C SER A 520 -0.22 -7.57 41.48
N ASN A 521 -0.60 -7.12 42.68
CA ASN A 521 -1.68 -7.78 43.38
C ASN A 521 -2.90 -7.85 42.45
N LEU A 522 -3.62 -8.97 42.50
CA LEU A 522 -4.68 -9.15 41.52
C LEU A 522 -5.87 -8.20 41.77
N HIS A 523 -5.91 -7.51 42.90
CA HIS A 523 -7.02 -6.61 43.12
C HIS A 523 -6.92 -5.33 42.29
N GLN A 524 -5.84 -5.12 41.55
CA GLN A 524 -5.78 -4.03 40.58
C GLN A 524 -5.85 -4.52 39.14
N VAL A 525 -5.90 -5.82 38.92
CA VAL A 525 -5.86 -6.42 37.58
C VAL A 525 -7.28 -6.65 37.09
N SER A 526 -7.50 -6.36 35.79
CA SER A 526 -8.82 -6.57 35.17
C SER A 526 -9.19 -8.04 35.10
N ALA A 527 -10.37 -8.39 35.61
CA ALA A 527 -10.88 -9.75 35.41
C ALA A 527 -11.22 -10.01 33.94
N ARG A 528 -11.71 -9.00 33.22
CA ARG A 528 -12.08 -9.19 31.82
C ARG A 528 -10.87 -9.37 30.94
N SER A 529 -9.79 -8.63 31.20
CA SER A 529 -8.75 -8.41 30.20
C SER A 529 -7.35 -8.78 30.66
N TRP A 530 -7.20 -9.42 31.82
CA TRP A 530 -5.87 -9.73 32.33
C TRP A 530 -5.05 -10.55 31.33
N ASP A 531 -5.68 -11.52 30.67
CA ASP A 531 -5.00 -12.38 29.71
C ASP A 531 -5.40 -12.06 28.27
N HIS A 532 -5.70 -10.79 27.98
CA HIS A 532 -6.19 -10.36 26.66
C HIS A 532 -5.25 -10.82 25.55
N ASN A 533 -3.94 -10.77 25.79
CA ASN A 533 -2.98 -11.05 24.74
C ASN A 533 -2.97 -12.51 24.34
N GLU A 534 -3.49 -13.41 25.19
CA GLU A 534 -3.50 -14.83 24.86
C GLU A 534 -4.49 -15.16 23.75
N PHE A 535 -5.36 -14.22 23.37
CA PHE A 535 -6.19 -14.43 22.19
C PHE A 535 -5.38 -14.46 20.90
N PHE A 536 -4.16 -13.90 20.91
CA PHE A 536 -3.30 -13.90 19.74
C PHE A 536 -2.28 -15.02 19.83
N ALA A 537 -1.75 -15.42 18.67
CA ALA A 537 -0.73 -16.46 18.62
C ALA A 537 0.45 -16.07 19.49
N GLN A 538 0.84 -16.97 20.39
CA GLN A 538 1.96 -16.75 21.31
C GLN A 538 3.20 -17.49 20.81
N PHE A 539 4.36 -17.08 21.33
CA PHE A 539 5.61 -17.73 20.96
C PHE A 539 5.66 -19.17 21.49
N ALA A 540 5.89 -20.11 20.60
CA ALA A 540 5.95 -21.51 20.98
C ALA A 540 7.36 -21.88 21.42
N GLY A 541 7.49 -23.10 21.92
CA GLY A 541 8.78 -23.69 22.18
C GLY A 541 9.36 -23.30 23.53
N ASP A 542 10.69 -23.43 23.60
CA ASP A 542 11.39 -23.43 24.88
C ASP A 542 11.19 -22.14 25.66
N HIS A 543 11.12 -22.27 26.98
CA HIS A 543 11.31 -21.16 27.89
C HIS A 543 12.73 -21.26 28.44
N THR A 544 13.50 -20.18 28.30
CA THR A 544 14.92 -20.27 28.58
C THR A 544 15.39 -19.17 29.53
N LEU A 545 16.51 -19.44 30.20
CA LEU A 545 17.30 -18.43 30.87
C LEU A 545 18.32 -17.91 29.88
N LEU A 546 18.34 -16.59 29.65
CA LEU A 546 19.33 -16.02 28.74
C LEU A 546 20.62 -15.88 29.55
N THR A 547 21.35 -17.00 29.62
CA THR A 547 22.53 -17.11 30.47
CA THR A 547 22.50 -17.07 30.52
C THR A 547 23.53 -15.98 30.30
N PRO A 548 23.93 -15.58 29.08
CA PRO A 548 24.88 -14.47 28.97
C PRO A 548 24.26 -13.11 29.24
N GLY A 549 22.93 -13.03 29.37
CA GLY A 549 22.27 -11.78 29.68
C GLY A 549 21.79 -11.03 28.44
N TYR A 550 20.62 -10.40 28.54
CA TYR A 550 20.13 -9.54 27.46
C TYR A 550 21.09 -8.38 27.17
N SER A 551 21.95 -7.99 28.12
CA SER A 551 22.85 -6.87 27.87
C SER A 551 23.73 -7.11 26.64
N VAL A 552 24.13 -8.36 26.37
CA VAL A 552 24.95 -8.66 25.19
C VAL A 552 24.22 -8.21 23.94
N ILE A 553 22.94 -8.53 23.85
CA ILE A 553 22.13 -8.13 22.70
C ILE A 553 21.97 -6.61 22.65
N ILE A 554 21.64 -6.00 23.80
CA ILE A 554 21.46 -4.56 23.89
C ILE A 554 22.71 -3.83 23.42
N GLU A 555 23.88 -4.27 23.90
CA GLU A 555 25.11 -3.61 23.54
C GLU A 555 25.41 -3.76 22.05
N LYS A 556 25.04 -4.90 21.44
CA LYS A 556 25.30 -5.04 20.02
C LYS A 556 24.33 -4.22 19.19
N LEU A 557 23.06 -4.13 19.59
CA LEU A 557 22.12 -3.24 18.91
C LEU A 557 22.64 -1.81 18.86
N ALA A 558 23.21 -1.32 19.97
CA ALA A 558 23.60 0.07 20.14
C ALA A 558 24.94 0.42 19.50
N GLU A 559 25.71 -0.58 19.08
CA GLU A 559 27.10 -0.37 18.72
C GLU A 559 27.20 0.55 17.51
N GLY A 560 28.01 1.59 17.62
CA GLY A 560 28.21 2.52 16.53
C GLY A 560 27.15 3.59 16.38
N LEU A 561 26.08 3.54 17.19
CA LEU A 561 25.00 4.49 17.02
C LEU A 561 25.27 5.78 17.79
N ASP A 562 24.62 6.85 17.37
CA ASP A 562 24.72 8.15 18.04
C ASP A 562 23.75 8.15 19.22
N ILE A 563 24.28 7.86 20.40
CA ILE A 563 23.48 7.73 21.61
C ILE A 563 23.97 8.76 22.61
N GLN A 564 23.06 9.61 23.09
CA GLN A 564 23.37 10.65 24.07
C GLN A 564 22.88 10.18 25.45
N LEU A 565 23.81 9.86 26.34
CA LEU A 565 23.48 9.46 27.70
C LEU A 565 23.29 10.70 28.57
N LYS A 566 22.72 10.49 29.76
CA LYS A 566 22.41 11.57 30.70
C LYS A 566 21.75 12.75 29.97
N SER A 567 20.81 12.43 29.09
CA SER A 567 20.11 13.43 28.29
C SER A 567 18.61 13.22 28.43
N PRO A 568 18.06 13.42 29.63
CA PRO A 568 16.61 13.22 29.81
C PRO A 568 15.83 14.27 29.02
N VAL A 569 14.88 13.81 28.22
CA VAL A 569 14.05 14.72 27.45
C VAL A 569 12.99 15.34 28.36
N GLN A 570 12.84 16.66 28.26
CA GLN A 570 11.81 17.37 29.02
C GLN A 570 10.64 17.82 28.16
N CYS A 571 10.86 18.20 26.90
CA CYS A 571 9.82 18.74 26.06
C CYS A 571 9.98 18.25 24.63
N ILE A 572 8.86 17.85 24.01
CA ILE A 572 8.79 17.49 22.60
C ILE A 572 7.75 18.41 21.96
N ASP A 573 8.20 19.28 21.06
CA ASP A 573 7.33 20.24 20.38
C ASP A 573 7.32 19.89 18.90
N TYR A 574 6.17 19.45 18.41
CA TYR A 574 6.00 19.09 17.00
C TYR A 574 5.01 20.02 16.32
N SER A 575 4.97 21.28 16.76
CA SER A 575 4.10 22.26 16.15
C SER A 575 4.75 22.92 14.92
N GLY A 576 6.04 22.75 14.71
CA GLY A 576 6.74 23.38 13.61
C GLY A 576 7.03 22.42 12.47
N ASP A 577 7.81 22.91 11.50
CA ASP A 577 8.16 22.09 10.35
C ASP A 577 9.04 20.91 10.76
N GLU A 578 9.87 21.08 11.79
CA GLU A 578 10.64 20.00 12.37
C GLU A 578 10.32 19.87 13.84
N VAL A 579 10.48 18.65 14.37
CA VAL A 579 10.25 18.44 15.80
C VAL A 579 11.40 19.02 16.59
N GLN A 580 11.07 19.73 17.67
CA GLN A 580 12.05 20.32 18.58
C GLN A 580 12.02 19.54 19.89
N VAL A 581 13.15 18.94 20.24
CA VAL A 581 13.29 18.15 21.48
C VAL A 581 14.29 18.85 22.39
N THR A 582 13.87 19.11 23.64
CA THR A 582 14.68 19.81 24.62
C THR A 582 14.90 18.91 25.84
N THR A 583 16.16 18.75 26.25
CA THR A 583 16.48 17.97 27.44
C THR A 583 16.37 18.83 28.71
N THR A 584 16.57 18.21 29.87
CA THR A 584 16.36 18.93 31.12
C THR A 584 17.40 20.02 31.37
N ASP A 585 18.52 20.03 30.66
CA ASP A 585 19.51 21.09 30.84
C ASP A 585 19.41 22.15 29.75
N GLY A 586 18.38 22.11 28.92
CA GLY A 586 18.18 23.12 27.89
C GLY A 586 18.76 22.78 26.54
N THR A 587 19.40 21.61 26.40
CA THR A 587 20.00 21.26 25.12
C THR A 587 18.90 20.92 24.12
N GLY A 588 18.98 21.51 22.94
CA GLY A 588 17.96 21.35 21.91
C GLY A 588 18.43 20.40 20.82
N TYR A 589 17.52 19.54 20.39
CA TYR A 589 17.73 18.64 19.28
C TYR A 589 16.55 18.78 18.32
N SER A 590 16.78 18.55 17.04
CA SER A 590 15.71 18.68 16.06
C SER A 590 15.80 17.56 15.02
N ALA A 591 14.64 17.09 14.58
CA ALA A 591 14.54 16.07 13.54
C ALA A 591 13.16 16.16 12.94
N GLN A 592 12.98 15.48 11.81
CA GLN A 592 11.70 15.49 11.14
C GLN A 592 10.68 14.66 11.90
N LYS A 593 11.13 13.60 12.58
CA LYS A 593 10.24 12.69 13.27
C LYS A 593 10.85 12.31 14.62
N VAL A 594 10.00 11.94 15.57
CA VAL A 594 10.46 11.57 16.91
C VAL A 594 9.76 10.28 17.35
N LEU A 595 10.51 9.38 17.97
CA LEU A 595 9.96 8.14 18.49
C LEU A 595 10.11 8.12 20.01
N VAL A 596 8.99 8.00 20.71
CA VAL A 596 8.98 7.97 22.17
C VAL A 596 8.94 6.50 22.61
N THR A 597 9.91 6.06 23.46
CA THR A 597 9.87 4.68 23.95
C THR A 597 9.93 4.59 25.48
N VAL A 598 9.63 5.68 26.19
CA VAL A 598 9.77 5.73 27.64
C VAL A 598 8.76 4.79 28.29
N PRO A 599 9.03 4.34 29.52
CA PRO A 599 8.12 3.41 30.18
C PRO A 599 6.74 3.98 30.42
N LEU A 600 5.77 3.07 30.50
CA LEU A 600 4.37 3.45 30.72
C LEU A 600 4.21 4.37 31.93
N ALA A 601 4.89 4.07 33.05
CA ALA A 601 4.76 4.90 34.23
C ALA A 601 5.24 6.33 33.96
N LEU A 602 6.23 6.50 33.09
CA LEU A 602 6.67 7.87 32.81
C LEU A 602 5.69 8.60 31.91
N LEU A 603 4.96 7.88 31.03
CA LEU A 603 3.87 8.53 30.30
C LEU A 603 2.74 8.89 31.25
N GLN A 604 2.47 8.04 32.24
CA GLN A 604 1.37 8.35 33.16
C GLN A 604 1.69 9.58 34.01
N LYS A 605 2.95 9.74 34.42
CA LYS A 605 3.31 10.90 35.22
C LYS A 605 3.54 12.15 34.38
N GLY A 606 3.52 12.06 33.05
CA GLY A 606 3.63 13.24 32.22
C GLY A 606 4.99 13.89 32.25
N ALA A 607 6.05 13.10 32.45
CA ALA A 607 7.38 13.66 32.66
C ALA A 607 7.88 14.45 31.46
N ILE A 608 7.48 14.06 30.25
CA ILE A 608 7.75 14.84 29.05
C ILE A 608 6.51 15.65 28.71
N GLN A 609 6.67 16.94 28.52
CA GLN A 609 5.58 17.76 28.03
CA GLN A 609 5.60 17.80 28.03
C GLN A 609 5.55 17.73 26.51
N PHE A 610 4.37 17.47 25.97
CA PHE A 610 4.15 17.40 24.53
C PHE A 610 3.42 18.64 24.06
N ASN A 611 3.89 19.23 22.97
CA ASN A 611 3.23 20.39 22.40
C ASN A 611 3.01 20.17 20.90
N PRO A 612 1.75 20.04 20.43
CA PRO A 612 0.53 20.07 21.23
C PRO A 612 0.38 18.85 22.19
N PRO A 613 -0.47 18.96 23.19
CA PRO A 613 -0.55 17.89 24.19
C PRO A 613 -1.11 16.60 23.60
N LEU A 614 -0.73 15.46 24.19
CA LEU A 614 -1.33 14.20 23.79
C LEU A 614 -2.84 14.28 23.93
N SER A 615 -3.55 13.56 23.06
CA SER A 615 -5.01 13.66 23.05
C SER A 615 -5.61 13.05 24.32
N GLU A 616 -6.86 13.42 24.56
CA GLU A 616 -7.62 12.83 25.66
C GLU A 616 -7.76 11.33 25.49
N LYS A 617 -7.98 10.88 24.24
CA LYS A 617 -8.11 9.45 23.99
C LYS A 617 -6.80 8.72 24.27
N LYS A 618 -5.68 9.31 23.88
CA LYS A 618 -4.39 8.70 24.17
C LYS A 618 -4.12 8.67 25.67
N MET A 619 -4.50 9.74 26.41
CA MET A 619 -4.23 9.74 27.84
C MET A 619 -5.10 8.70 28.56
N LYS A 620 -6.34 8.51 28.11
CA LYS A 620 -7.19 7.51 28.74
C LYS A 620 -6.63 6.10 28.55
N ALA A 621 -6.13 5.79 27.34
CA ALA A 621 -5.51 4.48 27.13
C ALA A 621 -4.27 4.33 28.02
N ILE A 622 -3.39 5.34 28.01
CA ILE A 622 -2.21 5.32 28.86
C ILE A 622 -2.59 5.08 30.32
N ASN A 623 -3.65 5.74 30.80
CA ASN A 623 -4.01 5.62 32.21
C ASN A 623 -4.85 4.37 32.50
N SER A 624 -5.27 3.63 31.48
CA SER A 624 -6.04 2.40 31.69
C SER A 624 -5.15 1.18 31.92
N LEU A 625 -3.86 1.26 31.58
CA LEU A 625 -2.93 0.18 31.85
C LEU A 625 -2.25 0.40 33.21
N GLY A 626 -1.82 -0.68 33.83
CA GLY A 626 -1.15 -0.63 35.12
C GLY A 626 0.35 -0.75 34.96
N ALA A 627 1.09 0.00 35.77
CA ALA A 627 2.55 -0.08 35.77
C ALA A 627 2.95 -1.17 36.75
N GLY A 628 3.04 -2.40 36.26
CA GLY A 628 3.36 -3.51 37.15
C GLY A 628 4.80 -3.46 37.62
N ILE A 629 5.06 -4.15 38.73
CA ILE A 629 6.36 -4.06 39.37
C ILE A 629 6.67 -5.40 40.04
N ILE A 630 7.92 -5.83 39.89
CA ILE A 630 8.56 -6.82 40.73
C ILE A 630 9.94 -6.26 41.03
N GLU A 631 10.58 -6.79 42.07
CA GLU A 631 11.99 -6.52 42.33
C GLU A 631 12.74 -7.85 42.48
N LYS A 632 14.05 -7.76 42.42
CA LYS A 632 14.89 -8.95 42.43
C LYS A 632 15.96 -8.79 43.51
N ILE A 633 16.35 -9.92 44.09
CA ILE A 633 17.54 -9.99 44.93
C ILE A 633 18.43 -11.10 44.34
N ALA A 634 19.73 -10.88 44.32
CA ALA A 634 20.69 -11.90 43.92
C ALA A 634 21.71 -12.07 45.04
N LEU A 635 22.10 -13.32 45.31
CA LEU A 635 22.96 -13.61 46.45
C LEU A 635 24.04 -14.58 46.02
N GLN A 636 25.29 -14.24 46.30
CA GLN A 636 26.40 -15.14 46.06
C GLN A 636 26.83 -15.80 47.37
N PHE A 637 27.10 -17.10 47.31
CA PHE A 637 27.46 -17.90 48.46
C PHE A 637 28.81 -18.59 48.22
N PRO A 638 29.53 -18.97 49.30
CA PRO A 638 30.81 -19.69 49.10
C PRO A 638 30.65 -21.07 48.47
N TYR A 639 29.48 -21.69 48.51
CA TYR A 639 29.32 -23.02 47.96
C TYR A 639 27.83 -23.26 47.72
N ARG A 640 27.53 -24.29 46.93
CA ARG A 640 26.16 -24.56 46.52
C ARG A 640 25.47 -25.38 47.61
N PHE A 641 25.09 -24.69 48.68
CA PHE A 641 24.57 -25.37 49.88
C PHE A 641 23.27 -26.09 49.61
N TRP A 642 22.58 -25.74 48.52
CA TRP A 642 21.27 -26.30 48.24
C TRP A 642 21.31 -27.59 47.40
N ASP A 643 22.49 -28.02 46.92
CA ASP A 643 22.55 -29.10 45.93
C ASP A 643 21.98 -30.41 46.46
N SER A 644 22.31 -30.76 47.72
CA SER A 644 21.82 -32.02 48.27
C SER A 644 20.29 -32.10 48.26
N LYS A 645 19.63 -30.98 48.58
CA LYS A 645 18.17 -31.00 48.67
C LYS A 645 17.48 -30.70 47.34
N VAL A 646 18.06 -29.82 46.54
CA VAL A 646 17.40 -29.37 45.31
C VAL A 646 17.73 -30.29 44.13
N GLN A 647 18.89 -30.96 44.15
CA GLN A 647 19.20 -32.04 43.21
C GLN A 647 19.20 -31.56 41.75
N GLY A 648 19.75 -30.37 41.51
CA GLY A 648 19.97 -29.91 40.15
C GLY A 648 18.80 -29.20 39.48
N ALA A 649 17.64 -29.08 40.13
CA ALA A 649 16.53 -28.34 39.52
C ALA A 649 16.95 -26.89 39.29
N ASP A 650 16.33 -26.25 38.28
CA ASP A 650 16.68 -24.87 37.93
C ASP A 650 16.21 -23.86 38.97
N PHE A 651 15.19 -24.21 39.76
CA PHE A 651 14.57 -23.30 40.70
C PHE A 651 13.88 -24.14 41.76
N PHE A 652 13.55 -23.49 42.88
CA PHE A 652 12.67 -24.08 43.88
C PHE A 652 11.68 -23.03 44.37
N GLY A 653 10.49 -23.49 44.74
CA GLY A 653 9.47 -22.61 45.24
C GLY A 653 9.52 -22.49 46.75
N HIS A 654 8.94 -21.40 47.24
CA HIS A 654 8.89 -21.06 48.66
C HIS A 654 7.41 -20.96 49.03
N VAL A 655 6.92 -21.91 49.81
CA VAL A 655 5.52 -21.91 50.24
C VAL A 655 5.30 -20.75 51.20
N PRO A 656 4.39 -19.82 50.91
CA PRO A 656 4.20 -18.67 51.79
C PRO A 656 3.49 -19.10 53.06
N PRO A 657 4.03 -18.72 54.23
CA PRO A 657 3.41 -19.19 55.49
C PRO A 657 2.09 -18.49 55.79
N SER A 658 1.90 -17.28 55.29
CA SER A 658 0.62 -16.56 55.41
C SER A 658 0.40 -15.74 54.16
N ALA A 659 -0.85 -15.36 53.92
CA ALA A 659 -1.15 -14.50 52.78
C ALA A 659 -0.45 -13.14 52.92
N SER A 660 -0.25 -12.65 54.14
CA SER A 660 0.54 -11.43 54.32
C SER A 660 1.93 -11.54 53.71
N LYS A 661 2.45 -12.75 53.52
CA LYS A 661 3.79 -12.94 52.97
C LYS A 661 3.78 -13.46 51.53
N ARG A 662 2.62 -13.46 50.88
CA ARG A 662 2.54 -13.88 49.48
C ARG A 662 3.49 -13.03 48.63
N GLY A 663 4.24 -13.67 47.74
CA GLY A 663 5.11 -12.92 46.86
C GLY A 663 6.47 -12.56 47.43
N LEU A 664 6.75 -12.85 48.71
CA LEU A 664 8.04 -12.50 49.30
C LEU A 664 9.01 -13.66 49.05
N PHE A 665 9.85 -13.52 48.02
CA PHE A 665 10.85 -14.54 47.66
C PHE A 665 10.15 -15.87 47.36
N ALA A 666 9.21 -15.82 46.42
CA ALA A 666 8.39 -17.01 46.14
C ALA A 666 9.15 -18.08 45.37
N VAL A 667 10.09 -17.68 44.52
CA VAL A 667 10.86 -18.59 43.69
C VAL A 667 12.33 -18.24 43.83
N PHE A 668 13.18 -19.24 44.00
CA PHE A 668 14.62 -19.05 43.99
C PHE A 668 15.16 -19.70 42.73
N TYR A 669 16.00 -18.97 41.98
CA TYR A 669 16.61 -19.43 40.75
C TYR A 669 18.08 -19.75 40.96
N ASP A 670 18.50 -20.94 40.54
CA ASP A 670 19.92 -21.31 40.49
C ASP A 670 20.50 -20.67 39.24
N MET A 671 21.41 -19.72 39.41
CA MET A 671 21.84 -18.89 38.28
C MET A 671 23.00 -19.49 37.49
N ASP A 672 23.45 -20.72 37.80
CA ASP A 672 24.45 -21.40 37.00
C ASP A 672 23.92 -22.73 36.47
N PRO A 673 23.42 -22.78 35.23
CA PRO A 673 22.93 -24.05 34.67
C PRO A 673 23.99 -25.15 34.57
N GLN A 674 25.28 -24.81 34.65
CA GLN A 674 26.33 -25.80 34.68
C GLN A 674 26.67 -26.27 36.09
N LYS A 675 25.98 -25.76 37.12
CA LYS A 675 26.03 -26.28 38.48
C LYS A 675 27.42 -26.16 39.10
N LYS A 676 28.16 -25.12 38.76
CA LYS A 676 29.49 -24.92 39.32
C LYS A 676 29.52 -23.77 40.31
N HIS A 677 28.95 -22.62 39.94
CA HIS A 677 28.98 -21.44 40.79
C HIS A 677 27.76 -21.42 41.69
N SER A 678 27.79 -20.56 42.72
CA SER A 678 26.75 -20.53 43.75
C SER A 678 26.13 -19.14 43.84
N VAL A 679 25.16 -18.88 42.98
CA VAL A 679 24.42 -17.63 42.99
C VAL A 679 22.94 -17.98 42.91
N LEU A 680 22.16 -17.51 43.88
CA LEU A 680 20.71 -17.60 43.79
C LEU A 680 20.13 -16.21 43.48
N MET A 681 19.02 -16.22 42.76
CA MET A 681 18.26 -15.01 42.49
C MET A 681 16.83 -15.27 42.92
N SER A 682 16.20 -14.28 43.56
CA SER A 682 14.80 -14.45 43.93
C SER A 682 14.02 -13.19 43.58
N VAL A 683 12.71 -13.29 43.65
CA VAL A 683 11.81 -12.26 43.16
C VAL A 683 10.90 -11.80 44.29
N ILE A 684 10.60 -10.51 44.31
CA ILE A 684 9.64 -9.91 45.22
C ILE A 684 8.47 -9.42 44.38
N ALA A 685 7.26 -9.93 44.64
CA ALA A 685 6.14 -9.69 43.74
C ALA A 685 4.86 -9.45 44.54
N GLY A 686 3.85 -8.90 43.87
CA GLY A 686 2.57 -8.70 44.53
C GLY A 686 2.66 -7.73 45.69
N GLU A 687 1.90 -8.03 46.75
CA GLU A 687 1.89 -7.20 47.96
C GLU A 687 3.26 -7.11 48.61
N ALA A 688 4.13 -8.09 48.37
CA ALA A 688 5.45 -8.05 48.99
C ALA A 688 6.27 -6.84 48.52
N VAL A 689 6.01 -6.32 47.31
CA VAL A 689 6.77 -5.16 46.83
C VAL A 689 6.58 -3.98 47.78
N ALA A 690 5.34 -3.70 48.17
CA ALA A 690 5.10 -2.60 49.09
C ALA A 690 5.80 -2.84 50.43
N SER A 691 5.90 -4.10 50.86
CA SER A 691 6.52 -4.34 52.15
C SER A 691 8.02 -4.05 52.11
N VAL A 692 8.70 -4.24 50.97
CA VAL A 692 10.13 -3.95 50.96
C VAL A 692 10.47 -2.50 50.61
N ARG A 693 9.46 -1.66 50.34
CA ARG A 693 9.69 -0.29 49.91
CA ARG A 693 9.75 -0.30 49.89
C ARG A 693 10.39 0.53 50.99
N THR A 694 10.05 0.31 52.25
CA THR A 694 10.66 1.06 53.34
C THR A 694 11.76 0.28 54.07
N LEU A 695 12.22 -0.83 53.50
CA LEU A 695 13.34 -1.59 54.04
C LEU A 695 14.60 -1.25 53.26
N ASP A 696 15.70 -1.00 53.96
CA ASP A 696 16.92 -0.78 53.19
C ASP A 696 17.44 -2.13 52.68
N ASP A 697 18.53 -2.09 51.91
CA ASP A 697 18.97 -3.29 51.22
C ASP A 697 19.37 -4.37 52.21
N LYS A 698 20.08 -3.98 53.27
CA LYS A 698 20.52 -4.94 54.27
C LYS A 698 19.31 -5.59 54.95
N GLN A 699 18.25 -4.83 55.17
CA GLN A 699 17.05 -5.41 55.77
C GLN A 699 16.37 -6.39 54.84
N VAL A 700 16.36 -6.09 53.52
CA VAL A 700 15.85 -7.06 52.57
C VAL A 700 16.71 -8.32 52.58
N LEU A 701 18.03 -8.14 52.52
CA LEU A 701 18.95 -9.27 52.57
C LEU A 701 18.69 -10.13 53.80
N GLN A 702 18.55 -9.48 54.96
CA GLN A 702 18.29 -10.20 56.20
C GLN A 702 17.01 -11.03 56.14
N GLN A 703 15.94 -10.45 55.60
CA GLN A 703 14.70 -11.22 55.46
C GLN A 703 14.88 -12.37 54.48
N CYS A 704 15.64 -12.15 53.41
CA CYS A 704 15.85 -13.23 52.46
C CYS A 704 16.68 -14.35 53.08
N MET A 705 17.72 -14.00 53.83
CA MET A 705 18.53 -15.04 54.49
C MET A 705 17.73 -15.76 55.57
N ALA A 706 16.84 -15.06 56.29
CA ALA A 706 15.99 -15.76 57.27
C ALA A 706 15.04 -16.71 56.56
N THR A 707 14.51 -16.31 55.41
CA THR A 707 13.71 -17.20 54.58
C THR A 707 14.50 -18.42 54.13
N LEU A 708 15.72 -18.23 53.61
CA LEU A 708 16.49 -19.38 53.18
C LEU A 708 16.80 -20.32 54.34
N ARG A 709 17.12 -19.78 55.52
CA ARG A 709 17.46 -20.68 56.60
C ARG A 709 16.23 -21.42 57.11
N GLU A 710 15.04 -20.84 56.97
CA GLU A 710 13.80 -21.60 57.23
C GLU A 710 13.58 -22.66 56.17
N LEU A 711 13.82 -22.34 54.89
CA LEU A 711 13.63 -23.32 53.83
C LEU A 711 14.61 -24.47 53.96
N PHE A 712 15.79 -24.22 54.51
CA PHE A 712 16.83 -25.23 54.70
C PHE A 712 17.08 -25.44 56.18
N LYS A 713 15.99 -25.47 56.95
CA LYS A 713 16.08 -25.50 58.41
C LYS A 713 16.86 -26.70 58.93
N GLU A 714 16.87 -27.83 58.22
CA GLU A 714 17.56 -29.01 58.70
C GLU A 714 19.07 -28.94 58.49
N GLN A 715 19.61 -27.88 57.89
CA GLN A 715 21.03 -27.82 57.61
C GLN A 715 21.55 -26.40 57.83
N GLU A 716 22.86 -26.24 57.67
CA GLU A 716 23.50 -24.94 57.76
C GLU A 716 23.48 -24.25 56.40
N VAL A 717 23.17 -22.95 56.40
CA VAL A 717 23.25 -22.11 55.21
C VAL A 717 24.35 -21.09 55.44
N PRO A 718 25.33 -20.97 54.55
CA PRO A 718 26.39 -19.98 54.72
C PRO A 718 25.85 -18.56 54.52
N ASP A 719 26.57 -17.59 55.10
CA ASP A 719 26.26 -16.19 54.85
C ASP A 719 26.56 -15.87 53.40
N PRO A 720 25.81 -14.96 52.79
CA PRO A 720 26.16 -14.53 51.43
C PRO A 720 27.36 -13.59 51.47
N THR A 721 28.18 -13.65 50.41
CA THR A 721 29.37 -12.83 50.30
C THR A 721 29.22 -11.67 49.33
N LYS A 722 28.11 -11.58 48.64
CA LYS A 722 27.85 -10.51 47.70
C LYS A 722 26.38 -10.56 47.35
N TYR A 723 25.77 -9.40 47.13
CA TYR A 723 24.35 -9.40 46.82
C TYR A 723 23.97 -8.07 46.19
N PHE A 724 22.81 -8.07 45.52
CA PHE A 724 22.16 -6.82 45.18
C PHE A 724 20.66 -6.96 45.45
N VAL A 725 20.03 -5.80 45.64
CA VAL A 725 18.58 -5.66 45.75
C VAL A 725 18.15 -4.58 44.76
N THR A 726 17.24 -4.90 43.85
CA THR A 726 16.87 -3.88 42.87
C THR A 726 15.84 -2.92 43.44
N ARG A 727 15.78 -1.72 42.85
CA ARG A 727 14.82 -0.68 43.20
C ARG A 727 14.19 -0.07 41.93
N TRP A 728 13.70 -0.93 41.04
CA TRP A 728 13.10 -0.44 39.80
C TRP A 728 11.94 0.51 40.09
N SER A 729 11.16 0.23 41.13
CA SER A 729 9.98 1.05 41.36
C SER A 729 10.33 2.47 41.74
N THR A 730 11.55 2.74 42.19
CA THR A 730 11.91 4.11 42.50
C THR A 730 13.02 4.63 41.61
N ASP A 731 13.37 3.90 40.55
CA ASP A 731 14.29 4.42 39.59
C ASP A 731 13.56 5.50 38.78
N PRO A 732 14.01 6.76 38.83
CA PRO A 732 13.15 7.87 38.37
C PRO A 732 12.70 7.78 36.93
N TRP A 733 13.49 7.19 36.04
CA TRP A 733 13.14 7.15 34.62
C TRP A 733 12.50 5.83 34.20
N ILE A 734 12.22 4.93 35.14
CA ILE A 734 11.60 3.66 34.81
C ILE A 734 10.36 3.44 35.68
N GLN A 735 10.54 3.31 37.01
CA GLN A 735 9.46 3.27 37.99
C GLN A 735 8.50 2.08 37.81
N MET A 736 8.94 0.98 37.18
CA MET A 736 8.05 -0.16 36.94
C MET A 736 8.89 -1.31 36.44
N ALA A 737 8.23 -2.47 36.29
CA ALA A 737 8.83 -3.61 35.62
C ALA A 737 8.14 -3.96 34.32
N TYR A 738 6.79 -4.01 34.29
CA TYR A 738 6.09 -4.28 33.03
C TYR A 738 4.61 -4.01 33.20
N SER A 739 3.94 -3.77 32.09
CA SER A 739 2.54 -3.34 32.08
C SER A 739 1.58 -4.52 32.28
N PHE A 740 0.35 -4.17 32.66
CA PHE A 740 -0.79 -5.09 32.69
C PHE A 740 -2.04 -4.26 32.47
N VAL A 741 -3.17 -4.92 32.23
CA VAL A 741 -4.44 -4.22 32.06
C VAL A 741 -5.14 -4.08 33.41
N LYS A 742 -5.36 -2.83 33.82
CA LYS A 742 -6.08 -2.51 35.05
C LYS A 742 -7.57 -2.73 34.87
N THR A 743 -8.24 -2.97 35.99
CA THR A 743 -9.69 -3.07 36.03
C THR A 743 -10.34 -1.97 35.19
N GLY A 744 -11.31 -2.36 34.38
CA GLY A 744 -11.96 -1.43 33.47
C GLY A 744 -11.23 -1.16 32.18
N GLY A 745 -9.98 -1.62 32.03
CA GLY A 745 -9.23 -1.38 30.81
C GLY A 745 -9.45 -2.45 29.74
N SER A 746 -8.82 -2.24 28.59
CA SER A 746 -8.93 -3.18 27.48
C SER A 746 -7.56 -3.39 26.85
N GLY A 747 -7.36 -4.57 26.25
CA GLY A 747 -6.15 -4.80 25.47
C GLY A 747 -5.99 -3.83 24.32
N GLU A 748 -7.10 -3.26 23.82
CA GLU A 748 -7.02 -2.22 22.79
C GLU A 748 -6.14 -1.04 23.22
N ALA A 749 -5.97 -0.79 24.52
CA ALA A 749 -5.16 0.35 24.94
C ALA A 749 -3.73 0.27 24.38
N TYR A 750 -3.18 -0.94 24.28
CA TYR A 750 -1.85 -1.10 23.70
C TYR A 750 -1.80 -0.56 22.27
N ASP A 751 -2.84 -0.82 21.48
CA ASP A 751 -2.89 -0.28 20.12
C ASP A 751 -3.02 1.23 20.12
N ILE A 752 -3.83 1.78 21.02
CA ILE A 752 -4.05 3.22 21.04
C ILE A 752 -2.76 3.96 21.36
N ILE A 753 -2.01 3.47 22.35
CA ILE A 753 -0.74 4.09 22.67
C ILE A 753 0.21 4.00 21.48
N ALA A 754 0.16 2.88 20.75
CA ALA A 754 1.03 2.69 19.60
C ALA A 754 0.69 3.59 18.41
N GLU A 755 -0.45 4.27 18.43
CA GLU A 755 -0.88 5.00 17.24
C GLU A 755 -0.07 6.27 17.07
N ASP A 756 0.49 6.49 15.88
CA ASP A 756 1.32 7.68 15.68
C ASP A 756 0.45 8.93 15.64
N ILE A 757 1.09 10.07 15.91
CA ILE A 757 0.44 11.39 15.82
C ILE A 757 1.00 12.08 14.59
N GLN A 758 0.10 12.37 13.63
CA GLN A 758 0.41 13.21 12.47
C GLN A 758 1.56 12.67 11.62
N GLY A 759 1.82 11.36 11.68
CA GLY A 759 2.99 10.84 11.00
C GLY A 759 4.27 11.45 11.47
N THR A 760 4.29 11.98 12.68
CA THR A 760 5.41 12.78 13.18
C THR A 760 5.91 12.29 14.54
N VAL A 761 5.01 11.98 15.46
CA VAL A 761 5.36 11.43 16.78
C VAL A 761 4.92 9.98 16.78
N PHE A 762 5.87 9.08 17.03
CA PHE A 762 5.66 7.64 17.05
C PHE A 762 5.94 7.12 18.45
N PHE A 763 5.36 5.97 18.78
CA PHE A 763 5.45 5.40 20.12
C PHE A 763 5.80 3.92 20.04
N ALA A 764 6.78 3.51 20.83
CA ALA A 764 7.13 2.11 20.96
C ALA A 764 7.37 1.81 22.44
N GLY A 765 7.62 0.53 22.73
CA GLY A 765 7.85 0.08 24.09
C GLY A 765 6.95 -1.11 24.42
N GLU A 766 7.25 -1.85 25.49
CA GLU A 766 6.46 -3.03 25.81
C GLU A 766 5.00 -2.67 26.07
N ALA A 767 4.72 -1.48 26.57
CA ALA A 767 3.33 -1.10 26.79
C ALA A 767 2.63 -0.63 25.52
N THR A 768 3.26 -0.79 24.34
CA THR A 768 2.60 -0.49 23.06
C THR A 768 2.42 -1.71 22.20
N ASN A 769 2.75 -2.91 22.70
CA ASN A 769 2.68 -4.12 21.90
C ASN A 769 1.54 -4.98 22.42
N ARG A 770 0.42 -4.96 21.67
CA ARG A 770 -0.80 -5.62 22.12
C ARG A 770 -0.66 -7.14 22.11
N HIS A 771 -0.07 -7.72 21.06
CA HIS A 771 0.13 -9.17 21.00
C HIS A 771 1.16 -9.64 22.03
N PHE A 772 2.22 -8.87 22.23
CA PHE A 772 3.36 -9.30 23.04
C PHE A 772 3.69 -8.23 24.08
N PRO A 773 2.79 -7.99 25.03
CA PRO A 773 3.09 -7.02 26.09
C PRO A 773 4.15 -7.55 27.05
N GLN A 774 4.74 -6.61 27.81
CA GLN A 774 5.57 -6.88 28.99
C GLN A 774 7.03 -7.24 28.71
N THR A 775 7.34 -7.86 27.57
CA THR A 775 8.60 -8.55 27.38
C THR A 775 9.63 -7.73 26.61
N VAL A 776 10.89 -8.16 26.73
CA VAL A 776 11.94 -7.61 25.86
C VAL A 776 11.61 -7.91 24.41
N THR A 777 11.11 -9.12 24.14
CA THR A 777 10.72 -9.48 22.78
C THR A 777 9.68 -8.50 22.22
N GLY A 778 8.62 -8.24 22.98
CA GLY A 778 7.59 -7.34 22.49
C GLY A 778 8.05 -5.90 22.38
N ALA A 779 8.92 -5.46 23.30
CA ALA A 779 9.50 -4.12 23.18
C ALA A 779 10.37 -4.02 21.93
N TYR A 780 11.28 -4.98 21.74
CA TYR A 780 12.06 -5.08 20.51
C TYR A 780 11.17 -5.01 19.25
N LEU A 781 10.12 -5.84 19.21
CA LEU A 781 9.26 -5.87 18.03
C LEU A 781 8.52 -4.57 17.84
N SER A 782 8.20 -3.88 18.94
CA SER A 782 7.52 -2.59 18.81
C SER A 782 8.45 -1.57 18.18
N GLY A 783 9.74 -1.60 18.52
CA GLY A 783 10.69 -0.71 17.87
C GLY A 783 10.86 -1.01 16.39
N VAL A 784 10.93 -2.29 16.04
CA VAL A 784 11.01 -2.68 14.62
C VAL A 784 9.77 -2.21 13.87
N ARG A 785 8.60 -2.36 14.49
CA ARG A 785 7.34 -1.90 13.91
C ARG A 785 7.38 -0.40 13.63
N GLU A 786 7.88 0.40 14.59
CA GLU A 786 7.86 1.84 14.40
C GLU A 786 8.90 2.26 13.37
N ALA A 787 10.05 1.59 13.32
CA ALA A 787 11.00 1.87 12.24
C ALA A 787 10.37 1.59 10.88
N SER A 788 9.53 0.57 10.80
CA SER A 788 8.85 0.26 9.55
C SER A 788 7.90 1.39 9.16
N LYS A 789 7.09 1.86 10.11
CA LYS A 789 6.21 3.00 9.88
C LYS A 789 7.01 4.22 9.42
N ILE A 790 8.11 4.51 10.13
CA ILE A 790 8.87 5.71 9.87
C ILE A 790 9.52 5.67 8.50
N ALA A 791 10.05 4.51 8.11
CA ALA A 791 10.73 4.38 6.83
C ALA A 791 9.77 4.40 5.65
N ALA A 792 8.48 4.19 5.88
CA ALA A 792 7.55 4.11 4.77
C ALA A 792 7.27 5.48 4.14
N PHE A 793 7.37 6.56 4.92
CA PHE A 793 6.93 7.88 4.43
C PHE A 793 7.67 8.38 3.19
N LYS B 20 -22.29 -43.83 -0.42
CA LYS B 20 -23.02 -42.60 -0.71
C LYS B 20 -23.12 -41.71 0.54
N TYR B 21 -22.93 -40.41 0.37
CA TYR B 21 -22.97 -39.45 1.46
C TYR B 21 -24.03 -38.38 1.18
N ARG B 22 -24.70 -37.93 2.24
CA ARG B 22 -25.73 -36.91 2.12
C ARG B 22 -25.22 -35.49 2.39
N LYS B 23 -24.12 -35.34 3.12
CA LYS B 23 -23.58 -34.02 3.40
C LYS B 23 -22.69 -33.53 2.27
N CYS B 24 -22.37 -32.23 2.29
CA CYS B 24 -21.51 -31.67 1.27
C CYS B 24 -20.05 -32.02 1.52
N GLU B 25 -19.30 -32.12 0.41
CA GLU B 25 -17.86 -32.37 0.48
C GLU B 25 -17.15 -31.34 1.35
N LYS B 26 -17.50 -30.06 1.18
CA LYS B 26 -16.78 -28.96 1.80
C LYS B 26 -17.12 -28.86 3.28
N ALA B 27 -16.11 -28.53 4.09
CA ALA B 27 -16.35 -28.24 5.49
C ALA B 27 -16.79 -26.80 5.65
N GLY B 28 -17.63 -26.56 6.65
CA GLY B 28 -18.17 -25.22 6.80
C GLY B 28 -19.21 -24.82 5.79
N CYS B 29 -19.67 -25.76 4.95
CA CYS B 29 -20.81 -25.50 4.08
C CYS B 29 -22.08 -25.56 4.92
N THR B 30 -22.98 -24.59 4.68
CA THR B 30 -24.19 -24.48 5.48
C THR B 30 -25.33 -25.37 4.98
N ALA B 31 -25.23 -25.91 3.77
CA ALA B 31 -26.31 -26.71 3.21
C ALA B 31 -26.54 -27.98 4.03
N THR B 32 -27.65 -28.02 4.78
CA THR B 32 -27.94 -29.22 5.55
C THR B 32 -28.28 -30.40 4.64
N CYS B 33 -29.02 -30.14 3.57
CA CYS B 33 -29.32 -31.17 2.57
C CYS B 33 -29.02 -30.61 1.19
N PRO B 34 -27.89 -30.98 0.60
CA PRO B 34 -27.60 -30.58 -0.78
C PRO B 34 -28.60 -31.22 -1.74
N VAL B 35 -28.83 -30.55 -2.86
CA VAL B 35 -29.70 -31.04 -3.91
C VAL B 35 -29.03 -30.71 -5.24
N CYS B 36 -29.14 -31.62 -6.21
CA CYS B 36 -28.42 -31.43 -7.47
C CYS B 36 -29.19 -30.47 -8.37
N PHE B 37 -28.52 -29.40 -8.79
CA PHE B 37 -29.12 -28.45 -9.72
C PHE B 37 -29.08 -28.93 -11.16
N ALA B 38 -28.21 -29.89 -11.47
CA ALA B 38 -27.93 -30.19 -12.87
C ALA B 38 -28.96 -31.13 -13.47
N SER B 39 -29.26 -32.23 -12.78
CA SER B 39 -30.14 -33.28 -13.31
C SER B 39 -29.75 -33.65 -14.73
N ALA B 40 -28.46 -33.90 -14.93
CA ALA B 40 -27.93 -34.22 -16.26
C ALA B 40 -27.89 -35.72 -16.51
N SER B 41 -27.49 -36.50 -15.52
CA SER B 41 -27.47 -37.94 -15.64
C SER B 41 -28.85 -38.51 -15.28
N GLU B 42 -29.20 -39.61 -15.95
CA GLU B 42 -30.47 -40.27 -15.63
C GLU B 42 -30.47 -40.87 -14.24
N ARG B 43 -29.29 -41.13 -13.66
CA ARG B 43 -29.17 -41.56 -12.27
C ARG B 43 -28.86 -40.39 -11.34
N CYS B 44 -29.34 -39.19 -11.66
CA CYS B 44 -29.11 -38.03 -10.82
C CYS B 44 -29.60 -38.31 -9.40
N ALA B 45 -28.72 -38.06 -8.42
CA ALA B 45 -29.08 -38.30 -7.02
C ALA B 45 -30.21 -37.40 -6.54
N LYS B 46 -30.64 -36.43 -7.34
CA LYS B 46 -31.73 -35.53 -7.00
C LYS B 46 -31.45 -34.80 -5.69
N ASN B 47 -31.99 -35.32 -4.59
CA ASN B 47 -31.81 -34.66 -3.29
C ASN B 47 -31.47 -35.64 -2.17
N GLY B 48 -31.10 -36.87 -2.50
CA GLY B 48 -30.74 -37.84 -1.49
C GLY B 48 -29.26 -38.14 -1.43
N TYR B 49 -28.90 -39.41 -1.66
CA TYR B 49 -27.54 -39.87 -1.49
C TYR B 49 -26.79 -39.93 -2.83
N THR B 50 -25.50 -39.64 -2.76
CA THR B 50 -24.59 -39.77 -3.89
C THR B 50 -23.22 -40.08 -3.34
N SER B 51 -22.38 -40.69 -4.17
CA SER B 51 -21.00 -40.96 -3.74
C SER B 51 -20.30 -39.66 -3.34
N ARG B 52 -20.59 -38.56 -4.03
CA ARG B 52 -20.02 -37.27 -3.64
C ARG B 52 -20.93 -36.13 -4.10
N TRP B 53 -21.07 -35.12 -3.24
CA TRP B 53 -21.74 -33.87 -3.58
C TRP B 53 -20.68 -32.82 -3.90
N TYR B 54 -20.68 -32.34 -5.14
CA TYR B 54 -19.70 -31.33 -5.56
C TYR B 54 -20.22 -29.92 -5.27
N HIS B 55 -19.38 -29.12 -4.62
CA HIS B 55 -19.78 -27.83 -4.08
C HIS B 55 -19.36 -26.69 -5.00
N LEU B 56 -20.32 -25.89 -5.43
CA LEU B 56 -20.06 -24.60 -6.09
C LEU B 56 -20.27 -23.43 -5.13
N SER B 57 -21.36 -23.45 -4.38
CA SER B 57 -21.64 -22.45 -3.36
C SER B 57 -22.42 -23.13 -2.25
N CYS B 58 -22.80 -22.36 -1.24
CA CYS B 58 -23.58 -22.93 -0.15
C CYS B 58 -25.00 -23.31 -0.56
N GLY B 59 -25.49 -22.83 -1.71
CA GLY B 59 -26.81 -23.19 -2.17
C GLY B 59 -26.83 -24.06 -3.42
N GLU B 60 -25.66 -24.34 -3.98
CA GLU B 60 -25.56 -24.94 -5.31
C GLU B 60 -24.60 -26.12 -5.28
N HIS B 61 -25.12 -27.33 -5.51
CA HIS B 61 -24.35 -28.56 -5.55
C HIS B 61 -24.80 -29.39 -6.75
N PHE B 62 -23.90 -30.25 -7.21
CA PHE B 62 -24.27 -31.26 -8.19
C PHE B 62 -23.66 -32.59 -7.78
N CYS B 63 -24.41 -33.67 -8.07
CA CYS B 63 -24.05 -35.00 -7.61
C CYS B 63 -22.97 -35.61 -8.50
N ASN B 64 -22.39 -36.71 -8.00
CA ASN B 64 -21.30 -37.37 -8.70
C ASN B 64 -21.77 -37.97 -10.03
N GLU B 65 -23.04 -38.38 -10.11
CA GLU B 65 -23.56 -38.91 -11.36
C GLU B 65 -23.57 -37.83 -12.44
N CYS B 66 -24.09 -36.65 -12.11
CA CYS B 66 -24.09 -35.58 -13.10
C CYS B 66 -22.69 -35.07 -13.37
N PHE B 67 -21.78 -35.22 -12.39
CA PHE B 67 -20.36 -35.00 -12.65
C PHE B 67 -19.86 -35.92 -13.76
N ASP B 68 -20.16 -37.22 -13.65
CA ASP B 68 -19.64 -38.17 -14.63
C ASP B 68 -20.32 -38.02 -15.99
N HIS B 69 -21.58 -37.55 -16.02
CA HIS B 69 -22.26 -37.38 -17.30
C HIS B 69 -21.44 -36.52 -18.26
N TYR B 70 -20.72 -35.53 -17.74
CA TYR B 70 -19.91 -34.65 -18.58
C TYR B 70 -18.44 -35.02 -18.59
N TYR B 71 -17.92 -35.60 -17.51
CA TYR B 71 -16.48 -35.77 -17.37
C TYR B 71 -15.98 -37.06 -18.03
N ARG B 72 -16.61 -38.19 -17.73
CA ARG B 72 -16.12 -39.49 -18.19
C ARG B 72 -16.26 -39.64 -19.70
N SER B 73 -15.23 -40.23 -20.32
CA SER B 73 -15.18 -40.34 -21.77
C SER B 73 -16.29 -41.23 -22.32
N HIS B 74 -16.76 -42.18 -21.54
CA HIS B 74 -17.76 -43.15 -21.97
C HIS B 74 -19.19 -42.67 -21.76
N LYS B 75 -19.38 -41.46 -21.25
CA LYS B 75 -20.71 -40.95 -20.90
C LYS B 75 -21.21 -39.95 -21.93
N ASP B 76 -22.50 -39.63 -21.83
CA ASP B 76 -23.23 -38.91 -22.86
C ASP B 76 -22.74 -37.49 -23.11
N GLY B 77 -22.97 -36.57 -22.16
CA GLY B 77 -22.60 -35.18 -22.33
C GLY B 77 -21.11 -34.87 -22.44
N TYR B 78 -20.30 -35.92 -22.63
CA TYR B 78 -18.85 -35.74 -22.75
C TYR B 78 -18.49 -34.91 -23.98
N ASP B 79 -19.23 -35.05 -25.07
CA ASP B 79 -18.93 -34.28 -26.27
C ASP B 79 -19.15 -32.80 -26.05
N LYS B 80 -20.18 -32.43 -25.29
CA LYS B 80 -20.41 -31.01 -25.02
C LYS B 80 -19.36 -30.46 -24.06
N TYR B 81 -18.80 -31.32 -23.20
CA TYR B 81 -17.78 -30.87 -22.26
C TYR B 81 -16.45 -30.62 -22.96
N THR B 82 -16.01 -31.57 -23.79
CA THR B 82 -14.73 -31.41 -24.49
C THR B 82 -14.80 -30.28 -25.51
N THR B 83 -15.95 -30.10 -26.16
CA THR B 83 -16.18 -28.92 -26.98
C THR B 83 -15.93 -27.65 -26.18
N TRP B 84 -16.66 -27.50 -25.07
CA TRP B 84 -16.45 -26.36 -24.17
C TRP B 84 -14.99 -26.26 -23.75
N LYS B 85 -14.38 -27.38 -23.40
CA LYS B 85 -13.01 -27.37 -22.89
C LYS B 85 -12.04 -26.84 -23.96
N LYS B 86 -12.27 -27.19 -25.22
CA LYS B 86 -11.40 -26.69 -26.28
C LYS B 86 -11.53 -25.18 -26.45
N ILE B 87 -12.77 -24.67 -26.44
CA ILE B 87 -12.97 -23.22 -26.55
C ILE B 87 -12.36 -22.52 -25.35
N TRP B 88 -12.52 -23.09 -24.16
CA TRP B 88 -12.05 -22.45 -22.94
C TRP B 88 -10.53 -22.32 -22.94
N THR B 89 -9.83 -23.42 -23.18
CA THR B 89 -8.38 -23.39 -23.23
C THR B 89 -7.86 -22.56 -24.40
N SER B 90 -8.67 -22.40 -25.45
CA SER B 90 -8.28 -21.59 -26.59
C SER B 90 -8.40 -20.10 -26.32
N ASN B 91 -9.27 -19.69 -25.39
CA ASN B 91 -9.56 -18.28 -25.15
C ASN B 91 -9.18 -17.79 -23.77
N GLY B 92 -9.01 -18.67 -22.79
CA GLY B 92 -8.88 -18.26 -21.42
C GLY B 92 -7.56 -18.69 -20.79
N LYS B 93 -7.41 -18.30 -19.53
CA LYS B 93 -6.21 -18.52 -18.74
C LYS B 93 -6.39 -19.50 -17.59
N THR B 94 -7.59 -19.62 -17.03
CA THR B 94 -7.85 -20.51 -15.91
C THR B 94 -8.12 -21.92 -16.41
N GLU B 95 -8.01 -22.89 -15.50
CA GLU B 95 -8.11 -24.29 -15.89
C GLU B 95 -9.56 -24.66 -16.18
N PRO B 96 -9.81 -25.42 -17.25
CA PRO B 96 -11.13 -26.03 -17.40
C PRO B 96 -11.27 -27.13 -16.36
N SER B 97 -12.51 -27.32 -15.91
CA SER B 97 -12.82 -28.32 -14.91
C SER B 97 -14.32 -28.56 -14.93
N PRO B 98 -14.78 -29.69 -14.42
CA PRO B 98 -16.23 -29.89 -14.31
C PRO B 98 -16.93 -28.77 -13.54
N LYS B 99 -16.36 -28.30 -12.42
CA LYS B 99 -16.97 -27.21 -11.68
C LYS B 99 -17.01 -25.93 -12.50
N ALA B 100 -15.91 -25.60 -13.19
CA ALA B 100 -15.93 -24.42 -14.04
C ALA B 100 -16.96 -24.55 -15.14
N PHE B 101 -17.06 -25.73 -15.76
CA PHE B 101 -18.04 -25.95 -16.81
C PHE B 101 -19.47 -25.77 -16.29
N MET B 102 -19.78 -26.39 -15.15
CA MET B 102 -21.11 -26.26 -14.58
C MET B 102 -21.44 -24.79 -14.30
N ALA B 103 -20.51 -24.07 -13.67
CA ALA B 103 -20.76 -22.67 -13.33
C ALA B 103 -20.96 -21.81 -14.57
N ASP B 104 -20.29 -22.16 -15.67
CA ASP B 104 -20.35 -21.41 -16.91
C ASP B 104 -21.51 -21.81 -17.82
N GLN B 105 -21.97 -23.07 -17.75
CA GLN B 105 -22.87 -23.59 -18.78
C GLN B 105 -24.18 -24.21 -18.27
N GLN B 106 -24.18 -24.72 -17.04
CA GLN B 106 -25.33 -25.52 -16.58
C GLN B 106 -26.07 -24.94 -15.39
N LEU B 107 -25.41 -24.15 -14.55
CA LEU B 107 -26.07 -23.63 -13.35
C LEU B 107 -27.22 -22.72 -13.75
N PRO B 108 -28.41 -22.88 -13.17
CA PRO B 108 -29.55 -22.06 -13.57
C PRO B 108 -29.34 -20.58 -13.30
N TYR B 109 -29.99 -19.75 -14.10
CA TYR B 109 -29.96 -18.30 -13.94
C TYR B 109 -30.98 -17.84 -12.91
N TRP B 110 -30.64 -16.75 -12.21
CA TRP B 110 -31.51 -16.08 -11.25
C TRP B 110 -31.76 -14.66 -11.71
N VAL B 111 -33.01 -14.20 -11.57
CA VAL B 111 -33.39 -12.87 -12.02
C VAL B 111 -34.37 -12.26 -11.03
N GLN B 112 -34.33 -10.94 -10.90
CA GLN B 112 -35.11 -10.24 -9.89
C GLN B 112 -36.37 -9.66 -10.51
N CYS B 113 -37.50 -9.83 -9.82
CA CYS B 113 -38.75 -9.25 -10.31
C CYS B 113 -38.64 -7.73 -10.33
N THR B 114 -39.13 -7.13 -11.42
CA THR B 114 -39.03 -5.68 -11.60
C THR B 114 -40.26 -4.93 -11.10
N LYS B 115 -41.29 -5.61 -10.61
CA LYS B 115 -42.38 -4.90 -9.96
C LYS B 115 -41.86 -4.29 -8.66
N PRO B 116 -41.98 -2.97 -8.47
CA PRO B 116 -41.34 -2.34 -7.28
C PRO B 116 -41.82 -2.90 -5.96
N GLU B 117 -43.09 -3.31 -5.87
CA GLU B 117 -43.61 -3.82 -4.62
C GLU B 117 -43.28 -5.29 -4.40
N CYS B 118 -42.55 -5.94 -5.32
CA CYS B 118 -42.15 -7.34 -5.17
C CYS B 118 -40.63 -7.46 -5.03
N ARG B 119 -39.88 -7.31 -6.12
CA ARG B 119 -38.42 -7.32 -6.08
C ARG B 119 -37.84 -8.65 -5.58
N LYS B 120 -38.60 -9.74 -5.66
CA LYS B 120 -38.10 -11.04 -5.26
C LYS B 120 -37.13 -11.60 -6.31
N TRP B 121 -36.13 -12.33 -5.83
CA TRP B 121 -35.25 -13.08 -6.71
C TRP B 121 -35.85 -14.43 -7.05
N ARG B 122 -35.83 -14.79 -8.34
CA ARG B 122 -36.44 -16.02 -8.82
C ARG B 122 -35.45 -16.83 -9.63
N GLN B 123 -35.51 -18.15 -9.47
CA GLN B 123 -34.73 -19.08 -10.28
C GLN B 123 -35.48 -19.38 -11.57
N LEU B 124 -34.78 -19.25 -12.70
CA LEU B 124 -35.33 -19.62 -13.99
C LEU B 124 -35.11 -21.11 -14.27
N THR B 125 -36.03 -21.71 -15.02
CA THR B 125 -35.86 -23.11 -15.37
C THR B 125 -34.63 -23.31 -16.25
N LYS B 126 -34.13 -24.55 -16.28
CA LYS B 126 -32.79 -24.83 -16.79
C LYS B 126 -32.62 -24.38 -18.24
N GLU B 127 -33.67 -24.45 -19.06
CA GLU B 127 -33.54 -24.19 -20.49
C GLU B 127 -33.55 -22.71 -20.84
N ILE B 128 -33.88 -21.82 -19.90
CA ILE B 128 -33.98 -20.40 -20.19
C ILE B 128 -32.61 -19.77 -20.13
N GLN B 129 -32.28 -18.99 -21.16
CA GLN B 129 -31.02 -18.26 -21.23
C GLN B 129 -31.31 -16.80 -20.89
N LEU B 130 -30.80 -16.35 -19.74
CA LEU B 130 -31.02 -14.98 -19.33
C LEU B 130 -30.37 -14.03 -20.32
N THR B 131 -31.14 -13.01 -20.73
CA THR B 131 -30.67 -11.94 -21.59
C THR B 131 -30.90 -10.60 -20.90
N PRO B 132 -30.25 -9.54 -21.37
CA PRO B 132 -30.58 -8.20 -20.83
C PRO B 132 -32.05 -7.87 -20.95
N GLN B 133 -32.67 -8.20 -22.10
CA GLN B 133 -34.08 -7.88 -22.27
C GLN B 133 -34.95 -8.62 -21.25
N ILE B 134 -34.68 -9.90 -21.00
CA ILE B 134 -35.44 -10.63 -19.99
C ILE B 134 -35.24 -10.00 -18.62
N ALA B 135 -34.00 -9.62 -18.30
CA ALA B 135 -33.73 -9.04 -17.00
C ALA B 135 -34.39 -7.69 -16.84
N LYS B 136 -34.43 -6.91 -17.92
CA LYS B 136 -34.99 -5.56 -17.86
C LYS B 136 -36.47 -5.59 -17.50
N THR B 137 -37.19 -6.63 -17.95
CA THR B 137 -38.64 -6.67 -17.86
C THR B 137 -39.17 -7.82 -16.99
N TYR B 138 -38.32 -8.55 -16.28
CA TYR B 138 -38.77 -9.77 -15.63
C TYR B 138 -39.82 -9.49 -14.58
N ARG B 139 -40.87 -10.31 -14.56
CA ARG B 139 -41.82 -10.37 -13.47
C ARG B 139 -42.02 -11.83 -13.09
N CYS B 140 -42.34 -12.06 -11.81
CA CYS B 140 -42.53 -13.42 -11.33
C CYS B 140 -43.47 -14.21 -12.21
N GLY B 141 -43.09 -15.46 -12.50
CA GLY B 141 -43.93 -16.36 -13.26
C GLY B 141 -43.84 -16.19 -14.76
N MET B 142 -43.02 -15.27 -15.24
CA MET B 142 -42.90 -15.02 -16.67
C MET B 142 -42.21 -16.19 -17.37
N LYS B 143 -42.76 -16.59 -18.52
CA LYS B 143 -42.18 -17.69 -19.29
C LYS B 143 -41.41 -17.19 -20.51
N SER B 153 -53.03 -16.23 -12.38
CA SER B 153 -52.42 -16.67 -11.13
C SER B 153 -51.48 -15.61 -10.52
N ASP B 154 -51.24 -15.72 -9.22
CA ASP B 154 -50.49 -14.71 -8.45
C ASP B 154 -49.09 -15.23 -8.18
N HIS B 155 -48.13 -14.85 -9.03
CA HIS B 155 -46.80 -15.43 -8.91
C HIS B 155 -45.87 -14.64 -7.99
N CYS B 156 -46.14 -13.35 -7.77
CA CYS B 156 -45.27 -12.55 -6.92
C CYS B 156 -45.38 -12.93 -5.45
N SER B 157 -46.57 -13.33 -4.99
CA SER B 157 -46.74 -13.61 -3.57
C SER B 157 -46.01 -14.88 -3.12
N LEU B 158 -45.59 -15.74 -4.05
CA LEU B 158 -44.98 -17.00 -3.67
C LEU B 158 -43.68 -16.75 -2.91
N PRO B 159 -43.36 -17.61 -1.94
CA PRO B 159 -42.19 -17.38 -1.08
C PRO B 159 -40.90 -17.33 -1.88
N GLU B 160 -40.02 -16.41 -1.48
CA GLU B 160 -38.69 -16.33 -2.08
C GLU B 160 -37.82 -17.48 -1.56
N ASP B 161 -37.07 -18.10 -2.46
CA ASP B 161 -36.14 -19.17 -2.07
C ASP B 161 -35.24 -18.71 -0.93
N LEU B 162 -35.18 -19.50 0.14
CA LEU B 162 -34.44 -19.09 1.33
C LEU B 162 -32.96 -18.89 1.06
N ARG B 163 -32.43 -19.59 0.05
CA ARG B 163 -31.02 -19.42 -0.29
C ARG B 163 -30.69 -17.98 -0.68
N VAL B 164 -31.69 -17.23 -1.13
CA VAL B 164 -31.44 -15.85 -1.54
C VAL B 164 -30.93 -15.03 -0.36
N LEU B 165 -31.47 -15.27 0.84
CA LEU B 165 -31.04 -14.52 2.03
C LEU B 165 -29.56 -14.77 2.34
N GLU B 166 -29.08 -16.00 2.13
CA GLU B 166 -27.72 -16.33 2.54
C GLU B 166 -26.67 -15.55 1.76
N VAL B 167 -27.00 -15.13 0.53
CA VAL B 167 -25.99 -14.69 -0.44
C VAL B 167 -25.24 -13.46 0.04
N SER B 168 -25.88 -12.60 0.83
CA SER B 168 -25.23 -11.35 1.22
C SER B 168 -24.24 -11.51 2.37
N ASN B 169 -24.21 -12.66 3.05
CA ASN B 169 -23.32 -12.86 4.19
C ASN B 169 -21.87 -13.04 3.76
N HIS B 170 -20.94 -12.60 4.62
CA HIS B 170 -19.52 -12.71 4.28
C HIS B 170 -19.09 -14.16 4.16
N TRP B 171 -19.61 -15.06 5.01
CA TRP B 171 -19.27 -16.47 4.89
C TRP B 171 -19.73 -17.05 3.56
N TRP B 172 -20.86 -16.57 3.02
CA TRP B 172 -21.34 -17.09 1.75
C TRP B 172 -20.29 -16.92 0.66
N TYR B 173 -19.78 -15.69 0.50
CA TYR B 173 -18.79 -15.44 -0.54
C TYR B 173 -17.53 -16.29 -0.34
N SER B 174 -17.14 -16.52 0.92
CA SER B 174 -15.97 -17.35 1.18
C SER B 174 -16.15 -18.77 0.67
N MET B 175 -17.38 -19.27 0.65
CA MET B 175 -17.65 -20.63 0.21
C MET B 175 -17.94 -20.71 -1.28
N LEU B 176 -17.71 -19.63 -2.02
CA LEU B 176 -17.87 -19.63 -3.46
C LEU B 176 -16.55 -20.07 -4.07
N ILE B 177 -16.54 -21.28 -4.65
CA ILE B 177 -15.29 -21.89 -5.10
C ILE B 177 -14.66 -21.09 -6.23
N LEU B 178 -15.44 -20.77 -7.25
CA LEU B 178 -14.91 -20.05 -8.40
C LEU B 178 -15.53 -18.66 -8.48
N PRO B 179 -14.78 -17.67 -8.95
CA PRO B 179 -15.36 -16.33 -9.09
C PRO B 179 -16.34 -16.29 -10.25
N PRO B 180 -17.36 -15.44 -10.18
CA PRO B 180 -18.27 -15.31 -11.31
C PRO B 180 -17.52 -14.81 -12.53
N LEU B 181 -17.99 -15.20 -13.71
CA LEU B 181 -17.48 -14.72 -14.99
C LEU B 181 -18.65 -14.15 -15.78
N LEU B 182 -18.59 -12.85 -16.09
CA LEU B 182 -19.69 -12.20 -16.79
C LEU B 182 -19.73 -12.62 -18.26
N LYS B 183 -20.94 -12.77 -18.80
CA LYS B 183 -21.14 -13.06 -20.21
C LYS B 183 -21.49 -11.78 -20.96
N ASP B 184 -20.86 -11.59 -22.11
CA ASP B 184 -21.15 -10.46 -23.01
C ASP B 184 -21.11 -9.13 -22.28
N SER B 185 -20.06 -8.94 -21.48
CA SER B 185 -19.87 -7.65 -20.85
C SER B 185 -19.70 -6.55 -21.89
N VAL B 186 -20.36 -5.41 -21.65
CA VAL B 186 -20.13 -4.21 -22.44
C VAL B 186 -18.65 -3.83 -22.45
N ALA B 187 -17.88 -4.28 -21.45
CA ALA B 187 -16.46 -3.94 -21.44
C ALA B 187 -15.64 -4.88 -22.32
N ALA B 188 -16.19 -6.02 -22.74
CA ALA B 188 -15.38 -7.01 -23.43
C ALA B 188 -14.73 -6.51 -24.71
N PRO B 189 -15.40 -5.74 -25.58
CA PRO B 189 -14.70 -5.25 -26.78
C PRO B 189 -13.58 -4.28 -26.48
N LEU B 190 -13.59 -3.66 -25.29
CA LEU B 190 -12.48 -2.80 -24.91
C LEU B 190 -11.35 -3.56 -24.26
N LEU B 191 -11.53 -4.86 -23.97
CA LEU B 191 -10.55 -5.62 -23.20
C LEU B 191 -10.09 -6.87 -23.94
N SER B 192 -10.19 -6.90 -25.27
CA SER B 192 -9.98 -8.14 -26.00
C SER B 192 -8.52 -8.58 -25.98
N ALA B 193 -7.58 -7.70 -25.64
CA ALA B 193 -6.19 -8.13 -25.52
C ALA B 193 -5.96 -8.96 -24.25
N TYR B 194 -6.81 -8.83 -23.23
CA TYR B 194 -6.63 -9.59 -22.00
C TYR B 194 -7.26 -10.98 -22.13
N TYR B 195 -6.74 -11.91 -21.34
CA TYR B 195 -7.47 -13.16 -21.11
C TYR B 195 -8.76 -12.85 -20.37
N PRO B 196 -9.92 -13.21 -20.89
CA PRO B 196 -11.18 -12.70 -20.32
C PRO B 196 -11.39 -13.11 -18.87
N ASP B 197 -11.00 -14.34 -18.50
CA ASP B 197 -11.23 -14.78 -17.12
C ASP B 197 -10.40 -13.98 -16.13
N CYS B 198 -9.27 -13.40 -16.55
CA CYS B 198 -8.49 -12.56 -15.65
C CYS B 198 -9.18 -11.25 -15.34
N VAL B 199 -10.11 -10.82 -16.18
CA VAL B 199 -10.85 -9.60 -15.90
C VAL B 199 -12.33 -9.92 -15.63
N GLY B 200 -12.62 -11.16 -15.24
CA GLY B 200 -13.96 -11.51 -14.80
C GLY B 200 -14.96 -11.71 -15.90
N MET B 201 -14.52 -12.10 -17.09
CA MET B 201 -15.40 -12.38 -18.23
C MET B 201 -15.18 -13.82 -18.68
N SER B 202 -16.22 -14.41 -19.29
CA SER B 202 -16.22 -15.84 -19.55
C SER B 202 -15.40 -16.16 -20.81
N PRO B 203 -14.43 -17.07 -20.73
CA PRO B 203 -13.71 -17.48 -21.93
C PRO B 203 -14.59 -18.11 -22.99
N SER B 204 -15.78 -18.59 -22.65
CA SER B 204 -16.59 -19.28 -23.65
C SER B 204 -17.54 -18.34 -24.38
N CYS B 205 -17.48 -17.04 -24.14
CA CYS B 205 -18.35 -16.13 -24.85
C CYS B 205 -17.90 -15.94 -26.29
N THR B 206 -18.86 -16.01 -27.22
CA THR B 206 -18.55 -15.73 -28.61
C THR B 206 -18.50 -14.23 -28.89
N SER B 207 -19.27 -13.43 -28.15
CA SER B 207 -19.24 -11.98 -28.29
C SER B 207 -18.16 -11.32 -27.46
N THR B 208 -17.81 -11.89 -26.29
CA THR B 208 -16.59 -11.46 -25.60
C THR B 208 -15.36 -11.81 -26.44
N ASN B 209 -15.28 -13.06 -26.90
CA ASN B 209 -14.17 -13.52 -27.74
C ASN B 209 -14.60 -13.52 -29.22
N ARG B 210 -14.82 -12.31 -29.73
CA ARG B 210 -15.18 -12.12 -31.13
C ARG B 210 -13.95 -11.82 -31.97
N GLY B 235 -18.80 2.92 -31.43
CA GLY B 235 -19.06 4.32 -31.71
C GLY B 235 -18.73 5.24 -30.54
N MET B 236 -17.72 4.85 -29.77
CA MET B 236 -17.35 5.60 -28.58
C MET B 236 -16.40 6.76 -28.91
N ASN B 237 -16.61 7.88 -28.21
CA ASN B 237 -15.75 9.06 -28.38
C ASN B 237 -14.27 8.66 -28.33
N ARG B 238 -13.51 9.09 -29.33
CA ARG B 238 -12.13 8.62 -29.42
CA ARG B 238 -12.11 8.69 -29.46
C ARG B 238 -11.25 9.16 -28.30
N TYR B 239 -11.75 10.09 -27.48
CA TYR B 239 -10.98 10.58 -26.34
C TYR B 239 -11.15 9.72 -25.10
N PHE B 240 -12.10 8.79 -25.10
CA PHE B 240 -12.35 7.92 -23.95
C PHE B 240 -11.56 6.63 -24.13
N GLN B 241 -10.43 6.50 -23.43
CA GLN B 241 -9.63 5.27 -23.42
C GLN B 241 -9.41 4.83 -21.98
N PRO B 242 -10.45 4.31 -21.34
CA PRO B 242 -10.39 4.11 -19.87
C PRO B 242 -9.45 2.99 -19.41
N PHE B 243 -9.07 2.05 -20.27
CA PHE B 243 -8.34 0.86 -19.83
C PHE B 243 -6.90 0.89 -20.32
N TYR B 244 -5.97 0.62 -19.41
CA TYR B 244 -4.58 0.36 -19.76
C TYR B 244 -4.49 -0.83 -20.72
N GLN B 245 -3.76 -0.65 -21.80
CA GLN B 245 -3.70 -1.68 -22.82
C GLN B 245 -2.26 -2.17 -22.99
N PRO B 246 -2.09 -3.42 -23.43
CA PRO B 246 -0.74 -3.92 -23.67
C PRO B 246 0.02 -3.06 -24.66
N ASN B 247 1.33 -2.99 -24.45
CA ASN B 247 2.26 -2.34 -25.38
C ASN B 247 2.02 -0.84 -25.48
N GLU B 248 1.30 -0.28 -24.51
CA GLU B 248 1.02 1.14 -24.44
C GLU B 248 1.91 1.81 -23.40
N CYS B 249 2.40 2.99 -23.73
CA CYS B 249 2.97 3.89 -22.75
C CYS B 249 1.87 4.41 -21.83
N GLY B 250 2.17 4.47 -20.53
CA GLY B 250 1.16 4.86 -19.56
C GLY B 250 0.60 6.24 -19.86
N LYS B 251 -0.68 6.41 -19.58
CA LYS B 251 -1.33 7.69 -19.85
C LYS B 251 -2.31 7.96 -18.72
N ALA B 252 -2.57 9.26 -18.53
CA ALA B 252 -3.31 9.72 -17.37
C ALA B 252 -4.72 9.16 -17.36
N LEU B 253 -5.20 8.85 -16.15
CA LEU B 253 -6.58 8.44 -15.88
C LEU B 253 -6.94 7.14 -16.61
N CYS B 254 -5.94 6.32 -16.88
CA CYS B 254 -6.10 4.93 -17.30
C CYS B 254 -6.18 4.03 -16.08
N VAL B 255 -6.98 2.97 -16.17
CA VAL B 255 -7.07 2.03 -15.05
C VAL B 255 -6.65 0.65 -15.55
N ARG B 256 -5.99 -0.11 -14.67
CA ARG B 256 -5.61 -1.49 -15.00
C ARG B 256 -6.85 -2.38 -14.88
N PRO B 257 -7.28 -3.05 -15.95
CA PRO B 257 -8.52 -3.83 -15.87
C PRO B 257 -8.44 -5.05 -14.97
N ASP B 258 -7.22 -5.50 -14.65
CA ASP B 258 -7.04 -6.76 -13.93
C ASP B 258 -6.40 -6.60 -12.55
N VAL B 259 -6.29 -5.37 -12.03
CA VAL B 259 -5.71 -5.12 -10.70
C VAL B 259 -6.54 -4.09 -9.96
N MET B 260 -6.95 -4.42 -8.74
CA MET B 260 -7.60 -3.43 -7.88
C MET B 260 -6.60 -2.38 -7.40
N GLU B 261 -6.99 -1.11 -7.45
CA GLU B 261 -6.13 -0.08 -6.87
C GLU B 261 -6.25 -0.08 -5.35
N LEU B 262 -5.31 0.59 -4.70
CA LEU B 262 -5.26 0.57 -3.24
C LEU B 262 -6.52 1.17 -2.62
N ASP B 263 -7.00 2.30 -3.15
CA ASP B 263 -8.23 2.85 -2.60
C ASP B 263 -9.41 1.90 -2.82
N GLU B 264 -9.38 1.12 -3.92
CA GLU B 264 -10.45 0.14 -4.12
C GLU B 264 -10.33 -0.99 -3.09
N LEU B 265 -9.11 -1.42 -2.78
CA LEU B 265 -8.91 -2.44 -1.77
C LEU B 265 -9.39 -1.97 -0.40
N TYR B 266 -9.18 -0.69 -0.10
CA TYR B 266 -9.59 -0.18 1.21
C TYR B 266 -11.10 -0.10 1.31
N GLU B 267 -11.77 0.31 0.23
CA GLU B 267 -13.23 0.42 0.25
C GLU B 267 -13.88 -0.95 0.20
N PHE B 268 -13.27 -1.92 -0.48
CA PHE B 268 -13.86 -3.25 -0.64
C PHE B 268 -12.91 -4.35 -0.16
N PRO B 269 -12.55 -4.34 1.13
CA PRO B 269 -11.56 -5.33 1.61
C PRO B 269 -11.97 -6.77 1.44
N GLU B 270 -13.26 -7.07 1.28
CA GLU B 270 -13.65 -8.47 1.17
C GLU B 270 -13.14 -9.11 -0.13
N TYR B 271 -12.71 -8.31 -1.10
CA TYR B 271 -12.20 -8.83 -2.36
C TYR B 271 -10.67 -8.86 -2.40
N SER B 272 -10.02 -8.75 -1.23
CA SER B 272 -8.56 -8.66 -1.14
C SER B 272 -7.87 -9.86 -1.74
N ARG B 273 -8.45 -11.06 -1.62
CA ARG B 273 -7.85 -12.26 -2.17
C ARG B 273 -8.65 -12.85 -3.32
N ASP B 274 -9.60 -12.11 -3.85
CA ASP B 274 -10.46 -12.58 -4.93
C ASP B 274 -11.03 -11.35 -5.62
N PRO B 275 -10.24 -10.66 -6.46
CA PRO B 275 -10.68 -9.38 -7.03
C PRO B 275 -11.57 -9.51 -8.26
N THR B 276 -11.79 -10.72 -8.75
CA THR B 276 -12.32 -10.91 -10.10
C THR B 276 -13.72 -10.34 -10.25
N MET B 277 -14.61 -10.66 -9.32
CA MET B 277 -15.97 -10.14 -9.41
C MET B 277 -15.98 -8.61 -9.34
N TYR B 278 -15.19 -8.03 -8.44
CA TYR B 278 -15.12 -6.58 -8.34
C TYR B 278 -14.65 -5.96 -9.66
N LEU B 279 -13.55 -6.49 -10.20
CA LEU B 279 -12.99 -5.92 -11.42
C LEU B 279 -13.97 -5.99 -12.58
N ALA B 280 -14.68 -7.11 -12.72
CA ALA B 280 -15.64 -7.21 -13.81
C ALA B 280 -16.72 -6.15 -13.70
N LEU B 281 -17.21 -5.91 -12.47
CA LEU B 281 -18.26 -4.92 -12.29
C LEU B 281 -17.74 -3.51 -12.51
N ARG B 282 -16.55 -3.19 -11.96
CA ARG B 282 -15.98 -1.86 -12.16
C ARG B 282 -15.70 -1.58 -13.62
N ASN B 283 -15.14 -2.57 -14.34
CA ASN B 283 -14.87 -2.41 -15.77
C ASN B 283 -16.17 -2.23 -16.57
N LEU B 284 -17.19 -3.00 -16.23
CA LEU B 284 -18.50 -2.85 -16.87
C LEU B 284 -19.05 -1.45 -16.65
N ILE B 285 -19.01 -0.99 -15.40
CA ILE B 285 -19.49 0.34 -15.06
C ILE B 285 -18.77 1.41 -15.87
N LEU B 286 -17.44 1.29 -15.99
CA LEU B 286 -16.70 2.25 -16.80
C LEU B 286 -17.13 2.21 -18.26
N ALA B 287 -17.34 1.00 -18.81
CA ALA B 287 -17.71 0.91 -20.21
C ALA B 287 -19.10 1.52 -20.45
N LEU B 288 -20.02 1.33 -19.51
CA LEU B 288 -21.35 1.92 -19.68
C LEU B 288 -21.32 3.43 -19.51
N TRP B 289 -20.52 3.94 -18.57
CA TRP B 289 -20.47 5.39 -18.38
C TRP B 289 -19.95 6.07 -19.64
N TYR B 290 -18.85 5.56 -20.19
CA TYR B 290 -18.29 6.17 -21.38
C TYR B 290 -19.09 5.87 -22.63
N THR B 291 -19.96 4.85 -22.61
CA THR B 291 -20.87 4.64 -23.73
C THR B 291 -21.94 5.72 -23.78
N ASN B 292 -22.36 6.22 -22.61
CA ASN B 292 -23.34 7.31 -22.58
C ASN B 292 -23.03 8.17 -21.36
N CYS B 293 -22.17 9.16 -21.54
CA CYS B 293 -21.76 10.06 -20.46
C CYS B 293 -22.73 11.22 -20.25
N LYS B 294 -23.86 11.22 -20.95
CA LYS B 294 -24.82 12.31 -20.90
C LYS B 294 -25.95 12.06 -19.92
N GLU B 295 -26.01 10.88 -19.30
CA GLU B 295 -27.02 10.61 -18.29
C GLU B 295 -26.38 9.90 -17.12
N ALA B 296 -27.03 10.01 -15.96
CA ALA B 296 -26.54 9.37 -14.75
C ALA B 296 -26.63 7.85 -14.89
N LEU B 297 -25.51 7.17 -14.65
CA LEU B 297 -25.50 5.71 -14.66
C LEU B 297 -26.05 5.21 -13.34
N THR B 298 -27.11 4.41 -13.41
CA THR B 298 -27.86 3.93 -12.26
C THR B 298 -27.75 2.41 -12.16
N PRO B 299 -28.05 1.83 -11.00
CA PRO B 299 -28.06 0.36 -10.93
C PRO B 299 -29.08 -0.27 -11.84
N GLN B 300 -30.22 0.38 -12.06
CA GLN B 300 -31.21 -0.15 -12.99
C GLN B 300 -30.65 -0.29 -14.40
N LYS B 301 -29.76 0.62 -14.81
CA LYS B 301 -29.16 0.52 -16.13
C LYS B 301 -28.11 -0.59 -16.18
N CYS B 302 -27.37 -0.80 -15.08
CA CYS B 302 -26.28 -1.78 -15.08
C CYS B 302 -26.78 -3.20 -14.98
N ILE B 303 -27.92 -3.41 -14.32
CA ILE B 303 -28.35 -4.77 -13.95
C ILE B 303 -28.63 -5.64 -15.17
N PRO B 304 -29.32 -5.17 -16.22
CA PRO B 304 -29.53 -6.04 -17.38
C PRO B 304 -28.23 -6.43 -18.08
N HIS B 305 -27.13 -5.73 -17.83
CA HIS B 305 -25.85 -6.04 -18.44
C HIS B 305 -24.99 -6.97 -17.59
N ILE B 306 -25.49 -7.41 -16.44
CA ILE B 306 -24.80 -8.39 -15.61
C ILE B 306 -25.44 -9.74 -15.89
N ILE B 307 -24.74 -10.58 -16.63
CA ILE B 307 -25.25 -11.86 -17.09
C ILE B 307 -24.27 -12.93 -16.65
N VAL B 308 -24.69 -13.73 -15.67
CA VAL B 308 -23.86 -14.81 -15.13
C VAL B 308 -24.82 -15.78 -14.45
N ARG B 309 -24.50 -17.07 -14.54
CA ARG B 309 -25.34 -18.11 -13.96
C ARG B 309 -25.19 -18.16 -12.44
N GLY B 310 -26.26 -18.63 -11.78
CA GLY B 310 -26.19 -19.02 -10.39
C GLY B 310 -26.53 -17.92 -9.41
N LEU B 311 -26.65 -18.33 -8.13
CA LEU B 311 -26.92 -17.39 -7.04
C LEU B 311 -25.92 -16.23 -6.99
N VAL B 312 -24.70 -16.43 -7.51
CA VAL B 312 -23.70 -15.40 -7.45
C VAL B 312 -24.14 -14.16 -8.20
N ARG B 313 -25.06 -14.29 -9.15
CA ARG B 313 -25.57 -13.10 -9.84
C ARG B 313 -26.24 -12.16 -8.86
N ILE B 314 -26.90 -12.73 -7.83
CA ILE B 314 -27.48 -11.91 -6.77
C ILE B 314 -26.40 -11.09 -6.08
N ARG B 315 -25.27 -11.71 -5.79
CA ARG B 315 -24.17 -10.99 -5.18
C ARG B 315 -23.62 -9.92 -6.11
N CYS B 316 -23.46 -10.24 -7.41
CA CYS B 316 -23.00 -9.24 -8.37
C CYS B 316 -23.92 -8.03 -8.40
N VAL B 317 -25.22 -8.27 -8.44
CA VAL B 317 -26.18 -7.17 -8.53
C VAL B 317 -26.18 -6.33 -7.25
N GLN B 318 -26.05 -6.99 -6.09
CA GLN B 318 -25.98 -6.25 -4.83
C GLN B 318 -24.74 -5.37 -4.79
N GLU B 319 -23.63 -5.86 -5.33
CA GLU B 319 -22.38 -5.10 -5.25
C GLU B 319 -22.29 -3.99 -6.30
N VAL B 320 -22.93 -4.14 -7.47
CA VAL B 320 -22.77 -3.11 -8.49
C VAL B 320 -23.26 -1.76 -7.97
N GLU B 321 -24.27 -1.76 -7.10
CA GLU B 321 -24.74 -0.53 -6.50
C GLU B 321 -23.66 0.13 -5.63
N ARG B 322 -23.03 -0.66 -4.75
CA ARG B 322 -22.00 -0.11 -3.87
C ARG B 322 -20.82 0.43 -4.67
N ILE B 323 -20.43 -0.28 -5.72
CA ILE B 323 -19.31 0.14 -6.56
C ILE B 323 -19.68 1.39 -7.34
N LEU B 324 -20.93 1.45 -7.80
CA LEU B 324 -21.41 2.64 -8.49
C LEU B 324 -21.31 3.87 -7.60
N TYR B 325 -21.70 3.75 -6.33
CA TYR B 325 -21.62 4.89 -5.41
C TYR B 325 -20.18 5.27 -5.13
N PHE B 326 -19.31 4.29 -4.87
CA PHE B 326 -17.89 4.56 -4.72
C PHE B 326 -17.32 5.31 -5.93
N MET B 327 -17.57 4.81 -7.13
CA MET B 327 -17.00 5.43 -8.32
C MET B 327 -17.64 6.79 -8.60
N THR B 328 -18.93 6.95 -8.27
CA THR B 328 -19.55 8.27 -8.33
C THR B 328 -18.88 9.25 -7.37
N ARG B 329 -18.69 8.83 -6.12
CA ARG B 329 -18.08 9.73 -5.13
C ARG B 329 -16.69 10.14 -5.56
N LYS B 330 -15.93 9.23 -6.16
CA LYS B 330 -14.58 9.55 -6.62
C LYS B 330 -14.59 10.42 -7.88
N GLY B 331 -15.74 10.62 -8.52
CA GLY B 331 -15.78 11.38 -9.74
C GLY B 331 -15.24 10.66 -10.96
N LEU B 332 -15.26 9.32 -10.95
CA LEU B 332 -14.84 8.54 -12.11
C LEU B 332 -15.96 8.38 -13.12
N ILE B 333 -17.22 8.46 -12.65
CA ILE B 333 -18.42 8.35 -13.48
C ILE B 333 -19.41 9.37 -12.95
N ASN B 334 -20.49 9.55 -13.69
CA ASN B 334 -21.60 10.39 -13.24
C ASN B 334 -21.08 11.77 -12.85
N THR B 335 -20.33 12.39 -13.74
CA THR B 335 -19.57 13.57 -13.39
C THR B 335 -19.57 14.53 -14.58
N GLY B 336 -18.60 15.44 -14.62
CA GLY B 336 -18.58 16.43 -15.67
C GLY B 336 -19.65 17.47 -15.44
N VAL B 337 -20.30 17.89 -16.54
CA VAL B 337 -21.39 18.87 -16.42
C VAL B 337 -22.73 18.19 -16.25
N LEU B 338 -22.74 16.89 -16.00
CA LEU B 338 -23.98 16.21 -15.70
C LEU B 338 -24.73 16.94 -14.60
N SER B 339 -26.05 16.97 -14.74
CA SER B 339 -26.94 17.69 -13.82
C SER B 339 -28.08 16.77 -13.39
N VAL B 340 -28.53 16.96 -12.16
CA VAL B 340 -29.65 16.19 -11.62
C VAL B 340 -30.87 17.11 -11.48
N GLY B 341 -31.99 16.52 -11.10
CA GLY B 341 -33.14 17.24 -10.61
C GLY B 341 -33.26 17.05 -9.11
N ALA B 342 -34.26 17.72 -8.54
CA ALA B 342 -34.54 17.53 -7.12
C ALA B 342 -34.96 16.09 -6.88
N ASP B 343 -34.47 15.52 -5.76
CA ASP B 343 -34.70 14.12 -5.42
C ASP B 343 -34.15 13.17 -6.49
N GLN B 344 -33.09 13.58 -7.18
CA GLN B 344 -32.40 12.71 -8.13
C GLN B 344 -30.91 12.67 -7.86
N TYR B 345 -30.53 12.78 -6.58
CA TYR B 345 -29.12 12.90 -6.23
C TYR B 345 -28.37 11.59 -6.47
N LEU B 346 -27.07 11.71 -6.66
CA LEU B 346 -26.22 10.61 -7.13
C LEU B 346 -25.68 9.74 -6.01
N LEU B 347 -25.83 10.14 -4.76
CA LEU B 347 -25.43 9.30 -3.65
C LEU B 347 -26.62 9.12 -2.73
N PRO B 348 -26.68 8.01 -1.98
CA PRO B 348 -27.77 7.84 -1.02
C PRO B 348 -27.78 8.93 0.04
N LYS B 349 -28.94 9.07 0.70
CA LYS B 349 -29.16 10.12 1.70
C LYS B 349 -28.15 10.07 2.85
N ASP B 350 -27.34 9.01 2.94
CA ASP B 350 -26.32 8.93 3.99
C ASP B 350 -25.31 10.06 3.84
N TYR B 351 -24.79 10.26 2.63
CA TYR B 351 -23.79 11.30 2.39
C TYR B 351 -24.36 12.71 2.49
N HIS B 352 -25.69 12.86 2.66
CA HIS B 352 -26.36 14.14 2.52
C HIS B 352 -26.26 15.02 3.77
N ASN B 353 -25.86 14.48 4.91
CA ASN B 353 -25.90 15.23 6.17
C ASN B 353 -24.65 16.09 6.34
N LYS B 354 -24.48 17.04 5.42
CA LYS B 354 -23.30 17.89 5.40
C LYS B 354 -23.64 19.24 4.76
N SER B 355 -23.07 20.31 5.32
CA SER B 355 -23.06 21.62 4.70
C SER B 355 -21.62 22.01 4.36
N VAL B 356 -21.43 22.67 3.23
CA VAL B 356 -20.10 23.05 2.76
C VAL B 356 -20.14 24.49 2.25
N ILE B 357 -19.13 25.28 2.63
CA ILE B 357 -18.86 26.58 2.04
C ILE B 357 -17.62 26.45 1.15
N ILE B 358 -17.75 26.86 -0.10
CA ILE B 358 -16.65 26.82 -1.07
C ILE B 358 -16.22 28.25 -1.37
N ILE B 359 -14.91 28.48 -1.35
CA ILE B 359 -14.34 29.81 -1.54
C ILE B 359 -13.64 29.85 -2.89
N GLY B 360 -14.15 30.71 -3.78
CA GLY B 360 -13.64 30.80 -5.14
C GLY B 360 -14.54 30.07 -6.11
N ALA B 361 -15.02 30.76 -7.13
CA ALA B 361 -15.82 30.16 -8.20
C ALA B 361 -15.02 29.97 -9.48
N GLY B 362 -13.76 29.55 -9.37
CA GLY B 362 -13.04 29.12 -10.55
C GLY B 362 -13.31 27.66 -10.87
N PRO B 363 -12.53 27.08 -11.79
CA PRO B 363 -12.74 25.66 -12.15
C PRO B 363 -12.70 24.71 -10.95
N ALA B 364 -11.74 24.87 -10.04
CA ALA B 364 -11.67 23.99 -8.87
C ALA B 364 -12.90 24.13 -8.00
N GLY B 365 -13.26 25.38 -7.67
CA GLY B 365 -14.40 25.60 -6.79
C GLY B 365 -15.70 25.13 -7.42
N LEU B 366 -15.89 25.44 -8.72
CA LEU B 366 -17.11 25.02 -9.40
C LEU B 366 -17.18 23.51 -9.59
N ALA B 367 -16.04 22.85 -9.83
CA ALA B 367 -16.02 21.39 -9.92
C ALA B 367 -16.52 20.77 -8.63
N ALA B 368 -15.96 21.20 -7.50
CA ALA B 368 -16.36 20.65 -6.22
C ALA B 368 -17.81 20.99 -5.90
N ALA B 369 -18.24 22.23 -6.20
CA ALA B 369 -19.62 22.61 -5.91
C ALA B 369 -20.60 21.79 -6.75
N ARG B 370 -20.25 21.54 -8.02
CA ARG B 370 -21.14 20.74 -8.87
C ARG B 370 -21.22 19.30 -8.37
N GLN B 371 -20.08 18.72 -8.00
CA GLN B 371 -20.07 17.36 -7.46
C GLN B 371 -20.91 17.27 -6.19
N LEU B 372 -20.60 18.13 -5.20
CA LEU B 372 -21.32 18.07 -3.93
C LEU B 372 -22.81 18.33 -4.12
N HIS B 373 -23.17 19.24 -5.02
CA HIS B 373 -24.58 19.48 -5.28
C HIS B 373 -25.24 18.24 -5.88
N ASN B 374 -24.60 17.63 -6.87
CA ASN B 374 -25.15 16.41 -7.45
C ASN B 374 -25.23 15.29 -6.42
N PHE B 375 -24.29 15.25 -5.48
CA PHE B 375 -24.35 14.23 -4.44
C PHE B 375 -25.54 14.43 -3.51
N GLY B 376 -26.05 15.66 -3.41
CA GLY B 376 -27.09 15.99 -2.46
C GLY B 376 -26.60 16.69 -1.21
N ILE B 377 -25.45 17.34 -1.26
CA ILE B 377 -24.87 18.02 -0.11
C ILE B 377 -25.09 19.51 -0.27
N LYS B 378 -25.51 20.16 0.82
CA LYS B 378 -25.73 21.61 0.80
C LYS B 378 -24.42 22.35 0.53
N VAL B 379 -24.41 23.20 -0.48
CA VAL B 379 -23.21 23.93 -0.90
C VAL B 379 -23.54 25.39 -1.09
N THR B 380 -22.72 26.26 -0.51
CA THR B 380 -22.73 27.69 -0.83
C THR B 380 -21.34 28.06 -1.32
N VAL B 381 -21.28 28.79 -2.44
CA VAL B 381 -20.02 29.24 -3.01
C VAL B 381 -19.88 30.74 -2.76
N LEU B 382 -18.72 31.16 -2.25
CA LEU B 382 -18.40 32.58 -2.05
C LEU B 382 -17.27 32.97 -2.99
N GLU B 383 -17.54 33.94 -3.87
CA GLU B 383 -16.57 34.40 -4.87
C GLU B 383 -16.25 35.88 -4.66
N ALA B 384 -14.95 36.21 -4.65
CA ALA B 384 -14.54 37.59 -4.40
C ALA B 384 -15.04 38.53 -5.49
N LYS B 385 -14.94 38.12 -6.76
CA LYS B 385 -15.15 39.04 -7.87
C LYS B 385 -16.64 39.17 -8.23
N ASP B 386 -16.93 39.99 -9.24
CA ASP B 386 -18.30 40.18 -9.73
C ASP B 386 -18.65 39.21 -10.84
N ARG B 387 -17.86 38.16 -11.03
CA ARG B 387 -18.13 37.12 -12.01
C ARG B 387 -17.55 35.83 -11.47
N ILE B 388 -17.96 34.71 -12.09
CA ILE B 388 -17.37 33.40 -11.84
C ILE B 388 -16.26 33.19 -12.86
N GLY B 389 -15.49 32.09 -12.72
CA GLY B 389 -14.56 31.63 -13.74
C GLY B 389 -13.10 31.74 -13.34
N GLY B 390 -12.77 32.72 -12.51
CA GLY B 390 -11.39 32.87 -12.06
C GLY B 390 -10.49 33.16 -13.23
N ARG B 391 -9.48 32.32 -13.42
CA ARG B 391 -8.57 32.47 -14.54
C ARG B 391 -9.17 31.92 -15.86
N VAL B 392 -10.43 31.48 -15.84
CA VAL B 392 -11.22 31.33 -17.04
C VAL B 392 -12.07 32.57 -17.20
N TRP B 393 -11.91 33.27 -18.31
CA TRP B 393 -12.64 34.51 -18.53
C TRP B 393 -12.63 34.77 -20.03
N ASP B 394 -13.79 34.60 -20.67
CA ASP B 394 -13.87 34.65 -22.12
C ASP B 394 -14.48 35.95 -22.60
N ASP B 395 -13.86 36.56 -23.59
CA ASP B 395 -14.41 37.73 -24.27
C ASP B 395 -15.26 37.29 -25.45
N LYS B 396 -16.55 37.64 -25.43
CA LYS B 396 -17.50 37.30 -26.49
C LYS B 396 -17.87 38.49 -27.39
N SER B 397 -17.13 39.60 -27.30
CA SER B 397 -17.45 40.80 -28.09
C SER B 397 -16.72 40.87 -29.42
N PHE B 398 -15.86 39.90 -29.75
CA PHE B 398 -15.27 39.84 -31.08
C PHE B 398 -16.23 39.12 -32.02
N LYS B 399 -16.42 39.70 -33.20
CA LYS B 399 -17.32 39.14 -34.20
C LYS B 399 -16.91 37.73 -34.58
N GLY B 400 -17.80 36.77 -34.33
CA GLY B 400 -17.66 35.42 -34.86
C GLY B 400 -16.76 34.48 -34.10
N VAL B 401 -16.03 34.93 -33.07
CA VAL B 401 -15.12 34.08 -32.33
C VAL B 401 -15.30 34.33 -30.83
N THR B 402 -14.79 33.42 -30.03
CA THR B 402 -14.67 33.59 -28.59
C THR B 402 -13.19 33.59 -28.23
N VAL B 403 -12.76 34.60 -27.46
CA VAL B 403 -11.35 34.83 -27.16
C VAL B 403 -11.15 34.80 -25.65
N GLY B 404 -10.51 33.76 -25.15
CA GLY B 404 -10.20 33.70 -23.73
C GLY B 404 -9.19 34.78 -23.33
N ARG B 405 -9.54 35.56 -22.30
CA ARG B 405 -8.51 36.36 -21.63
C ARG B 405 -7.61 35.49 -20.78
N GLY B 406 -8.15 34.40 -20.25
CA GLY B 406 -7.35 33.43 -19.51
C GLY B 406 -7.28 32.15 -20.32
N ALA B 407 -7.43 31.00 -19.66
CA ALA B 407 -7.19 29.72 -20.30
C ALA B 407 -8.07 29.54 -21.54
N GLN B 408 -7.50 28.93 -22.58
CA GLN B 408 -8.32 28.43 -23.69
C GLN B 408 -7.75 27.20 -24.38
N ILE B 409 -6.61 26.64 -23.94
CA ILE B 409 -6.00 25.49 -24.58
C ILE B 409 -6.24 24.23 -23.73
N VAL B 410 -6.43 23.09 -24.40
CA VAL B 410 -6.52 21.78 -23.74
C VAL B 410 -5.33 20.93 -24.15
N ASN B 411 -4.41 20.68 -23.23
CA ASN B 411 -3.23 19.87 -23.56
C ASN B 411 -3.44 18.40 -23.22
N GLY B 412 -3.84 17.62 -24.21
CA GLY B 412 -3.91 16.18 -24.09
C GLY B 412 -5.33 15.76 -23.77
N CYS B 413 -6.08 15.37 -24.81
CA CYS B 413 -7.51 15.21 -24.64
C CYS B 413 -7.94 13.82 -24.19
N ILE B 414 -7.10 12.81 -24.38
CA ILE B 414 -7.47 11.42 -24.06
C ILE B 414 -7.65 11.30 -22.54
N ASN B 415 -8.84 10.86 -22.12
CA ASN B 415 -9.25 10.70 -20.73
C ASN B 415 -9.29 12.03 -19.99
N ASN B 416 -9.23 13.15 -20.72
CA ASN B 416 -9.24 14.44 -20.09
C ASN B 416 -10.68 14.81 -19.74
N PRO B 417 -10.96 15.18 -18.51
CA PRO B 417 -12.34 15.56 -18.16
C PRO B 417 -12.88 16.72 -18.99
N VAL B 418 -12.01 17.63 -19.45
CA VAL B 418 -12.49 18.71 -20.32
C VAL B 418 -13.05 18.15 -21.62
N ALA B 419 -12.42 17.10 -22.17
CA ALA B 419 -12.96 16.47 -23.37
C ALA B 419 -14.27 15.75 -23.08
N LEU B 420 -14.36 15.11 -21.92
CA LEU B 420 -15.64 14.52 -21.51
C LEU B 420 -16.74 15.58 -21.46
N MET B 421 -16.45 16.74 -20.86
CA MET B 421 -17.48 17.76 -20.73
C MET B 421 -17.83 18.36 -22.09
N CYS B 422 -16.86 18.50 -22.99
CA CYS B 422 -17.20 18.94 -24.35
C CYS B 422 -18.12 17.96 -25.03
N GLU B 423 -17.85 16.66 -24.86
CA GLU B 423 -18.77 15.65 -25.37
C GLU B 423 -20.14 15.81 -24.76
N GLN B 424 -20.21 16.05 -23.45
CA GLN B 424 -21.52 16.19 -22.81
C GLN B 424 -22.27 17.42 -23.35
N LEU B 425 -21.55 18.50 -23.63
CA LEU B 425 -22.16 19.72 -24.13
C LEU B 425 -22.38 19.69 -25.63
N GLY B 426 -21.88 18.65 -26.29
CA GLY B 426 -21.89 18.60 -27.73
C GLY B 426 -21.15 19.76 -28.35
N ILE B 427 -19.98 20.12 -27.81
CA ILE B 427 -19.18 21.16 -28.45
C ILE B 427 -17.89 20.55 -28.98
N SER B 428 -17.37 21.18 -30.04
CA SER B 428 -16.19 20.71 -30.76
C SER B 428 -14.97 21.51 -30.33
N MET B 429 -13.83 20.84 -30.31
CA MET B 429 -12.53 21.47 -30.10
C MET B 429 -11.75 21.39 -31.39
N HIS B 430 -10.74 22.24 -31.53
CA HIS B 430 -9.91 22.26 -32.73
C HIS B 430 -8.53 21.73 -32.37
N LYS B 431 -8.18 20.57 -32.93
CA LYS B 431 -6.83 20.04 -32.75
C LYS B 431 -5.82 20.95 -33.44
N PHE B 432 -4.78 21.36 -32.72
CA PHE B 432 -3.75 22.20 -33.33
C PHE B 432 -2.94 21.43 -34.36
N GLY B 433 -2.54 22.12 -35.43
CA GLY B 433 -1.51 21.60 -36.31
C GLY B 433 -0.10 21.79 -35.72
N GLU B 434 0.88 21.17 -36.36
CA GLU B 434 2.25 21.21 -35.89
C GLU B 434 3.02 22.40 -36.40
N ARG B 435 2.70 22.87 -37.62
CA ARG B 435 3.47 23.93 -38.25
C ARG B 435 3.45 25.20 -37.40
N CYS B 436 4.64 25.72 -37.12
CA CYS B 436 4.82 27.00 -36.44
C CYS B 436 6.11 27.63 -36.97
N ASP B 437 5.98 28.39 -38.05
CA ASP B 437 7.10 29.10 -38.63
C ASP B 437 7.65 30.14 -37.66
N LEU B 438 8.97 30.27 -37.63
CA LEU B 438 9.65 31.22 -36.76
C LEU B 438 10.00 32.43 -37.62
N ILE B 439 9.18 33.46 -37.54
CA ILE B 439 9.32 34.63 -38.41
C ILE B 439 10.23 35.63 -37.72
N GLN B 440 11.17 36.19 -38.49
CA GLN B 440 12.09 37.20 -37.96
C GLN B 440 11.55 38.61 -38.18
N GLU B 441 11.92 39.52 -37.29
CA GLU B 441 11.72 40.93 -37.59
C GLU B 441 12.52 41.27 -38.83
N GLY B 442 11.91 42.03 -39.73
CA GLY B 442 12.35 42.12 -41.10
C GLY B 442 11.58 41.24 -42.05
N GLY B 443 10.89 40.22 -41.53
CA GLY B 443 9.97 39.42 -42.30
C GLY B 443 10.48 38.07 -42.77
N ARG B 444 11.76 37.78 -42.63
CA ARG B 444 12.28 36.49 -43.12
C ARG B 444 11.78 35.35 -42.27
N ILE B 445 11.42 34.25 -42.91
CA ILE B 445 11.00 33.04 -42.21
C ILE B 445 12.24 32.18 -41.97
N THR B 446 12.44 31.79 -40.72
CA THR B 446 13.60 30.97 -40.38
C THR B 446 13.46 29.59 -41.04
N ASP B 447 14.51 29.18 -41.74
CA ASP B 447 14.61 27.82 -42.23
C ASP B 447 14.24 26.83 -41.12
N PRO B 448 13.30 25.92 -41.36
CA PRO B 448 12.85 25.02 -40.28
C PRO B 448 13.93 24.10 -39.71
N THR B 449 15.03 23.86 -40.44
CA THR B 449 16.09 23.06 -39.85
C THR B 449 16.85 23.84 -38.78
N ILE B 450 16.95 25.16 -38.92
CA ILE B 450 17.52 25.99 -37.87
C ILE B 450 16.68 25.90 -36.60
N ASP B 451 15.36 26.03 -36.75
CA ASP B 451 14.41 25.85 -35.66
C ASP B 451 14.66 24.54 -34.91
N LYS B 452 14.55 23.41 -35.65
CA LYS B 452 14.63 22.09 -35.04
C LYS B 452 16.02 21.77 -34.50
N ARG B 453 17.07 22.26 -35.16
CA ARG B 453 18.43 22.06 -34.67
C ARG B 453 18.62 22.73 -33.32
N MET B 454 18.27 24.03 -33.23
CA MET B 454 18.44 24.74 -31.97
C MET B 454 17.52 24.17 -30.90
N ASP B 455 16.32 23.72 -31.30
CA ASP B 455 15.43 23.03 -30.34
C ASP B 455 16.10 21.75 -29.80
N PHE B 456 16.78 21.01 -30.67
CA PHE B 456 17.55 19.83 -30.28
C PHE B 456 18.61 20.19 -29.23
N HIS B 457 19.39 21.25 -29.49
CA HIS B 457 20.40 21.68 -28.53
C HIS B 457 19.76 22.12 -27.21
N PHE B 458 18.64 22.86 -27.28
CA PHE B 458 18.01 23.29 -26.04
C PHE B 458 17.59 22.09 -25.20
N ASN B 459 16.96 21.11 -25.82
CA ASN B 459 16.54 19.93 -25.06
C ASN B 459 17.74 19.16 -24.54
N ALA B 460 18.85 19.16 -25.29
CA ALA B 460 20.10 18.56 -24.79
C ALA B 460 20.58 19.26 -23.52
N LEU B 461 20.44 20.59 -23.45
CA LEU B 461 20.77 21.29 -22.21
C LEU B 461 19.95 20.77 -21.04
N LEU B 462 18.64 20.60 -21.27
CA LEU B 462 17.76 20.12 -20.19
C LEU B 462 18.13 18.70 -19.79
N ASP B 463 18.56 17.86 -20.74
CA ASP B 463 18.99 16.50 -20.40
C ASP B 463 20.17 16.51 -19.44
N VAL B 464 21.12 17.43 -19.65
CA VAL B 464 22.25 17.54 -18.74
C VAL B 464 21.75 17.92 -17.36
N VAL B 465 20.80 18.87 -17.29
CA VAL B 465 20.20 19.20 -16.01
C VAL B 465 19.62 17.96 -15.36
N SER B 466 18.96 17.13 -16.17
CA SER B 466 18.30 15.93 -15.67
C SER B 466 19.30 14.93 -15.11
N GLU B 467 20.52 14.89 -15.66
CA GLU B 467 21.57 14.06 -15.07
C GLU B 467 22.13 14.69 -13.81
N TRP B 468 22.40 16.00 -13.85
CA TRP B 468 22.97 16.71 -12.71
C TRP B 468 22.14 16.53 -11.43
N ARG B 469 20.81 16.63 -11.54
CA ARG B 469 19.99 16.67 -10.34
C ARG B 469 19.85 15.33 -9.64
N LYS B 470 20.36 14.25 -10.24
CA LYS B 470 20.00 12.90 -9.81
C LYS B 470 20.42 12.59 -8.37
N ASP B 471 21.46 13.24 -7.85
CA ASP B 471 21.91 12.98 -6.49
C ASP B 471 21.91 14.25 -5.64
N LYS B 472 21.00 15.17 -5.92
CA LYS B 472 20.95 16.45 -5.23
C LYS B 472 19.74 16.48 -4.30
N THR B 473 19.94 17.02 -3.11
CA THR B 473 18.87 17.32 -2.18
C THR B 473 18.26 18.69 -2.50
N GLN B 474 17.19 19.03 -1.77
CA GLN B 474 16.58 20.35 -1.92
C GLN B 474 17.57 21.46 -1.58
N LEU B 475 18.37 21.26 -0.54
CA LEU B 475 19.29 22.31 -0.14
C LEU B 475 20.36 22.56 -1.18
N GLN B 476 20.64 21.59 -2.05
CA GLN B 476 21.58 21.77 -3.14
C GLN B 476 20.92 22.25 -4.42
N ASP B 477 19.64 22.60 -4.37
CA ASP B 477 18.96 22.99 -5.59
C ASP B 477 19.60 24.27 -6.14
N VAL B 478 19.45 24.46 -7.45
CA VAL B 478 20.02 25.60 -8.15
C VAL B 478 19.01 26.06 -9.18
N PRO B 479 19.00 27.36 -9.49
CA PRO B 479 18.05 27.85 -10.50
C PRO B 479 18.25 27.16 -11.85
N LEU B 480 17.14 26.64 -12.40
CA LEU B 480 17.17 26.07 -13.74
C LEU B 480 17.82 27.01 -14.75
N GLY B 481 17.43 28.28 -14.77
CA GLY B 481 18.02 29.22 -15.70
C GLY B 481 19.52 29.38 -15.51
N GLU B 482 19.99 29.28 -14.27
CA GLU B 482 21.42 29.36 -14.01
C GLU B 482 22.14 28.10 -14.48
N LYS B 483 21.59 26.92 -14.18
CA LYS B 483 22.22 25.68 -14.64
C LYS B 483 22.32 25.65 -16.16
N ILE B 484 21.20 25.93 -16.83
CA ILE B 484 21.16 25.93 -18.29
C ILE B 484 22.27 26.80 -18.86
N GLU B 485 22.44 28.00 -18.31
CA GLU B 485 23.47 28.91 -18.79
C GLU B 485 24.87 28.34 -18.58
N GLU B 486 25.11 27.72 -17.42
CA GLU B 486 26.43 27.18 -17.15
C GLU B 486 26.72 25.95 -18.03
N ILE B 487 25.70 25.12 -18.26
CA ILE B 487 25.86 23.97 -19.16
C ILE B 487 26.10 24.45 -20.59
N TYR B 488 25.40 25.51 -20.99
CA TYR B 488 25.60 26.06 -22.33
C TYR B 488 27.01 26.61 -22.51
N LYS B 489 27.52 27.34 -21.50
CA LYS B 489 28.86 27.89 -21.61
C LYS B 489 29.92 26.80 -21.70
N ALA B 490 29.78 25.75 -20.86
CA ALA B 490 30.72 24.64 -20.95
C ALA B 490 30.58 23.90 -22.28
N PHE B 491 29.35 23.81 -22.79
CA PHE B 491 29.11 23.10 -24.05
C PHE B 491 29.76 23.81 -25.23
N ILE B 492 29.79 25.14 -25.22
CA ILE B 492 30.38 25.89 -26.33
C ILE B 492 31.91 25.83 -26.27
N LYS B 493 32.48 25.88 -25.07
CA LYS B 493 33.93 25.79 -24.93
C LYS B 493 34.45 24.40 -25.31
N GLU B 494 33.75 23.35 -24.86
CA GLU B 494 34.20 21.99 -25.17
C GLU B 494 33.98 21.65 -26.64
N SER B 495 32.81 22.01 -27.20
CA SER B 495 32.48 21.63 -28.57
C SER B 495 33.15 22.50 -29.61
N GLY B 496 33.50 23.74 -29.26
CA GLY B 496 34.00 24.67 -30.24
C GLY B 496 32.98 25.11 -31.26
N ILE B 497 31.72 24.71 -31.12
CA ILE B 497 30.69 25.16 -32.04
C ILE B 497 30.52 26.66 -31.88
N GLN B 498 30.47 27.36 -33.00
CA GLN B 498 30.21 28.79 -33.00
C GLN B 498 28.87 29.02 -33.69
N PHE B 499 27.85 29.30 -32.89
CA PHE B 499 26.53 29.57 -33.43
C PHE B 499 26.48 30.94 -34.12
N SER B 500 25.67 31.02 -35.16
CA SER B 500 25.41 32.32 -35.77
C SER B 500 24.45 33.13 -34.89
N GLU B 501 24.31 34.40 -35.25
CA GLU B 501 23.44 35.30 -34.50
C GLU B 501 21.99 34.82 -34.56
N LEU B 502 21.55 34.38 -35.74
CA LEU B 502 20.19 33.88 -35.90
C LEU B 502 19.97 32.61 -35.08
N GLU B 503 20.93 31.67 -35.16
CA GLU B 503 20.81 30.44 -34.37
C GLU B 503 20.66 30.74 -32.88
N GLY B 504 21.37 31.77 -32.38
CA GLY B 504 21.25 32.10 -30.98
C GLY B 504 19.95 32.80 -30.64
N GLN B 505 19.40 33.56 -31.60
CA GLN B 505 18.08 34.15 -31.41
C GLN B 505 17.00 33.07 -31.37
N VAL B 506 17.10 32.08 -32.26
CA VAL B 506 16.17 30.95 -32.26
C VAL B 506 16.31 30.14 -30.99
N LEU B 507 17.52 30.06 -30.44
CA LEU B 507 17.71 29.37 -29.16
C LEU B 507 16.98 30.11 -28.04
N GLN B 508 17.13 31.44 -28.02
CA GLN B 508 16.37 32.26 -27.09
C GLN B 508 14.87 32.05 -27.26
N PHE B 509 14.39 31.85 -28.49
CA PHE B 509 12.98 31.57 -28.68
C PHE B 509 12.56 30.30 -27.93
N HIS B 510 13.27 29.19 -28.17
CA HIS B 510 12.95 27.95 -27.46
C HIS B 510 13.07 28.12 -25.95
N LEU B 511 14.04 28.91 -25.51
CA LEU B 511 14.11 29.24 -24.08
C LEU B 511 12.85 29.97 -23.62
N SER B 512 12.41 30.97 -24.39
CA SER B 512 11.20 31.69 -24.01
C SER B 512 10.00 30.75 -23.91
N ASN B 513 9.96 29.71 -24.75
CA ASN B 513 8.86 28.75 -24.69
C ASN B 513 8.83 28.02 -23.35
N LEU B 514 10.00 27.66 -22.80
CA LEU B 514 10.00 27.04 -21.48
C LEU B 514 9.54 28.03 -20.41
N GLU B 515 10.03 29.29 -20.47
CA GLU B 515 9.59 30.30 -19.52
C GLU B 515 8.10 30.56 -19.64
N TYR B 516 7.59 30.53 -20.87
CA TYR B 516 6.15 30.55 -21.10
C TYR B 516 5.46 29.42 -20.31
N ALA B 517 5.99 28.19 -20.42
CA ALA B 517 5.37 27.02 -19.77
C ALA B 517 5.44 27.11 -18.25
N CYS B 518 6.55 27.60 -17.70
CA CYS B 518 6.68 27.77 -16.27
C CYS B 518 6.00 29.03 -15.74
N GLY B 519 5.64 29.98 -16.60
CA GLY B 519 5.17 31.26 -16.09
C GLY B 519 6.22 32.07 -15.36
N SER B 520 7.49 31.82 -15.64
CA SER B 520 8.54 32.56 -14.95
C SER B 520 9.80 32.56 -15.78
N ASN B 521 10.57 33.64 -15.66
CA ASN B 521 11.98 33.58 -16.03
C ASN B 521 12.62 32.38 -15.33
N LEU B 522 13.40 31.60 -16.08
CA LEU B 522 13.91 30.36 -15.49
C LEU B 522 14.85 30.58 -14.30
N HIS B 523 15.22 31.81 -13.97
CA HIS B 523 16.10 31.98 -12.81
C HIS B 523 15.37 31.90 -11.48
N GLN B 524 14.05 31.81 -11.47
CA GLN B 524 13.31 31.52 -10.25
C GLN B 524 12.84 30.06 -10.21
N VAL B 525 13.06 29.29 -11.27
CA VAL B 525 12.54 27.94 -11.42
C VAL B 525 13.56 26.92 -10.91
N SER B 526 13.07 25.91 -10.17
CA SER B 526 13.92 24.88 -9.61
C SER B 526 14.51 23.96 -10.68
N ALA B 527 15.84 23.81 -10.67
CA ALA B 527 16.45 22.87 -11.59
C ALA B 527 16.08 21.43 -11.23
N ARG B 528 15.99 21.12 -9.94
CA ARG B 528 15.64 19.77 -9.51
C ARG B 528 14.21 19.42 -9.90
N SER B 529 13.28 20.39 -9.80
CA SER B 529 11.88 20.05 -9.67
C SER B 529 10.98 20.70 -10.72
N TRP B 530 11.54 21.37 -11.73
CA TRP B 530 10.68 22.13 -12.65
C TRP B 530 9.69 21.23 -13.38
N ASP B 531 10.10 20.02 -13.73
CA ASP B 531 9.25 19.06 -14.43
C ASP B 531 8.86 17.89 -13.54
N HIS B 532 8.75 18.12 -12.23
CA HIS B 532 8.45 17.04 -11.29
C HIS B 532 7.22 16.25 -11.72
N ASN B 533 6.19 16.94 -12.23
CA ASN B 533 4.95 16.22 -12.55
C ASN B 533 5.09 15.28 -13.75
N GLU B 534 6.15 15.45 -14.55
CA GLU B 534 6.35 14.55 -15.68
C GLU B 534 6.71 13.14 -15.25
N PHE B 535 7.11 12.95 -13.99
CA PHE B 535 7.36 11.60 -13.48
C PHE B 535 6.09 10.74 -13.54
N PHE B 536 4.92 11.36 -13.42
CA PHE B 536 3.67 10.62 -13.44
C PHE B 536 3.11 10.56 -14.86
N ALA B 537 2.15 9.67 -15.06
CA ALA B 537 1.50 9.55 -16.36
C ALA B 537 0.78 10.84 -16.71
N GLN B 538 0.93 11.26 -17.97
CA GLN B 538 0.43 12.53 -18.47
C GLN B 538 -0.74 12.31 -19.42
N PHE B 539 -1.51 13.38 -19.68
CA PHE B 539 -2.67 13.25 -20.57
C PHE B 539 -2.19 13.05 -22.01
N ALA B 540 -2.61 11.96 -22.63
CA ALA B 540 -2.16 11.65 -23.98
C ALA B 540 -3.06 12.32 -25.02
N GLY B 541 -2.65 12.21 -26.29
CA GLY B 541 -3.52 12.62 -27.38
C GLY B 541 -3.50 14.12 -27.67
N ASP B 542 -4.59 14.57 -28.29
CA ASP B 542 -4.63 15.87 -28.97
C ASP B 542 -4.43 17.06 -28.03
N HIS B 543 -3.77 18.09 -28.58
CA HIS B 543 -3.69 19.42 -27.99
C HIS B 543 -4.63 20.32 -28.79
N THR B 544 -5.62 20.89 -28.11
CA THR B 544 -6.70 21.56 -28.83
C THR B 544 -6.84 22.99 -28.34
N LEU B 545 -7.32 23.83 -29.25
CA LEU B 545 -7.92 25.11 -28.90
C LEU B 545 -9.38 24.86 -28.56
N LEU B 546 -9.80 25.22 -27.36
CA LEU B 546 -11.21 25.09 -26.99
C LEU B 546 -11.96 26.28 -27.61
N THR B 547 -12.38 26.10 -28.86
CA THR B 547 -12.94 27.19 -29.67
C THR B 547 -14.10 27.91 -28.99
N PRO B 548 -15.13 27.24 -28.45
CA PRO B 548 -16.20 28.00 -27.79
C PRO B 548 -15.79 28.61 -26.45
N GLY B 549 -14.58 28.34 -25.98
CA GLY B 549 -14.12 28.89 -24.72
C GLY B 549 -14.44 28.07 -23.48
N TYR B 550 -13.53 28.07 -22.51
CA TYR B 550 -13.78 27.35 -21.27
C TYR B 550 -14.99 27.89 -20.52
N SER B 551 -15.46 29.10 -20.84
CA SER B 551 -16.57 29.66 -20.07
C SER B 551 -17.86 28.89 -20.29
N VAL B 552 -18.02 28.22 -21.44
CA VAL B 552 -19.19 27.37 -21.66
C VAL B 552 -19.23 26.27 -20.62
N ILE B 553 -18.09 25.68 -20.33
CA ILE B 553 -18.02 24.63 -19.32
C ILE B 553 -18.26 25.22 -17.95
N ILE B 554 -17.58 26.33 -17.66
CA ILE B 554 -17.69 27.02 -16.38
C ILE B 554 -19.14 27.36 -16.06
N GLU B 555 -19.86 27.92 -17.04
CA GLU B 555 -21.23 28.35 -16.78
C GLU B 555 -22.15 27.15 -16.56
N LYS B 556 -21.94 26.06 -17.31
CA LYS B 556 -22.76 24.88 -17.10
C LYS B 556 -22.52 24.28 -15.72
N LEU B 557 -21.26 24.24 -15.27
CA LEU B 557 -20.97 23.78 -13.92
C LEU B 557 -21.68 24.63 -12.86
N ALA B 558 -21.75 25.94 -13.08
CA ALA B 558 -22.31 26.85 -12.08
C ALA B 558 -23.84 26.84 -12.08
N GLU B 559 -24.47 26.41 -13.16
CA GLU B 559 -25.91 26.53 -13.37
C GLU B 559 -26.69 26.05 -12.15
N GLY B 560 -27.53 26.94 -11.60
CA GLY B 560 -28.41 26.59 -10.51
C GLY B 560 -27.75 26.43 -9.15
N LEU B 561 -26.47 26.77 -9.02
CA LEU B 561 -25.81 26.68 -7.73
C LEU B 561 -25.91 28.00 -6.98
N ASP B 562 -25.87 27.90 -5.66
CA ASP B 562 -25.99 29.04 -4.76
C ASP B 562 -24.62 29.72 -4.70
N ILE B 563 -24.42 30.70 -5.58
CA ILE B 563 -23.14 31.39 -5.73
C ILE B 563 -23.32 32.84 -5.33
N GLN B 564 -22.54 33.27 -4.35
CA GLN B 564 -22.56 34.65 -3.87
C GLN B 564 -21.38 35.38 -4.48
N LEU B 565 -21.66 36.23 -5.47
CA LEU B 565 -20.60 37.05 -6.06
C LEU B 565 -20.28 38.23 -5.15
N LYS B 566 -19.26 39.00 -5.53
CA LYS B 566 -18.80 40.14 -4.75
C LYS B 566 -18.75 39.84 -3.26
N SER B 567 -18.26 38.66 -2.88
CA SER B 567 -18.21 38.22 -1.48
C SER B 567 -16.81 37.75 -1.13
N PRO B 568 -15.84 38.66 -1.09
CA PRO B 568 -14.46 38.26 -0.76
C PRO B 568 -14.39 37.74 0.68
N VAL B 569 -13.87 36.53 0.84
CA VAL B 569 -13.73 35.99 2.19
C VAL B 569 -12.53 36.63 2.87
N GLN B 570 -12.74 37.10 4.11
CA GLN B 570 -11.70 37.70 4.92
C GLN B 570 -11.19 36.79 6.02
N CYS B 571 -12.05 35.96 6.59
CA CYS B 571 -11.67 35.18 7.77
C CYS B 571 -12.35 33.82 7.71
N ILE B 572 -11.60 32.78 8.06
CA ILE B 572 -12.11 31.42 8.19
C ILE B 572 -11.79 30.97 9.60
N ASP B 573 -12.81 30.82 10.41
CA ASP B 573 -12.66 30.42 11.80
C ASP B 573 -13.25 29.01 11.94
N TYR B 574 -12.38 28.02 12.19
CA TYR B 574 -12.78 26.63 12.35
C TYR B 574 -12.38 26.10 13.73
N SER B 575 -12.18 27.00 14.69
CA SER B 575 -11.92 26.59 16.06
C SER B 575 -13.14 25.92 16.70
N GLY B 576 -14.35 26.34 16.34
CA GLY B 576 -15.57 25.82 16.94
C GLY B 576 -16.06 24.51 16.33
N ASP B 577 -17.35 24.24 16.57
CA ASP B 577 -17.95 23.02 16.03
C ASP B 577 -18.20 23.13 14.54
N GLU B 578 -18.57 24.32 14.08
CA GLU B 578 -18.83 24.57 12.67
C GLU B 578 -17.97 25.71 12.18
N VAL B 579 -17.56 25.63 10.92
CA VAL B 579 -16.76 26.69 10.33
C VAL B 579 -17.56 27.98 10.29
N GLN B 580 -16.91 29.07 10.67
CA GLN B 580 -17.46 30.41 10.55
C GLN B 580 -16.63 31.17 9.54
N VAL B 581 -17.26 31.57 8.45
CA VAL B 581 -16.60 32.29 7.36
C VAL B 581 -17.15 33.71 7.34
N THR B 582 -16.26 34.70 7.24
CA THR B 582 -16.64 36.10 7.26
C THR B 582 -16.09 36.80 6.02
N THR B 583 -16.96 37.51 5.31
CA THR B 583 -16.51 38.29 4.17
C THR B 583 -15.95 39.62 4.64
N THR B 584 -15.39 40.37 3.68
CA THR B 584 -14.74 41.64 4.01
C THR B 584 -15.74 42.65 4.56
N ASP B 585 -17.01 42.58 4.17
CA ASP B 585 -18.02 43.52 4.67
C ASP B 585 -18.72 43.04 5.93
N GLY B 586 -18.32 41.91 6.50
CA GLY B 586 -18.86 41.46 7.75
C GLY B 586 -19.91 40.37 7.67
N THR B 587 -20.38 40.01 6.48
CA THR B 587 -21.40 38.98 6.37
C THR B 587 -20.85 37.63 6.84
N GLY B 588 -21.66 36.91 7.60
CA GLY B 588 -21.26 35.66 8.21
C GLY B 588 -21.94 34.49 7.52
N TYR B 589 -21.16 33.45 7.26
CA TYR B 589 -21.65 32.19 6.74
C TYR B 589 -21.11 31.09 7.63
N SER B 590 -21.93 30.07 7.88
CA SER B 590 -21.46 28.90 8.62
C SER B 590 -21.78 27.63 7.84
N ALA B 591 -20.99 26.61 8.12
CA ALA B 591 -21.17 25.28 7.56
C ALA B 591 -20.24 24.35 8.31
N GLN B 592 -20.45 23.05 8.13
CA GLN B 592 -19.63 22.05 8.79
C GLN B 592 -18.23 22.00 8.21
N LYS B 593 -18.07 22.26 6.91
CA LYS B 593 -16.79 22.14 6.22
C LYS B 593 -16.58 23.31 5.29
N VAL B 594 -15.32 23.67 5.05
CA VAL B 594 -14.97 24.74 4.11
C VAL B 594 -13.90 24.23 3.15
N LEU B 595 -13.97 24.67 1.90
CA LEU B 595 -13.03 24.33 0.84
C LEU B 595 -12.43 25.60 0.29
N VAL B 596 -11.12 25.76 0.42
CA VAL B 596 -10.40 26.93 -0.08
C VAL B 596 -9.86 26.62 -1.48
N THR B 597 -10.27 27.40 -2.49
CA THR B 597 -9.72 27.20 -3.83
C THR B 597 -9.02 28.44 -4.37
N VAL B 598 -8.66 29.39 -3.51
CA VAL B 598 -8.07 30.66 -3.95
C VAL B 598 -6.71 30.43 -4.61
N PRO B 599 -6.26 31.33 -5.48
CA PRO B 599 -4.99 31.10 -6.18
C PRO B 599 -3.80 31.10 -5.22
N LEU B 600 -2.73 30.43 -5.66
CA LEU B 600 -1.51 30.30 -4.87
C LEU B 600 -1.04 31.64 -4.35
N ALA B 601 -1.06 32.67 -5.20
CA ALA B 601 -0.57 33.99 -4.78
C ALA B 601 -1.36 34.55 -3.61
N LEU B 602 -2.65 34.25 -3.54
CA LEU B 602 -3.43 34.84 -2.44
C LEU B 602 -3.17 34.13 -1.12
N LEU B 603 -2.86 32.82 -1.16
CA LEU B 603 -2.40 32.12 0.04
C LEU B 603 -1.07 32.66 0.51
N GLN B 604 -0.13 32.87 -0.42
CA GLN B 604 1.15 33.46 -0.07
C GLN B 604 0.99 34.85 0.54
N LYS B 605 0.03 35.62 0.03
CA LYS B 605 -0.17 36.94 0.60
C LYS B 605 -0.92 36.89 1.92
N GLY B 606 -1.55 35.78 2.27
CA GLY B 606 -2.26 35.74 3.53
C GLY B 606 -3.49 36.60 3.54
N ALA B 607 -4.16 36.74 2.39
CA ALA B 607 -5.33 37.59 2.27
C ALA B 607 -6.48 37.08 3.15
N ILE B 608 -6.56 35.77 3.38
CA ILE B 608 -7.57 35.22 4.27
C ILE B 608 -6.90 34.90 5.60
N GLN B 609 -7.47 35.42 6.69
CA GLN B 609 -7.03 35.08 8.02
C GLN B 609 -7.60 33.72 8.39
N PHE B 610 -6.74 32.79 8.80
CA PHE B 610 -7.18 31.48 9.26
C PHE B 610 -7.08 31.41 10.78
N ASN B 611 -8.11 30.90 11.43
CA ASN B 611 -8.11 30.73 12.89
C ASN B 611 -8.59 29.33 13.25
N PRO B 612 -7.71 28.45 13.75
CA PRO B 612 -6.29 28.69 13.99
C PRO B 612 -5.47 28.86 12.70
N PRO B 613 -4.31 29.52 12.80
CA PRO B 613 -3.50 29.77 11.60
C PRO B 613 -3.04 28.49 10.93
N LEU B 614 -2.76 28.61 9.63
CA LEU B 614 -2.18 27.47 8.92
C LEU B 614 -0.86 27.10 9.58
N SER B 615 -0.56 25.80 9.53
CA SER B 615 0.63 25.26 10.15
C SER B 615 1.88 25.80 9.49
N GLU B 616 2.97 25.77 10.24
CA GLU B 616 4.27 26.11 9.68
C GLU B 616 4.61 25.22 8.48
N LYS B 617 4.24 23.93 8.53
CA LYS B 617 4.53 23.05 7.41
C LYS B 617 3.73 23.45 6.17
N LYS B 618 2.44 23.72 6.35
CA LYS B 618 1.63 24.14 5.20
C LYS B 618 2.13 25.49 4.65
N MET B 619 2.49 26.43 5.52
CA MET B 619 2.98 27.72 5.03
C MET B 619 4.30 27.57 4.27
N LYS B 620 5.18 26.68 4.72
CA LYS B 620 6.43 26.47 4.00
C LYS B 620 6.18 25.92 2.61
N ALA B 621 5.23 24.99 2.49
CA ALA B 621 4.90 24.44 1.18
C ALA B 621 4.32 25.53 0.26
N ILE B 622 3.35 26.29 0.77
CA ILE B 622 2.75 27.39 0.03
C ILE B 622 3.82 28.35 -0.50
N ASN B 623 4.77 28.71 0.37
CA ASN B 623 5.80 29.67 -0.04
C ASN B 623 6.93 29.05 -0.85
N SER B 624 6.95 27.74 -1.04
CA SER B 624 7.98 27.10 -1.86
C SER B 624 7.57 26.98 -3.32
N LEU B 625 6.31 27.21 -3.65
CA LEU B 625 5.86 27.24 -5.03
C LEU B 625 5.86 28.68 -5.55
N GLY B 626 5.99 28.83 -6.86
CA GLY B 626 6.05 30.15 -7.48
C GLY B 626 4.71 30.53 -8.11
N ALA B 627 4.39 31.82 -8.05
CA ALA B 627 3.17 32.35 -8.65
C ALA B 627 3.53 32.80 -10.07
N GLY B 628 3.53 31.84 -11.00
CA GLY B 628 3.89 32.15 -12.37
C GLY B 628 2.87 33.06 -13.04
N ILE B 629 3.32 33.77 -14.06
CA ILE B 629 2.50 34.80 -14.66
C ILE B 629 2.76 34.86 -16.16
N ILE B 630 1.69 35.01 -16.96
CA ILE B 630 1.74 35.46 -18.34
C ILE B 630 0.58 36.43 -18.52
N GLU B 631 0.65 37.25 -19.57
CA GLU B 631 -0.47 38.09 -19.97
C GLU B 631 -0.72 37.89 -21.46
N LYS B 632 -1.95 38.18 -21.90
CA LYS B 632 -2.35 38.00 -23.27
C LYS B 632 -2.77 39.34 -23.89
N ILE B 633 -2.70 39.39 -25.21
CA ILE B 633 -3.26 40.51 -25.98
C ILE B 633 -4.02 39.91 -27.14
N ALA B 634 -5.21 40.44 -27.40
CA ALA B 634 -6.02 39.99 -28.52
C ALA B 634 -6.31 41.18 -29.42
N LEU B 635 -6.29 40.94 -30.73
CA LEU B 635 -6.32 42.01 -31.73
C LEU B 635 -7.25 41.60 -32.86
N GLN B 636 -8.25 42.42 -33.15
CA GLN B 636 -9.15 42.18 -34.26
C GLN B 636 -8.81 43.12 -35.41
N PHE B 637 -8.68 42.57 -36.61
CA PHE B 637 -8.31 43.35 -37.79
C PHE B 637 -9.46 43.38 -38.78
N PRO B 638 -9.42 44.30 -39.76
CA PRO B 638 -10.47 44.29 -40.79
C PRO B 638 -10.31 43.19 -41.83
N TYR B 639 -9.12 42.59 -41.95
CA TYR B 639 -8.94 41.45 -42.84
C TYR B 639 -7.78 40.61 -42.33
N ARG B 640 -7.67 39.39 -42.86
CA ARG B 640 -6.66 38.43 -42.44
C ARG B 640 -5.37 38.70 -43.21
N PHE B 641 -4.63 39.71 -42.74
CA PHE B 641 -3.46 40.18 -43.49
C PHE B 641 -2.33 39.15 -43.54
N TRP B 642 -2.39 38.12 -42.72
CA TRP B 642 -1.29 37.20 -42.55
C TRP B 642 -1.42 35.94 -43.40
N ASP B 643 -2.58 35.72 -44.02
CA ASP B 643 -2.86 34.43 -44.69
C ASP B 643 -1.82 34.12 -45.75
N SER B 644 -1.45 35.13 -46.55
CA SER B 644 -0.47 34.93 -47.61
C SER B 644 0.82 34.31 -47.08
N LYS B 645 1.29 34.77 -45.91
CA LYS B 645 2.54 34.32 -45.33
C LYS B 645 2.35 33.10 -44.43
N VAL B 646 1.27 33.07 -43.66
CA VAL B 646 1.08 32.00 -42.67
C VAL B 646 0.49 30.75 -43.31
N GLN B 647 -0.32 30.93 -44.37
CA GLN B 647 -0.85 29.83 -45.18
C GLN B 647 -1.62 28.80 -44.35
N GLY B 648 -2.45 29.27 -43.42
CA GLY B 648 -3.37 28.40 -42.71
C GLY B 648 -2.87 27.82 -41.40
N ALA B 649 -1.60 27.99 -41.08
CA ALA B 649 -1.10 27.45 -39.82
C ALA B 649 -1.83 28.08 -38.64
N ASP B 650 -1.94 27.33 -37.55
CA ASP B 650 -2.67 27.82 -36.37
C ASP B 650 -1.93 28.92 -35.62
N PHE B 651 -0.61 29.02 -35.78
CA PHE B 651 0.20 29.98 -35.04
C PHE B 651 1.51 30.22 -35.78
N PHE B 652 2.13 31.36 -35.49
CA PHE B 652 3.50 31.60 -35.91
C PHE B 652 4.32 32.13 -34.74
N GLY B 653 5.63 31.89 -34.80
CA GLY B 653 6.56 32.41 -33.81
C GLY B 653 7.20 33.73 -34.23
N HIS B 654 7.77 34.41 -33.22
CA HIS B 654 8.47 35.69 -33.37
C HIS B 654 9.85 35.50 -32.78
N VAL B 655 10.87 35.49 -33.64
CA VAL B 655 12.25 35.31 -33.19
C VAL B 655 12.67 36.54 -32.39
N PRO B 656 13.09 36.38 -31.14
CA PRO B 656 13.49 37.55 -30.32
C PRO B 656 14.77 38.17 -30.85
N PRO B 657 14.83 39.51 -30.98
CA PRO B 657 16.05 40.14 -31.51
C PRO B 657 17.22 40.08 -30.54
N SER B 658 16.96 39.99 -29.24
CA SER B 658 18.00 39.85 -28.23
C SER B 658 17.40 39.12 -27.05
N ALA B 659 18.27 38.65 -26.16
CA ALA B 659 17.81 37.94 -24.97
C ALA B 659 16.86 38.82 -24.14
N SER B 660 17.19 40.10 -23.99
CA SER B 660 16.34 40.99 -23.21
C SER B 660 14.93 41.13 -23.79
N LYS B 661 14.75 40.85 -25.08
CA LYS B 661 13.43 40.90 -25.72
C LYS B 661 12.68 39.58 -25.63
N ARG B 662 13.22 38.60 -24.91
CA ARG B 662 12.62 37.28 -24.83
C ARG B 662 11.22 37.34 -24.25
N GLY B 663 10.28 36.63 -24.88
CA GLY B 663 8.96 36.53 -24.30
C GLY B 663 7.98 37.62 -24.66
N LEU B 664 8.43 38.66 -25.38
CA LEU B 664 7.55 39.76 -25.79
C LEU B 664 6.87 39.37 -27.10
N PHE B 665 5.64 38.87 -27.01
CA PHE B 665 4.85 38.43 -28.15
C PHE B 665 5.60 37.37 -28.97
N ALA B 666 5.98 36.28 -28.29
CA ALA B 666 6.78 35.24 -28.91
C ALA B 666 5.96 34.35 -29.83
N VAL B 667 4.65 34.22 -29.58
CA VAL B 667 3.77 33.40 -30.40
C VAL B 667 2.48 34.17 -30.68
N PHE B 668 1.98 34.04 -31.90
CA PHE B 668 0.72 34.65 -32.33
C PHE B 668 -0.22 33.52 -32.76
N TYR B 669 -1.44 33.54 -32.23
CA TYR B 669 -2.44 32.49 -32.48
C TYR B 669 -3.54 33.02 -33.39
N ASP B 670 -3.79 32.31 -34.49
CA ASP B 670 -4.92 32.62 -35.36
C ASP B 670 -6.17 32.05 -34.69
N MET B 671 -7.07 32.92 -34.23
CA MET B 671 -8.18 32.54 -33.35
C MET B 671 -9.42 32.04 -34.08
N ASP B 672 -9.44 31.99 -35.41
CA ASP B 672 -10.55 31.33 -36.09
C ASP B 672 -10.06 30.14 -36.90
N PRO B 673 -10.20 28.91 -36.40
CA PRO B 673 -9.79 27.74 -37.20
C PRO B 673 -10.51 27.63 -38.55
N GLN B 674 -11.67 28.26 -38.71
CA GLN B 674 -12.34 28.23 -40.00
C GLN B 674 -11.79 29.27 -40.98
N LYS B 675 -10.82 30.09 -40.55
CA LYS B 675 -10.08 31.00 -41.43
C LYS B 675 -10.97 32.07 -42.06
N LYS B 676 -12.04 32.45 -41.38
CA LYS B 676 -12.91 33.49 -41.92
C LYS B 676 -12.72 34.84 -41.23
N HIS B 677 -12.59 34.86 -39.91
CA HIS B 677 -12.47 36.09 -39.16
C HIS B 677 -11.02 36.43 -38.88
N SER B 678 -10.79 37.66 -38.42
CA SER B 678 -9.46 38.26 -38.38
C SER B 678 -9.11 38.63 -36.95
N VAL B 679 -8.75 37.63 -36.14
CA VAL B 679 -8.37 37.86 -34.75
C VAL B 679 -7.09 37.09 -34.46
N LEU B 680 -6.07 37.80 -33.99
CA LEU B 680 -4.87 37.21 -33.44
C LEU B 680 -4.79 37.45 -31.94
N MET B 681 -4.12 36.51 -31.27
CA MET B 681 -3.85 36.59 -29.83
C MET B 681 -2.36 36.29 -29.63
N SER B 682 -1.71 37.06 -28.76
CA SER B 682 -0.31 36.80 -28.45
C SER B 682 -0.13 36.85 -26.94
N VAL B 683 1.06 36.46 -26.50
CA VAL B 683 1.36 36.26 -25.09
C VAL B 683 2.57 37.10 -24.72
N ILE B 684 2.58 37.59 -23.48
CA ILE B 684 3.73 38.22 -22.86
C ILE B 684 4.16 37.33 -21.69
N ALA B 685 5.42 36.89 -21.71
CA ALA B 685 5.87 35.91 -20.73
C ALA B 685 7.36 36.11 -20.43
N GLY B 686 7.86 35.37 -19.44
CA GLY B 686 9.27 35.47 -19.07
C GLY B 686 9.61 36.85 -18.56
N GLU B 687 10.78 37.34 -18.95
CA GLU B 687 11.19 38.68 -18.52
C GLU B 687 10.25 39.75 -19.04
N ALA B 688 9.60 39.52 -20.18
CA ALA B 688 8.74 40.53 -20.77
C ALA B 688 7.63 41.01 -19.83
N VAL B 689 7.21 40.19 -18.87
CA VAL B 689 6.09 40.59 -18.02
C VAL B 689 6.44 41.86 -17.23
N ALA B 690 7.60 41.87 -16.59
CA ALA B 690 8.04 43.05 -15.87
C ALA B 690 8.04 44.28 -16.77
N SER B 691 8.55 44.15 -18.00
CA SER B 691 8.67 45.28 -18.89
C SER B 691 7.31 45.91 -19.19
N VAL B 692 6.28 45.09 -19.43
CA VAL B 692 4.97 45.68 -19.71
C VAL B 692 4.23 46.14 -18.46
N ARG B 693 4.74 45.83 -17.27
CA ARG B 693 4.08 46.26 -16.04
C ARG B 693 4.09 47.78 -15.89
N THR B 694 5.11 48.46 -16.42
CA THR B 694 5.18 49.91 -16.39
C THR B 694 4.41 50.59 -17.54
N LEU B 695 3.79 49.83 -18.44
CA LEU B 695 3.16 50.37 -19.64
C LEU B 695 1.64 50.31 -19.54
N ASP B 696 0.95 51.32 -20.09
CA ASP B 696 -0.51 51.25 -20.16
C ASP B 696 -0.92 50.41 -21.38
N ASP B 697 -2.23 50.19 -21.54
CA ASP B 697 -2.70 49.21 -22.54
C ASP B 697 -2.38 49.66 -23.96
N LYS B 698 -2.55 50.95 -24.23
CA LYS B 698 -2.24 51.49 -25.55
C LYS B 698 -0.76 51.32 -25.88
N GLN B 699 0.12 51.46 -24.87
CA GLN B 699 1.55 51.27 -25.10
C GLN B 699 1.85 49.82 -25.46
N VAL B 700 1.21 48.87 -24.77
CA VAL B 700 1.41 47.47 -25.09
C VAL B 700 0.95 47.19 -26.52
N LEU B 701 -0.23 47.71 -26.88
CA LEU B 701 -0.72 47.56 -28.24
C LEU B 701 0.27 48.12 -29.25
N GLN B 702 0.79 49.32 -28.99
CA GLN B 702 1.74 49.95 -29.91
C GLN B 702 3.00 49.09 -30.08
N GLN B 703 3.51 48.53 -28.98
CA GLN B 703 4.65 47.62 -29.12
C GLN B 703 4.26 46.36 -29.89
N CYS B 704 3.05 45.83 -29.65
CA CYS B 704 2.65 44.63 -30.37
C CYS B 704 2.45 44.91 -31.85
N MET B 705 1.80 46.03 -32.19
CA MET B 705 1.63 46.41 -33.59
C MET B 705 2.98 46.67 -34.24
N ALA B 706 3.93 47.26 -33.50
CA ALA B 706 5.26 47.45 -34.06
C ALA B 706 5.94 46.10 -34.34
N THR B 707 5.68 45.10 -33.50
CA THR B 707 6.23 43.77 -33.73
C THR B 707 5.61 43.14 -34.98
N LEU B 708 4.29 43.20 -35.10
CA LEU B 708 3.62 42.68 -36.28
C LEU B 708 4.12 43.36 -37.56
N ARG B 709 4.38 44.68 -37.50
CA ARG B 709 4.85 45.32 -38.72
C ARG B 709 6.28 44.89 -39.05
N GLU B 710 7.09 44.57 -38.03
CA GLU B 710 8.38 43.93 -38.28
C GLU B 710 8.23 42.53 -38.87
N LEU B 711 7.35 41.69 -38.30
CA LEU B 711 7.21 40.33 -38.81
C LEU B 711 6.66 40.30 -40.24
N PHE B 712 5.87 41.31 -40.62
CA PHE B 712 5.24 41.39 -41.92
C PHE B 712 5.78 42.60 -42.68
N LYS B 713 7.09 42.86 -42.52
CA LYS B 713 7.72 44.05 -43.04
C LYS B 713 7.52 44.22 -44.54
N GLU B 714 7.40 43.12 -45.30
CA GLU B 714 7.27 43.22 -46.76
C GLU B 714 5.93 43.74 -47.21
N GLN B 715 4.99 43.98 -46.31
CA GLN B 715 3.65 44.40 -46.68
C GLN B 715 3.11 45.41 -45.66
N GLU B 716 1.94 45.96 -45.98
CA GLU B 716 1.18 46.77 -45.05
C GLU B 716 0.46 45.90 -44.04
N VAL B 717 0.35 46.40 -42.81
CA VAL B 717 -0.43 45.75 -41.77
C VAL B 717 -1.50 46.75 -41.34
N PRO B 718 -2.78 46.41 -41.44
CA PRO B 718 -3.82 47.36 -41.03
C PRO B 718 -3.85 47.54 -39.51
N ASP B 719 -4.33 48.72 -39.09
CA ASP B 719 -4.53 48.96 -37.66
C ASP B 719 -5.59 48.01 -37.12
N PRO B 720 -5.44 47.50 -35.89
CA PRO B 720 -6.51 46.73 -35.27
C PRO B 720 -7.70 47.64 -35.00
N THR B 721 -8.90 47.04 -35.04
CA THR B 721 -10.10 47.83 -34.79
C THR B 721 -10.67 47.60 -33.38
N LYS B 722 -10.13 46.63 -32.65
CA LYS B 722 -10.59 46.27 -31.32
C LYS B 722 -9.50 45.41 -30.71
N TYR B 723 -9.30 45.55 -29.40
CA TYR B 723 -8.23 44.80 -28.73
C TYR B 723 -8.44 44.79 -27.23
N PHE B 724 -7.78 43.84 -26.56
CA PHE B 724 -7.61 43.88 -25.10
C PHE B 724 -6.20 43.46 -24.73
N VAL B 725 -5.78 43.89 -23.54
CA VAL B 725 -4.54 43.48 -22.89
C VAL B 725 -4.92 43.01 -21.49
N THR B 726 -4.45 41.82 -21.10
CA THR B 726 -4.84 41.35 -19.78
C THR B 726 -3.91 41.90 -18.70
N ARG B 727 -4.44 41.93 -17.47
CA ARG B 727 -3.65 42.35 -16.31
C ARG B 727 -3.92 41.39 -15.14
N TRP B 728 -3.77 40.11 -15.40
CA TRP B 728 -3.92 39.09 -14.35
C TRP B 728 -3.01 39.37 -13.17
N SER B 729 -1.77 39.76 -13.44
CA SER B 729 -0.78 40.01 -12.39
C SER B 729 -1.26 41.04 -11.37
N THR B 730 -2.09 42.02 -11.78
CA THR B 730 -2.57 43.01 -10.82
C THR B 730 -4.06 42.88 -10.54
N ASP B 731 -4.69 41.82 -10.99
CA ASP B 731 -6.03 41.54 -10.55
C ASP B 731 -5.91 41.14 -9.07
N PRO B 732 -6.51 41.88 -8.14
CA PRO B 732 -6.19 41.64 -6.71
C PRO B 732 -6.54 40.25 -6.19
N TRP B 733 -7.52 39.56 -6.78
CA TRP B 733 -7.93 38.25 -6.29
C TRP B 733 -7.30 37.10 -7.05
N ILE B 734 -6.40 37.39 -7.98
CA ILE B 734 -5.76 36.34 -8.76
C ILE B 734 -4.25 36.45 -8.68
N GLN B 735 -3.72 37.55 -9.22
CA GLN B 735 -2.32 37.94 -9.10
C GLN B 735 -1.35 36.98 -9.77
N MET B 736 -1.81 36.14 -10.70
CA MET B 736 -0.94 35.12 -11.29
C MET B 736 -1.64 34.50 -12.48
N ALA B 737 -0.92 33.61 -13.18
CA ALA B 737 -1.52 32.74 -14.17
C ALA B 737 -1.51 31.27 -13.77
N TYR B 738 -0.36 30.76 -13.33
CA TYR B 738 -0.28 29.34 -12.92
C TYR B 738 1.00 29.11 -12.15
N SER B 739 0.98 28.07 -11.32
CA SER B 739 2.06 27.77 -10.37
C SER B 739 3.23 27.08 -11.04
N PHE B 740 4.38 27.14 -10.38
CA PHE B 740 5.56 26.36 -10.75
C PHE B 740 6.35 26.11 -9.47
N VAL B 741 7.37 25.25 -9.54
CA VAL B 741 8.19 24.98 -8.35
C VAL B 741 9.39 25.92 -8.37
N LYS B 742 9.47 26.81 -7.38
CA LYS B 742 10.62 27.69 -7.18
C LYS B 742 11.82 26.92 -6.66
N THR B 743 13.01 27.47 -6.93
CA THR B 743 14.25 26.89 -6.44
C THR B 743 14.13 26.53 -4.96
N GLY B 744 14.67 25.37 -4.60
CA GLY B 744 14.60 24.88 -3.24
C GLY B 744 13.32 24.13 -2.92
N GLY B 745 12.35 24.08 -3.82
CA GLY B 745 11.09 23.44 -3.55
C GLY B 745 10.98 22.05 -4.15
N SER B 746 9.85 21.40 -3.85
CA SER B 746 9.62 20.05 -4.32
C SER B 746 8.20 19.93 -4.81
N GLY B 747 7.98 18.97 -5.74
CA GLY B 747 6.63 18.64 -6.15
C GLY B 747 5.74 18.22 -5.00
N GLU B 748 6.32 17.76 -3.89
CA GLU B 748 5.52 17.35 -2.75
C GLU B 748 4.72 18.49 -2.16
N ALA B 749 5.19 19.74 -2.34
CA ALA B 749 4.45 20.90 -1.86
C ALA B 749 3.01 20.88 -2.33
N TYR B 750 2.77 20.44 -3.56
CA TYR B 750 1.39 20.35 -4.06
C TYR B 750 0.54 19.44 -3.18
N ASP B 751 1.08 18.28 -2.77
CA ASP B 751 0.37 17.39 -1.85
C ASP B 751 0.19 18.01 -0.47
N ILE B 752 1.21 18.72 0.02
CA ILE B 752 1.10 19.33 1.34
C ILE B 752 0.03 20.41 1.34
N ILE B 753 -0.05 21.22 0.28
CA ILE B 753 -1.10 22.22 0.22
C ILE B 753 -2.47 21.54 0.18
N ALA B 754 -2.57 20.40 -0.51
CA ALA B 754 -3.84 19.68 -0.64
C ALA B 754 -4.28 18.97 0.63
N GLU B 755 -3.44 18.90 1.65
CA GLU B 755 -3.76 18.16 2.87
CA GLU B 755 -3.79 18.14 2.84
C GLU B 755 -4.84 18.89 3.67
N ASP B 756 -5.96 18.22 3.93
CA ASP B 756 -7.03 18.85 4.70
C ASP B 756 -6.59 19.06 6.15
N ILE B 757 -7.27 19.99 6.83
CA ILE B 757 -7.03 20.28 8.23
C ILE B 757 -8.22 19.75 9.02
N GLN B 758 -7.95 18.79 9.91
CA GLN B 758 -8.94 18.28 10.88
C GLN B 758 -10.22 17.81 10.21
N GLY B 759 -10.15 17.35 8.96
CA GLY B 759 -11.34 16.95 8.23
C GLY B 759 -12.35 18.07 8.09
N THR B 760 -11.90 19.31 8.23
CA THR B 760 -12.78 20.46 8.29
C THR B 760 -12.47 21.50 7.22
N VAL B 761 -11.20 21.87 7.05
CA VAL B 761 -10.76 22.82 6.04
C VAL B 761 -10.07 22.04 4.93
N PHE B 762 -10.53 22.22 3.69
CA PHE B 762 -10.03 21.50 2.54
C PHE B 762 -9.45 22.48 1.53
N PHE B 763 -8.54 22.00 0.68
CA PHE B 763 -7.86 22.86 -0.29
C PHE B 763 -7.88 22.24 -1.68
N ALA B 764 -8.28 23.03 -2.68
CA ALA B 764 -8.23 22.63 -4.08
C ALA B 764 -7.67 23.79 -4.89
N GLY B 765 -7.54 23.59 -6.19
CA GLY B 765 -6.91 24.60 -7.02
C GLY B 765 -5.74 24.01 -7.76
N GLU B 766 -5.30 24.66 -8.85
CA GLU B 766 -4.25 24.05 -9.69
C GLU B 766 -2.95 23.91 -8.91
N ALA B 767 -2.70 24.78 -7.93
CA ALA B 767 -1.50 24.68 -7.10
C ALA B 767 -1.63 23.60 -6.02
N THR B 768 -2.67 22.78 -6.08
CA THR B 768 -2.81 21.65 -5.17
C THR B 768 -2.81 20.31 -5.91
N ASN B 769 -2.60 20.31 -7.23
CA ASN B 769 -2.63 19.08 -8.01
C ASN B 769 -1.20 18.73 -8.42
N ARG B 770 -0.62 17.76 -7.71
CA ARG B 770 0.76 17.37 -7.95
C ARG B 770 0.95 16.75 -9.32
N HIS B 771 0.05 15.85 -9.72
CA HIS B 771 0.18 15.18 -11.01
C HIS B 771 -0.10 16.13 -12.16
N PHE B 772 -1.06 17.04 -11.97
CA PHE B 772 -1.58 17.88 -13.05
C PHE B 772 -1.63 19.32 -12.57
N PRO B 773 -0.47 19.93 -12.33
CA PRO B 773 -0.45 21.32 -11.91
C PRO B 773 -0.78 22.24 -13.08
N GLN B 774 -1.10 23.50 -12.74
CA GLN B 774 -1.16 24.63 -13.68
C GLN B 774 -2.46 24.74 -14.46
N THR B 775 -3.12 23.63 -14.78
CA THR B 775 -4.12 23.59 -15.84
C THR B 775 -5.54 23.73 -15.30
N VAL B 776 -6.45 24.11 -16.19
CA VAL B 776 -7.88 23.99 -15.88
C VAL B 776 -8.22 22.55 -15.52
N THR B 777 -7.71 21.60 -16.30
CA THR B 777 -7.95 20.18 -16.05
C THR B 777 -7.53 19.80 -14.64
N GLY B 778 -6.30 20.17 -14.24
CA GLY B 778 -5.84 19.87 -12.89
C GLY B 778 -6.65 20.57 -11.81
N ALA B 779 -7.06 21.83 -12.06
CA ALA B 779 -7.90 22.52 -11.09
C ALA B 779 -9.24 21.84 -10.96
N TYR B 780 -9.87 21.51 -12.10
CA TYR B 780 -11.10 20.73 -12.10
C TYR B 780 -10.94 19.43 -11.30
N LEU B 781 -9.89 18.66 -11.61
CA LEU B 781 -9.72 17.38 -10.92
C LEU B 781 -9.48 17.57 -9.44
N SER B 782 -8.81 18.65 -9.05
CA SER B 782 -8.57 18.90 -7.63
C SER B 782 -9.86 19.16 -6.89
N GLY B 783 -10.81 19.86 -7.54
CA GLY B 783 -12.12 20.04 -6.93
C GLY B 783 -12.91 18.76 -6.82
N VAL B 784 -12.89 17.92 -7.87
CA VAL B 784 -13.48 16.59 -7.81
C VAL B 784 -12.88 15.78 -6.65
N ARG B 785 -11.55 15.84 -6.52
CA ARG B 785 -10.85 15.14 -5.43
C ARG B 785 -11.35 15.59 -4.05
N GLU B 786 -11.43 16.90 -3.84
CA GLU B 786 -11.85 17.41 -2.54
C GLU B 786 -13.34 17.12 -2.28
N ALA B 787 -14.17 17.22 -3.32
CA ALA B 787 -15.57 16.81 -3.16
C ALA B 787 -15.65 15.37 -2.67
N SER B 788 -14.78 14.49 -3.19
CA SER B 788 -14.74 13.09 -2.78
C SER B 788 -14.33 12.93 -1.32
N LYS B 789 -13.31 13.69 -0.87
CA LYS B 789 -12.94 13.66 0.53
C LYS B 789 -14.08 14.15 1.41
N ILE B 790 -14.73 15.24 1.00
CA ILE B 790 -15.77 15.83 1.83
C ILE B 790 -16.96 14.90 1.95
N ALA B 791 -17.34 14.24 0.84
CA ALA B 791 -18.50 13.36 0.85
C ALA B 791 -18.25 12.07 1.61
N ALA B 792 -16.98 11.72 1.84
CA ALA B 792 -16.66 10.47 2.53
C ALA B 792 -17.11 10.52 3.99
N PHE B 793 -16.92 11.65 4.66
CA PHE B 793 -17.20 11.77 6.09
C PHE B 793 -18.67 11.48 6.40
ZN ZN C . 27.86 -8.35 -19.96
ZN ZN D . 1.43 -14.63 -28.39
ZN ZN E . 8.33 -25.59 -33.62
PA FAD F . 12.82 0.29 28.88
O1A FAD F . 13.78 -0.84 28.89
O2A FAD F . 12.23 0.72 30.22
O5B FAD F . 13.48 1.54 28.22
C5B FAD F . 13.00 2.90 28.19
C4B FAD F . 14.16 3.83 28.37
O4B FAD F . 13.70 5.20 28.30
C3B FAD F . 14.93 3.70 29.70
O3B FAD F . 16.32 3.54 29.39
C2B FAD F . 14.70 5.05 30.40
O2B FAD F . 15.82 5.49 31.13
C1B FAD F . 14.50 5.96 29.18
N9A FAD F . 13.78 7.21 29.45
C8A FAD F . 12.67 7.38 30.22
N7A FAD F . 12.22 8.61 30.25
C5A FAD F . 13.12 9.30 29.46
C6A FAD F . 13.21 10.66 29.08
N6A FAD F . 12.37 11.61 29.50
N1A FAD F . 14.21 11.01 28.25
C2A FAD F . 15.07 10.07 27.83
N3A FAD F . 15.09 8.77 28.13
C4A FAD F . 14.08 8.45 28.95
N1 FAD F . 11.06 -9.13 30.16
C2 FAD F . 11.33 -10.31 29.54
O2 FAD F . 11.16 -10.47 28.33
N3 FAD F . 11.78 -11.38 30.32
C4 FAD F . 11.83 -11.38 31.69
O4 FAD F . 12.50 -12.20 32.29
C4X FAD F . 11.10 -10.22 32.40
N5 FAD F . 11.88 -9.94 33.61
C5X FAD F . 11.94 -8.66 34.14
C6 FAD F . 12.36 -8.46 35.45
C7 FAD F . 12.49 -7.18 35.97
C7M FAD F . 12.92 -7.00 37.40
C8 FAD F . 12.21 -6.07 35.15
C8M FAD F . 12.42 -4.67 35.66
C9 FAD F . 11.77 -6.26 33.84
C9A FAD F . 11.62 -7.55 33.33
N10 FAD F . 11.09 -7.78 32.03
C10 FAD F . 11.07 -9.02 31.48
C1' FAD F . 10.54 -6.65 31.24
C2' FAD F . 11.50 -6.09 30.20
O2' FAD F . 12.73 -5.68 30.82
C3' FAD F . 10.84 -4.90 29.48
O3' FAD F . 9.67 -5.36 28.82
C4' FAD F . 11.72 -4.19 28.44
O4' FAD F . 13.02 -3.87 28.94
C5' FAD F . 11.00 -2.92 28.01
O5' FAD F . 11.77 -2.26 26.97
P FAD F . 11.42 -0.78 26.54
O1P FAD F . 12.37 -0.30 25.54
O2P FAD F . 9.91 -0.76 26.31
O3P FAD F . 11.59 0.00 27.93
C4 DIJ G . 9.47 -13.17 32.34
C5 DIJ G . 9.44 -12.07 33.18
C6 DIJ G . 9.59 -10.66 32.64
C7 DIJ G . 8.59 -10.36 31.52
C8 DIJ G . 7.20 -10.76 31.84
BR DIJ G . 9.07 -16.39 34.89
C2 DIJ G . 9.21 -14.63 34.19
C1 DIJ G . 9.16 -13.56 35.06
C3 DIJ G . 9.36 -14.46 32.83
C DIJ G . 9.26 -12.28 34.54
O DIJ G . 6.68 -11.80 31.56
PA FAD H . 12.63 0.27 28.94
O1A FAD H . 12.06 0.60 30.26
O2A FAD H . 13.49 -0.99 28.85
O5B FAD H . 13.49 1.46 28.33
C5B FAD H . 13.00 2.82 28.24
C4B FAD H . 14.15 3.77 28.38
O4B FAD H . 13.67 5.13 28.29
C3B FAD H . 14.92 3.68 29.71
O3B FAD H . 16.31 3.52 29.43
C2B FAD H . 14.66 5.03 30.38
O2B FAD H . 15.78 5.49 31.13
C1B FAD H . 14.44 5.92 29.16
N9A FAD H . 13.72 7.16 29.43
C8A FAD H . 12.61 7.34 30.20
N7A FAD H . 12.18 8.57 30.26
C5A FAD H . 13.07 9.26 29.45
C6A FAD H . 13.17 10.62 29.09
N6A FAD H . 12.34 11.57 29.52
N1A FAD H . 14.18 10.98 28.27
C2A FAD H . 15.02 10.04 27.84
N3A FAD H . 15.03 8.73 28.11
C4A FAD H . 14.02 8.41 28.94
N1 FAD H . 11.01 -9.21 30.23
C2 FAD H . 11.39 -10.36 29.59
O2 FAD H . 11.17 -10.52 28.39
N3 FAD H . 12.01 -11.32 30.35
C4 FAD H . 12.24 -11.27 31.71
O4 FAD H . 12.96 -12.11 32.26
C4X FAD H . 11.64 -10.11 32.33
N5 FAD H . 11.61 -9.98 33.71
C5X FAD H . 11.80 -8.69 34.26
C6 FAD H . 12.26 -8.47 35.55
C7 FAD H . 12.45 -7.18 36.03
C7M FAD H . 12.95 -6.97 37.44
C8 FAD H . 12.20 -6.08 35.19
C8M FAD H . 12.43 -4.67 35.67
C9 FAD H . 11.70 -6.29 33.91
C9A FAD H . 11.49 -7.58 33.44
N10 FAD H . 10.99 -7.81 32.13
C10 FAD H . 11.14 -9.07 31.59
C1' FAD H . 10.42 -6.70 31.34
C2' FAD H . 11.37 -6.09 30.31
O2' FAD H . 12.65 -5.87 30.90
C3' FAD H . 10.82 -4.76 29.79
O3' FAD H . 9.44 -4.92 29.43
C4' FAD H . 11.56 -4.20 28.58
O4' FAD H . 12.89 -3.82 28.93
C5' FAD H . 10.81 -3.01 28.02
O5' FAD H . 11.67 -2.26 27.15
P FAD H . 11.29 -0.81 26.60
O1P FAD H . 9.87 -0.80 26.22
O2P FAD H . 12.38 -0.43 25.59
O3P FAD H . 11.47 0.12 27.87
C4 DIJ I . 7.06 -10.82 31.94
C5 DIJ I . 8.11 -11.51 32.55
C6 DIJ I . 8.91 -10.88 33.67
C7 DIJ I . 9.99 -11.83 34.21
C8 DIJ I . 11.30 -11.12 34.50
BR DIJ I . 5.74 -13.45 29.03
C2 DIJ I . 6.68 -12.66 30.49
C1 DIJ I . 7.70 -13.36 31.07
C3 DIJ I . 6.34 -11.39 30.91
C DIJ I . 8.41 -12.78 32.10
O DIJ I . 12.09 -11.54 35.33
CAC FLC J . -2.60 -16.75 13.93
CA FLC J . -3.56 -15.60 13.71
CB FLC J . -2.98 -14.20 13.94
CBC FLC J . -2.34 -14.10 15.36
CG FLC J . -4.13 -13.18 13.83
CGC FLC J . -3.80 -11.77 14.28
OA1 FLC J . -2.99 -17.69 14.65
OA2 FLC J . -1.47 -16.72 13.39
OB1 FLC J . -2.99 -14.51 16.34
OB2 FLC J . -1.19 -13.61 15.43
OG1 FLC J . -4.63 -11.17 14.99
OG2 FLC J . -2.72 -11.26 13.90
OHB FLC J . -2.02 -13.92 12.94
C1 PGE K . 0.49 -33.44 -0.31
O1 PGE K . 1.91 -33.38 -0.18
C2 PGE K . -0.18 -33.92 0.98
O2 PGE K . -1.52 -33.39 1.04
C3 PGE K . -1.45 -31.99 0.78
C4 PGE K . -2.59 -31.15 1.35
O4 PGE K . -2.39 -26.86 -0.33
C6 PGE K . -1.81 -28.13 -0.02
C5 PGE K . -2.72 -28.81 1.02
O3 PGE K . -2.04 -29.87 1.68
C1 GOL L . 4.75 27.30 20.59
O1 GOL L . 4.28 26.46 19.57
C2 GOL L . 6.21 26.87 20.82
O2 GOL L . 6.84 26.55 19.60
C3 GOL L . 6.83 28.08 21.54
O3 GOL L . 6.32 28.06 22.86
C1 GOL M . -7.75 -17.10 46.37
O1 GOL M . -7.54 -18.26 45.58
C2 GOL M . -8.17 -17.54 47.84
O2 GOL M . -7.27 -18.42 48.39
C3 GOL M . -8.25 -16.22 48.64
O3 GOL M . -8.31 -15.19 47.69
C1 GOL N . -0.52 -15.70 -12.73
O1 GOL N . 0.80 -15.70 -12.20
C2 GOL N . -0.40 -16.08 -14.22
O2 GOL N . -1.64 -16.06 -14.85
C3 GOL N . 0.58 -15.06 -14.83
O3 GOL N . -0.11 -13.82 -15.03
C1 GOL O . 11.59 13.92 36.34
O1 GOL O . 12.25 14.26 37.57
C2 GOL O . 10.83 12.53 36.40
O2 GOL O . 11.53 11.49 37.02
C3 GOL O . 9.49 12.82 37.10
O3 GOL O . 8.74 11.64 37.10
ZN ZN P . -42.71 -10.44 -8.41
ZN ZN Q . -21.55 -27.33 -0.07
ZN ZN R . -27.53 -34.74 -10.40
PA FAD S . -8.86 30.32 -10.35
O1A FAD S . -9.34 30.12 -11.74
O2A FAD S . -7.74 31.33 -10.19
O5B FAD S . -9.98 30.70 -9.34
C5B FAD S . -9.84 31.08 -7.95
C4B FAD S . -10.99 31.99 -7.62
O4B FAD S . -10.93 32.36 -6.22
C3B FAD S . -11.02 33.31 -8.41
O3B FAD S . -12.31 33.48 -8.99
C2B FAD S . -10.72 34.38 -7.35
O2B FAD S . -11.40 35.59 -7.63
C1B FAD S . -11.32 33.71 -6.12
N9A FAD S . -10.85 34.24 -4.83
C8A FAD S . -9.58 34.62 -4.48
N7A FAD S . -9.47 35.06 -3.25
C5A FAD S . -10.76 34.96 -2.75
C6A FAD S . -11.33 35.27 -1.50
N6A FAD S . -10.62 35.77 -0.47
N1A FAD S . -12.64 35.05 -1.32
C2A FAD S . -13.35 34.56 -2.36
N3A FAD S . -12.93 34.24 -3.58
C4A FAD S . -11.63 34.47 -3.72
N1 FAD S . -4.99 26.62 -18.18
C2 FAD S . -5.34 25.68 -19.11
O2 FAD S . -5.78 24.57 -18.77
N3 FAD S . -5.11 25.96 -20.44
C4 FAD S . -4.46 27.07 -20.91
O4 FAD S . -4.48 27.36 -22.10
C4X FAD S . -3.74 27.95 -19.85
N5 FAD S . -4.00 29.33 -20.26
C5X FAD S . -3.99 30.36 -19.33
C6 FAD S . -3.82 31.68 -19.76
C7 FAD S . -3.88 32.73 -18.85
C7M FAD S . -3.65 34.14 -19.33
C8 FAD S . -4.12 32.45 -17.48
C8M FAD S . -4.30 33.57 -16.49
C9 FAD S . -4.24 31.13 -17.05
C9A FAD S . -4.17 30.09 -17.98
N10 FAD S . -4.29 28.73 -17.56
C10 FAD S . -4.34 27.71 -18.49
C1' FAD S . -4.33 28.38 -16.13
C2' FAD S . -5.76 28.11 -15.66
O2' FAD S . -6.61 29.19 -16.06
C3' FAD S . -5.78 27.95 -14.14
O3' FAD S . -4.86 26.92 -13.78
C4' FAD S . -7.14 27.55 -13.57
O4' FAD S . -8.14 28.50 -13.94
C5' FAD S . -7.02 27.46 -12.06
O5' FAD S . -8.34 27.28 -11.50
P FAD S . -8.57 27.42 -9.98
O1P FAD S . -9.94 27.02 -9.57
O2P FAD S . -7.38 26.70 -9.35
O3P FAD S . -8.32 28.96 -9.70
C4 DIJ T . -1.76 26.00 -21.75
C5 DIJ T . -1.52 27.16 -21.03
C6 DIJ T . -2.24 27.46 -19.73
C7 DIJ T . -2.02 26.33 -18.70
C8 DIJ T . -0.59 26.03 -18.43
BR DIJ T . 0.57 26.39 -25.13
C2 DIJ T . -0.24 26.68 -23.44
C1 DIJ T . 0.05 27.82 -22.73
C3 DIJ T . -1.13 25.75 -22.95
C DIJ T . -0.58 28.06 -21.53
O DIJ T . 0.00 25.05 -18.79
PA FAD U . -8.94 30.35 -10.24
O1A FAD U . -7.92 31.41 -10.15
O2A FAD U . -9.49 30.05 -11.63
O5B FAD U . -10.16 30.64 -9.29
C5B FAD U . -9.97 31.09 -7.93
C4B FAD U . -11.12 32.00 -7.58
O4B FAD U . -11.05 32.37 -6.19
C3B FAD U . -11.19 33.31 -8.39
O3B FAD U . -12.49 33.47 -8.95
C2B FAD U . -10.88 34.38 -7.34
O2B FAD U . -11.58 35.59 -7.62
C1B FAD U . -11.44 33.72 -6.09
N9A FAD U . -10.95 34.27 -4.82
C8A FAD U . -9.67 34.65 -4.51
N7A FAD U . -9.54 35.09 -3.27
C5A FAD U . -10.81 34.99 -2.75
C6A FAD U . -11.34 35.30 -1.48
N6A FAD U . -10.62 35.80 -0.48
N1A FAD U . -12.66 35.07 -1.28
C2A FAD U . -13.39 34.57 -2.29
N3A FAD U . -13.00 34.25 -3.52
C4A FAD U . -11.71 34.48 -3.69
N1 FAD U . -4.76 26.52 -18.23
C2 FAD U . -5.14 25.57 -19.14
O2 FAD U . -5.38 24.40 -18.81
N3 FAD U . -5.18 25.97 -20.45
C4 FAD U . -4.79 27.20 -20.95
O4 FAD U . -4.98 27.48 -22.13
C4X FAD U . -4.22 28.05 -19.92
N5 FAD U . -3.63 29.26 -20.24
C5X FAD U . -3.76 30.36 -19.35
C6 FAD U . -3.61 31.68 -19.75
C7 FAD U . -3.77 32.73 -18.85
C7M FAD U . -3.58 34.15 -19.31
C8 FAD U . -4.11 32.44 -17.52
C8M FAD U . -4.32 33.56 -16.51
C9 FAD U . -4.21 31.12 -17.10
C9A FAD U . -4.05 30.07 -18.00
N10 FAD U . -4.19 28.72 -17.60
C10 FAD U . -4.31 27.76 -18.60
C1' FAD U . -4.28 28.37 -16.18
C2' FAD U . -5.71 28.11 -15.71
O2' FAD U . -6.55 29.18 -16.11
C3' FAD U . -5.73 27.97 -14.18
O3' FAD U . -4.77 26.99 -13.79
C4' FAD U . -7.08 27.55 -13.60
O4' FAD U . -8.08 28.51 -13.93
C5' FAD U . -6.95 27.41 -12.09
O5' FAD U . -8.26 27.33 -11.50
P FAD U . -8.51 27.44 -9.95
O1P FAD U . -7.47 26.67 -9.25
O2P FAD U . -9.97 27.06 -9.69
O3P FAD U . -8.36 29.00 -9.63
C4 DIJ V . 0.16 26.05 -19.05
C5 DIJ V . -0.78 26.49 -19.97
C6 DIJ V . -1.03 27.97 -20.18
C7 DIJ V . -1.73 28.26 -21.53
C8 DIJ V . -2.83 29.30 -21.40
BR DIJ V . 0.17 21.95 -19.56
C2 DIJ V . -0.27 23.79 -19.66
C1 DIJ V . -1.23 24.20 -20.55
C3 DIJ V . 0.43 24.70 -18.89
C DIJ V . -1.48 25.55 -20.71
O DIJ V . -3.05 30.09 -22.30
C1 GOL W . 21.11 28.82 -22.78
O1 GOL W . 19.86 28.60 -23.42
C2 GOL W . 21.71 30.23 -23.18
O2 GOL W . 21.34 30.69 -24.44
C3 GOL W . 21.32 31.20 -22.08
O3 GOL W . 21.88 32.41 -22.49
#